data_5ENT
#
_entry.id   5ENT
#
_cell.length_a   109.557
_cell.length_b   145.409
_cell.length_c   175.612
_cell.angle_alpha   90.00
_cell.angle_beta   90.00
_cell.angle_gamma   90.00
#
_symmetry.space_group_name_H-M   'P 21 21 21'
#
loop_
_entity.id
_entity.type
_entity.pdbx_description
1 polymer 'Multidrug efflux pump subunit AcrB,Multidrug efflux pump subunit AcrB'
2 polymer DARPin
3 non-polymer '(4S,4AS,5AR,12AS)-4,7-BIS(DIMETHYLAMINO)-3,10,12,12A-TETRAHYDROXY-1,11-DIOXO-1,4,4A,5,5A,6,11,12A-OCTAHYDROTETRACENE-2- CARBOXAMIDE'
4 non-polymer DI(HYDROXYETHYL)ETHER
5 water water
#
loop_
_entity_poly.entity_id
_entity_poly.type
_entity_poly.pdbx_seq_one_letter_code
_entity_poly.pdbx_strand_id
1 'polypeptide(L)'
;APPAVTISASYPGADAKTVQDTVTQVIEQNMNGIDNLMYMSSNSDSTGTVQITLTFESGTDADIAQVQVQNKLQLAMPLL
PQEVQQQGVSVEKSSSSFLMVVGVINTDGTMTQEDISDYVAANMKDAISRTSGVGDVQLFGSQYAMRIWMNPNELNKFQL
TPVDVITAIKAQNAQVAAGQLGGTPPVKGQQLNASIIAQTRLTSTEEFGKILLKVNQDGSRVLLRDVAKIELGGENYDII
AEFNGQPASGLGIKLATGANALDTAAAIRAELAKMEPFFPSGLKIVYPYDTGGSGGSGGSSSFLPDEDQGVFMTMVQLPA
GATQERTQKVLNEVTHYYLTKEKNNVESVFAVNGFGFAGRGQNTGIAFVSLKDWADRPGEENKVEAITMRATRAFSQIKD
AMVFAFNLPAIVELGTATGFDFELIDQAGLGHEKLTQARNQLLAEAAKHPDMLTSVRPNGLEDTPQFKIDIDQEKAQALG
VSINDINTTLGAAWGGSYVNDFIDRGRVKKVYVMSEAKYRMLPDDIGDWYVRAADGQMVPFSAFSSSRWEYGSPRLERYN
GLPSMEILGQAAPGKSTGEAMELMEQLASKLPTGVGYDWTGMSYQERLS
;
A,B,C
2 'polypeptide(L)'
;MRGSHHHHHHGSDLGKKLLEAARAGRDDEVRILMANGADVNAADVVGWTPLHLAAYWGHLEIVEVLLKNGADVNAYDTLG
STPLHLAAHFGHLEIVEVLLKNGADVNAKDDNGITPLHLAANRGHLEIVEVLLKYGADVNAQDKFGKTAFDISINNGNED
LAEILQKLN
;
D,E,F
#
# COMPACT_ATOMS: atom_id res chain seq x y z
N ALA A 1 -14.99 -19.83 26.83
CA ALA A 1 -15.14 -18.78 25.76
C ALA A 1 -14.34 -17.46 26.06
N PRO A 2 -12.96 -17.53 26.09
CA PRO A 2 -12.19 -16.28 26.00
C PRO A 2 -12.00 -15.88 24.50
N PRO A 3 -12.43 -14.66 24.08
CA PRO A 3 -12.34 -14.21 22.67
C PRO A 3 -10.92 -14.20 22.11
N ALA A 4 -10.77 -14.71 20.88
CA ALA A 4 -9.54 -14.60 20.14
C ALA A 4 -9.77 -13.98 18.76
N VAL A 5 -8.91 -13.01 18.43
CA VAL A 5 -8.69 -12.47 17.09
C VAL A 5 -7.49 -13.12 16.46
N THR A 6 -7.56 -13.41 15.16
CA THR A 6 -6.51 -14.18 14.51
C THR A 6 -6.05 -13.44 13.25
N ILE A 7 -4.75 -13.35 13.04
CA ILE A 7 -4.25 -12.73 11.84
C ILE A 7 -3.64 -13.80 11.00
N SER A 8 -3.89 -13.79 9.72
CA SER A 8 -3.42 -14.86 8.87
C SER A 8 -2.88 -14.21 7.67
N ALA A 9 -1.67 -14.62 7.32
CA ALA A 9 -0.99 -14.18 6.14
C ALA A 9 -0.36 -15.35 5.48
N SER A 10 0.07 -15.17 4.26
CA SER A 10 0.49 -16.28 3.43
C SER A 10 1.58 -15.76 2.50
N TYR A 11 2.66 -16.53 2.34
CA TYR A 11 3.87 -16.17 1.59
C TYR A 11 4.30 -17.40 0.80
N PRO A 12 3.82 -17.55 -0.45
CA PRO A 12 4.06 -18.76 -1.23
C PRO A 12 5.50 -19.14 -1.46
N GLY A 13 5.86 -20.36 -1.09
CA GLY A 13 7.21 -20.81 -1.35
C GLY A 13 8.18 -20.40 -0.25
N ALA A 14 7.67 -19.84 0.86
CA ALA A 14 8.51 -19.43 1.96
C ALA A 14 8.71 -20.54 3.02
N ASP A 15 9.94 -20.62 3.50
CA ASP A 15 10.26 -21.45 4.67
C ASP A 15 9.76 -20.79 5.95
N ALA A 16 9.69 -21.55 7.05
CA ALA A 16 9.25 -21.06 8.37
C ALA A 16 10.03 -19.86 8.87
N LYS A 17 11.34 -19.89 8.72
CA LYS A 17 12.14 -18.75 9.17
C LYS A 17 11.94 -17.45 8.36
N THR A 18 11.71 -17.61 7.06
CA THR A 18 11.50 -16.50 6.17
C THR A 18 10.20 -15.82 6.58
N VAL A 19 9.18 -16.61 6.81
CA VAL A 19 7.87 -16.04 7.20
C VAL A 19 8.03 -15.26 8.50
N GLN A 20 8.64 -15.91 9.49
CA GLN A 20 8.84 -15.38 10.84
C GLN A 20 9.55 -14.03 10.82
N ASP A 21 10.61 -13.96 10.04
CA ASP A 21 11.48 -12.81 10.06
C ASP A 21 11.06 -11.67 9.13
N THR A 22 10.23 -11.97 8.11
CA THR A 22 9.73 -10.93 7.18
C THR A 22 8.28 -10.50 7.41
N VAL A 23 7.53 -11.28 8.18
CA VAL A 23 6.08 -11.09 8.34
C VAL A 23 5.77 -11.17 9.79
N THR A 24 6.08 -12.27 10.45
CA THR A 24 5.55 -12.44 11.79
C THR A 24 6.12 -11.49 12.79
N GLN A 25 7.44 -11.36 12.83
CA GLN A 25 8.05 -10.39 13.75
C GLN A 25 7.66 -8.94 13.53
N VAL A 26 7.35 -8.59 12.28
CA VAL A 26 7.05 -7.21 11.97
C VAL A 26 5.68 -6.86 12.52
N ILE A 27 4.75 -7.81 12.37
CA ILE A 27 3.41 -7.65 12.89
C ILE A 27 3.46 -7.63 14.41
N GLU A 28 4.07 -8.65 14.98
CA GLU A 28 4.11 -8.75 16.44
C GLU A 28 4.65 -7.48 17.11
N GLN A 29 5.75 -6.89 16.61
CA GLN A 29 6.32 -5.68 17.23
C GLN A 29 5.33 -4.52 17.38
N ASN A 30 4.23 -4.51 16.64
CA ASN A 30 3.21 -3.49 16.78
C ASN A 30 2.01 -3.94 17.64
N MET A 31 2.05 -5.13 18.24
CA MET A 31 0.92 -5.63 19.01
C MET A 31 1.11 -5.29 20.49
N ASN A 32 0.79 -4.06 20.81
CA ASN A 32 0.92 -3.52 22.18
C ASN A 32 0.00 -2.30 22.21
N GLY A 33 -0.45 -1.88 23.37
CA GLY A 33 -1.46 -0.83 23.47
C GLY A 33 -2.86 -1.27 23.04
N ILE A 34 -3.17 -2.57 23.22
CA ILE A 34 -4.45 -3.08 22.83
C ILE A 34 -5.16 -3.41 24.11
N ASP A 35 -6.36 -2.91 24.27
CA ASP A 35 -7.11 -3.11 25.51
C ASP A 35 -7.53 -4.59 25.75
N ASN A 36 -7.39 -5.00 27.00
CA ASN A 36 -7.81 -6.33 27.48
C ASN A 36 -7.05 -7.53 26.89
N LEU A 37 -5.81 -7.31 26.42
CA LEU A 37 -5.02 -8.37 25.87
C LEU A 37 -4.35 -9.22 26.97
N MET A 38 -4.66 -10.51 27.01
CA MET A 38 -4.03 -11.39 27.97
C MET A 38 -2.69 -11.89 27.44
N TYR A 39 -2.69 -12.46 26.25
CA TYR A 39 -1.46 -12.93 25.66
C TYR A 39 -1.60 -13.03 24.17
N MET A 40 -0.48 -13.31 23.53
CA MET A 40 -0.37 -13.38 22.11
C MET A 40 0.50 -14.59 21.76
N SER A 41 0.08 -15.41 20.82
CA SER A 41 0.95 -16.49 20.30
C SER A 41 0.92 -16.56 18.77
N SER A 42 1.88 -17.26 18.19
CA SER A 42 1.94 -17.34 16.75
C SER A 42 2.74 -18.54 16.27
N ASN A 43 2.41 -19.03 15.06
CA ASN A 43 3.22 -20.01 14.30
C ASN A 43 3.63 -19.51 12.93
N SER A 44 4.86 -19.83 12.54
CA SER A 44 5.40 -19.48 11.25
C SER A 44 5.82 -20.79 10.59
N ASP A 45 5.12 -21.16 9.53
CA ASP A 45 5.19 -22.49 8.93
C ASP A 45 5.94 -22.52 7.62
N SER A 46 6.47 -23.70 7.28
CA SER A 46 7.15 -23.91 6.02
C SER A 46 6.17 -24.15 4.88
N THR A 47 4.90 -24.15 5.21
CA THR A 47 3.83 -23.97 4.22
C THR A 47 3.70 -22.51 3.70
N GLY A 48 4.53 -21.60 4.17
CA GLY A 48 4.46 -20.22 3.80
C GLY A 48 3.33 -19.45 4.49
N THR A 49 2.99 -19.81 5.72
CA THR A 49 1.78 -19.30 6.40
C THR A 49 2.16 -18.87 7.79
N VAL A 50 1.47 -17.85 8.28
CA VAL A 50 1.60 -17.38 9.65
C VAL A 50 0.22 -17.19 10.21
N GLN A 51 0.11 -17.42 11.49
CA GLN A 51 -1.12 -17.26 12.19
C GLN A 51 -0.81 -16.75 13.57
N ILE A 52 -1.25 -15.54 13.85
CA ILE A 52 -0.99 -14.92 15.13
C ILE A 52 -2.33 -14.93 15.78
N THR A 53 -2.40 -15.45 16.99
CA THR A 53 -3.64 -15.51 17.73
C THR A 53 -3.49 -14.53 18.89
N LEU A 54 -4.46 -13.64 19.04
CA LEU A 54 -4.48 -12.68 20.09
C LEU A 54 -5.69 -13.00 20.98
N THR A 55 -5.45 -13.33 22.25
CA THR A 55 -6.49 -13.74 23.17
C THR A 55 -6.81 -12.66 24.21
N PHE A 56 -8.11 -12.44 24.43
CA PHE A 56 -8.62 -11.30 25.22
C PHE A 56 -9.36 -11.69 26.51
N GLU A 57 -9.41 -10.78 27.49
CA GLU A 57 -10.22 -11.01 28.70
C GLU A 57 -11.59 -11.46 28.23
N SER A 58 -12.19 -12.45 28.88
CA SER A 58 -13.58 -12.77 28.62
C SER A 58 -14.42 -11.58 29.05
N GLY A 59 -15.56 -11.40 28.38
CA GLY A 59 -16.36 -10.16 28.49
C GLY A 59 -15.98 -9.06 27.50
N THR A 60 -14.72 -9.03 27.01
CA THR A 60 -14.21 -8.07 26.02
C THR A 60 -15.07 -8.06 24.76
N ASP A 61 -15.46 -6.86 24.35
CA ASP A 61 -16.20 -6.70 23.10
C ASP A 61 -15.31 -7.14 21.87
N ALA A 62 -15.74 -8.18 21.19
CA ALA A 62 -15.03 -8.74 20.05
C ALA A 62 -14.89 -7.80 18.85
N ASP A 63 -15.87 -6.94 18.60
CA ASP A 63 -15.77 -5.99 17.50
C ASP A 63 -14.62 -5.01 17.77
N ILE A 64 -14.51 -4.53 19.01
CA ILE A 64 -13.46 -3.60 19.43
C ILE A 64 -12.09 -4.34 19.39
N ALA A 65 -12.03 -5.56 19.91
CA ALA A 65 -10.77 -6.32 19.85
C ALA A 65 -10.24 -6.37 18.42
N GLN A 66 -11.14 -6.71 17.48
CA GLN A 66 -10.80 -6.78 16.07
C GLN A 66 -10.37 -5.41 15.53
N VAL A 67 -11.17 -4.40 15.76
CA VAL A 67 -10.74 -3.05 15.37
C VAL A 67 -9.35 -2.66 15.87
N GLN A 68 -9.02 -2.92 17.13
CA GLN A 68 -7.71 -2.54 17.66
C GLN A 68 -6.63 -3.44 17.08
N VAL A 69 -6.87 -4.73 16.93
CA VAL A 69 -5.83 -5.55 16.36
C VAL A 69 -5.50 -5.08 14.97
N GLN A 70 -6.52 -4.81 14.16
CA GLN A 70 -6.27 -4.37 12.81
C GLN A 70 -5.65 -2.97 12.68
N ASN A 71 -6.03 -2.04 13.55
CA ASN A 71 -5.38 -0.73 13.71
C ASN A 71 -3.86 -0.94 13.81
N LYS A 72 -3.42 -1.87 14.65
CA LYS A 72 -1.98 -2.11 14.84
C LYS A 72 -1.34 -2.81 13.67
N LEU A 73 -2.08 -3.73 13.05
CA LEU A 73 -1.61 -4.41 11.88
C LEU A 73 -1.35 -3.43 10.73
N GLN A 74 -2.12 -2.36 10.65
CA GLN A 74 -1.91 -1.35 9.59
C GLN A 74 -0.52 -0.69 9.66
N LEU A 75 0.03 -0.62 10.86
CA LEU A 75 1.39 -0.10 10.99
C LEU A 75 2.44 -0.97 10.30
N ALA A 76 2.18 -2.28 10.22
CA ALA A 76 3.16 -3.21 9.60
C ALA A 76 2.92 -3.50 8.10
N MET A 77 1.71 -3.26 7.61
CA MET A 77 1.36 -3.61 6.24
C MET A 77 2.32 -3.07 5.18
N PRO A 78 2.71 -1.79 5.26
CA PRO A 78 3.70 -1.35 4.21
C PRO A 78 5.11 -1.99 4.33
N LEU A 79 5.47 -2.52 5.50
CA LEU A 79 6.75 -3.18 5.70
C LEU A 79 6.71 -4.65 5.28
N LEU A 80 5.53 -5.22 5.06
CA LEU A 80 5.46 -6.64 4.66
C LEU A 80 5.83 -6.77 3.21
N PRO A 81 6.39 -7.93 2.84
CA PRO A 81 6.71 -8.17 1.45
C PRO A 81 5.47 -8.09 0.56
N GLN A 82 5.65 -7.62 -0.65
CA GLN A 82 4.53 -7.41 -1.55
C GLN A 82 3.80 -8.73 -1.86
N GLU A 83 4.53 -9.85 -1.84
CA GLU A 83 3.98 -11.16 -2.11
C GLU A 83 3.00 -11.62 -1.03
N VAL A 84 3.14 -11.07 0.16
CA VAL A 84 2.21 -11.36 1.25
C VAL A 84 0.98 -10.48 1.12
N GLN A 85 1.21 -9.19 1.00
CA GLN A 85 0.15 -8.25 0.88
C GLN A 85 -0.86 -8.67 -0.22
N GLN A 86 -0.33 -9.08 -1.38
CA GLN A 86 -1.18 -9.49 -2.52
C GLN A 86 -2.06 -10.69 -2.26
N GLN A 87 -1.68 -11.59 -1.35
CA GLN A 87 -2.51 -12.74 -1.02
C GLN A 87 -3.68 -12.33 -0.17
N GLY A 88 -3.50 -11.23 0.56
CA GLY A 88 -4.59 -10.69 1.33
C GLY A 88 -4.46 -11.17 2.75
N VAL A 89 -4.14 -10.25 3.63
CA VAL A 89 -3.96 -10.56 5.00
C VAL A 89 -5.35 -10.55 5.57
N SER A 90 -5.59 -11.44 6.53
CA SER A 90 -6.93 -11.51 7.06
C SER A 90 -6.91 -11.32 8.56
N VAL A 91 -7.94 -10.68 9.10
CA VAL A 91 -8.09 -10.52 10.51
C VAL A 91 -9.52 -10.96 10.84
N GLU A 92 -9.65 -11.97 11.70
CA GLU A 92 -10.94 -12.61 11.99
C GLU A 92 -11.19 -12.73 13.49
N LYS A 93 -12.45 -12.80 13.86
CA LYS A 93 -12.83 -12.90 15.27
C LYS A 93 -13.72 -14.11 15.39
N SER A 94 -13.15 -15.30 15.41
CA SER A 94 -13.96 -16.51 15.47
C SER A 94 -13.57 -17.49 16.57
N SER A 95 -14.48 -18.43 16.79
CA SER A 95 -14.22 -19.59 17.62
C SER A 95 -13.11 -20.36 16.93
N SER A 96 -12.25 -21.01 17.71
CA SER A 96 -11.24 -21.91 17.15
C SER A 96 -11.75 -23.17 16.47
N SER A 97 -12.97 -23.65 16.78
CA SER A 97 -13.47 -24.91 16.19
C SER A 97 -14.65 -24.76 15.23
N PHE A 98 -14.91 -25.82 14.47
CA PHE A 98 -15.96 -25.80 13.48
C PHE A 98 -17.35 -25.87 14.14
N LEU A 99 -18.28 -25.01 13.69
CA LEU A 99 -19.72 -25.14 13.94
C LEU A 99 -20.33 -26.26 13.06
N MET A 100 -19.89 -26.28 11.81
CA MET A 100 -20.40 -27.26 10.87
C MET A 100 -19.47 -27.45 9.71
N VAL A 101 -19.63 -28.55 9.02
CA VAL A 101 -18.96 -28.77 7.73
C VAL A 101 -20.03 -28.92 6.66
N VAL A 102 -19.81 -28.27 5.51
CA VAL A 102 -20.70 -28.38 4.36
C VAL A 102 -19.92 -29.14 3.30
N GLY A 103 -20.33 -30.39 3.07
CA GLY A 103 -19.65 -31.27 2.13
C GLY A 103 -20.28 -31.15 0.76
N VAL A 104 -19.46 -31.36 -0.25
CA VAL A 104 -19.94 -31.33 -1.61
C VAL A 104 -19.31 -32.47 -2.37
N ILE A 105 -20.18 -33.25 -3.01
CA ILE A 105 -19.75 -34.41 -3.81
C ILE A 105 -20.39 -34.36 -5.16
N ASN A 106 -19.91 -35.20 -6.06
CA ASN A 106 -20.65 -35.47 -7.30
C ASN A 106 -21.11 -36.92 -7.44
N THR A 107 -22.44 -37.11 -7.36
CA THR A 107 -23.10 -38.43 -7.44
C THR A 107 -23.03 -39.07 -8.81
N ASP A 108 -22.67 -38.34 -9.86
CA ASP A 108 -22.38 -38.95 -11.16
C ASP A 108 -20.91 -39.33 -11.30
N GLY A 109 -20.06 -39.01 -10.32
CA GLY A 109 -18.60 -39.13 -10.50
C GLY A 109 -18.05 -38.49 -11.78
N THR A 110 -18.72 -37.44 -12.29
CA THR A 110 -18.31 -36.74 -13.54
C THR A 110 -17.44 -35.50 -13.28
N MET A 111 -17.13 -35.24 -11.98
CA MET A 111 -16.24 -34.13 -11.58
C MET A 111 -15.23 -34.69 -10.61
N THR A 112 -13.99 -34.25 -10.78
CA THR A 112 -12.93 -34.56 -9.83
C THR A 112 -12.96 -33.73 -8.54
N GLN A 113 -12.16 -34.17 -7.58
CA GLN A 113 -11.88 -33.45 -6.37
C GLN A 113 -11.42 -31.99 -6.71
N GLU A 114 -10.56 -31.86 -7.71
CA GLU A 114 -10.04 -30.57 -8.14
C GLU A 114 -11.16 -29.65 -8.67
N ASP A 115 -12.03 -30.20 -9.52
CA ASP A 115 -13.24 -29.53 -10.06
C ASP A 115 -14.26 -29.14 -9.00
N ILE A 116 -14.58 -30.07 -8.11
CA ILE A 116 -15.50 -29.78 -7.02
C ILE A 116 -15.00 -28.66 -6.08
N SER A 117 -13.71 -28.65 -5.79
CA SER A 117 -13.10 -27.60 -4.95
C SER A 117 -13.24 -26.20 -5.63
N ASP A 118 -12.98 -26.19 -6.95
CA ASP A 118 -13.18 -24.98 -7.72
C ASP A 118 -14.62 -24.54 -7.71
N TYR A 119 -15.55 -25.47 -7.96
CA TYR A 119 -16.92 -25.04 -8.08
C TYR A 119 -17.29 -24.41 -6.77
N VAL A 120 -16.94 -25.06 -5.67
CA VAL A 120 -17.26 -24.57 -4.31
C VAL A 120 -16.69 -23.17 -4.05
N ALA A 121 -15.43 -22.97 -4.43
CA ALA A 121 -14.72 -21.75 -4.15
C ALA A 121 -15.28 -20.54 -4.90
N ALA A 122 -15.78 -20.78 -6.12
CA ALA A 122 -16.15 -19.72 -7.06
C ALA A 122 -17.60 -19.33 -7.04
N ASN A 123 -18.44 -20.30 -6.67
CA ASN A 123 -19.87 -20.14 -6.69
C ASN A 123 -20.51 -20.18 -5.32
N MET A 124 -19.77 -20.60 -4.29
CA MET A 124 -20.34 -20.90 -2.98
C MET A 124 -19.63 -20.24 -1.79
N LYS A 125 -18.29 -20.31 -1.73
CA LYS A 125 -17.55 -19.83 -0.56
C LYS A 125 -17.84 -18.39 -0.11
N ASP A 126 -17.81 -17.43 -1.04
CA ASP A 126 -17.96 -15.99 -0.69
C ASP A 126 -19.29 -15.70 -0.03
N ALA A 127 -20.38 -16.21 -0.61
CA ALA A 127 -21.68 -15.89 -0.05
C ALA A 127 -21.78 -16.47 1.36
N ILE A 128 -21.22 -17.66 1.59
CA ILE A 128 -21.19 -18.22 2.94
C ILE A 128 -20.38 -17.29 3.88
N SER A 129 -19.22 -16.86 3.40
CA SER A 129 -18.33 -15.97 4.10
C SER A 129 -18.91 -14.64 4.52
N ARG A 130 -19.89 -14.14 3.78
CA ARG A 130 -20.50 -12.82 4.08
C ARG A 130 -21.68 -12.92 5.00
N THR A 131 -22.20 -14.13 5.14
CA THR A 131 -23.31 -14.43 6.04
C THR A 131 -22.94 -13.98 7.46
N SER A 132 -23.84 -13.26 8.11
CA SER A 132 -23.63 -12.83 9.50
C SER A 132 -23.54 -14.05 10.41
N GLY A 133 -22.70 -13.90 11.42
CA GLY A 133 -22.28 -14.99 12.26
C GLY A 133 -21.16 -15.90 11.77
N VAL A 134 -20.73 -15.76 10.55
CA VAL A 134 -19.73 -16.64 10.01
C VAL A 134 -18.42 -15.97 10.28
N GLY A 135 -17.66 -16.52 11.22
CA GLY A 135 -16.36 -16.00 11.63
C GLY A 135 -15.20 -16.32 10.70
N ASP A 136 -15.14 -17.57 10.24
CA ASP A 136 -13.99 -18.07 9.48
C ASP A 136 -14.51 -19.18 8.59
N VAL A 137 -13.97 -19.31 7.37
CA VAL A 137 -14.41 -20.31 6.42
C VAL A 137 -13.21 -20.96 5.74
N GLN A 138 -13.05 -22.24 6.00
CA GLN A 138 -12.01 -23.02 5.43
C GLN A 138 -12.49 -23.84 4.24
N LEU A 139 -11.88 -23.63 3.09
CA LEU A 139 -12.15 -24.44 1.92
C LEU A 139 -11.29 -25.67 2.07
N PHE A 140 -11.88 -26.83 1.89
CA PHE A 140 -11.12 -28.06 1.90
C PHE A 140 -10.71 -28.38 0.46
N GLY A 141 -9.68 -27.67 0.01
CA GLY A 141 -9.22 -27.73 -1.37
C GLY A 141 -8.80 -26.33 -1.79
N SER A 142 -8.68 -26.14 -3.09
CA SER A 142 -8.21 -24.88 -3.60
C SER A 142 -9.04 -24.45 -4.80
N GLN A 143 -9.35 -23.16 -4.83
CA GLN A 143 -9.81 -22.53 -6.07
C GLN A 143 -8.85 -22.78 -7.25
N TYR A 144 -9.41 -22.93 -8.44
CA TYR A 144 -8.54 -22.99 -9.60
C TYR A 144 -7.78 -21.65 -9.81
N ALA A 145 -6.60 -21.79 -10.37
CA ALA A 145 -5.79 -20.74 -10.89
C ALA A 145 -5.35 -21.17 -12.26
N MET A 146 -4.82 -20.24 -13.06
CA MET A 146 -4.19 -20.61 -14.30
C MET A 146 -2.78 -21.02 -13.90
N ARG A 147 -2.41 -22.27 -14.20
CA ARG A 147 -1.07 -22.79 -13.91
C ARG A 147 -0.30 -22.86 -15.20
N ILE A 148 0.86 -22.26 -15.22
CA ILE A 148 1.85 -22.34 -16.30
C ILE A 148 2.95 -23.19 -15.65
N TRP A 149 3.08 -24.44 -16.10
CA TRP A 149 4.07 -25.37 -15.57
C TRP A 149 5.27 -25.38 -16.50
N MET A 150 6.35 -24.69 -16.08
CA MET A 150 7.51 -24.45 -16.94
C MET A 150 8.40 -25.69 -17.07
N ASN A 151 9.04 -25.78 -18.25
CA ASN A 151 10.02 -26.78 -18.57
C ASN A 151 11.34 -26.07 -18.76
N PRO A 152 12.38 -26.41 -17.98
CA PRO A 152 13.67 -25.71 -18.09
C PRO A 152 14.48 -26.06 -19.33
N ASN A 153 14.17 -27.20 -19.94
CA ASN A 153 14.89 -27.64 -21.13
C ASN A 153 14.43 -26.74 -22.27
N GLU A 154 13.13 -26.63 -22.44
CA GLU A 154 12.56 -25.81 -23.49
C GLU A 154 12.92 -24.31 -23.22
N LEU A 155 12.77 -23.83 -22.00
CA LEU A 155 13.21 -22.46 -21.71
C LEU A 155 14.69 -22.18 -22.07
N ASN A 156 15.59 -23.10 -21.72
CA ASN A 156 17.02 -22.92 -22.05
C ASN A 156 17.28 -23.04 -23.55
N LYS A 157 16.55 -23.92 -24.23
CA LYS A 157 16.61 -24.04 -25.67
C LYS A 157 16.43 -22.66 -26.35
N PHE A 158 15.53 -21.81 -25.83
CA PHE A 158 15.23 -20.56 -26.51
C PHE A 158 15.78 -19.36 -25.76
N GLN A 159 16.83 -19.55 -24.97
CA GLN A 159 17.45 -18.49 -24.14
C GLN A 159 16.45 -17.70 -23.27
N LEU A 160 15.44 -18.39 -22.72
CA LEU A 160 14.47 -17.76 -21.83
C LEU A 160 14.57 -18.22 -20.38
N THR A 161 13.97 -17.44 -19.50
CA THR A 161 13.92 -17.78 -18.11
C THR A 161 12.52 -17.52 -17.59
N PRO A 162 12.24 -17.95 -16.35
CA PRO A 162 10.96 -17.62 -15.76
C PRO A 162 10.71 -16.11 -15.61
N VAL A 163 11.77 -15.31 -15.63
CA VAL A 163 11.61 -13.87 -15.52
C VAL A 163 11.00 -13.44 -16.81
N ASP A 164 11.52 -13.91 -17.92
CA ASP A 164 10.88 -13.67 -19.21
C ASP A 164 9.45 -14.15 -19.25
N VAL A 165 9.15 -15.28 -18.65
CA VAL A 165 7.78 -15.79 -18.69
C VAL A 165 6.88 -14.79 -17.95
N ILE A 166 7.32 -14.41 -16.75
CA ILE A 166 6.51 -13.60 -15.85
C ILE A 166 6.27 -12.27 -16.51
N THR A 167 7.32 -11.75 -17.15
CA THR A 167 7.26 -10.45 -17.78
C THR A 167 6.27 -10.45 -18.95
N ALA A 168 6.27 -11.53 -19.74
CA ALA A 168 5.36 -11.67 -20.86
C ALA A 168 3.90 -11.86 -20.43
N ILE A 169 3.67 -12.55 -19.29
CA ILE A 169 2.30 -12.72 -18.76
C ILE A 169 1.72 -11.39 -18.23
N LYS A 170 2.55 -10.58 -17.58
CA LYS A 170 2.10 -9.26 -17.05
C LYS A 170 1.71 -8.30 -18.18
N ALA A 171 2.51 -8.31 -19.24
CA ALA A 171 2.24 -7.58 -20.47
C ALA A 171 1.06 -8.06 -21.36
N GLN A 172 0.82 -9.39 -21.49
CA GLN A 172 -0.16 -9.92 -22.44
C GLN A 172 -1.37 -10.57 -21.80
N ASN A 173 -1.37 -10.68 -20.47
CA ASN A 173 -2.60 -10.82 -19.70
C ASN A 173 -2.83 -9.59 -18.84
N ALA A 174 -3.23 -8.52 -19.52
CA ALA A 174 -3.37 -7.19 -18.95
C ALA A 174 -4.77 -6.68 -19.20
N GLN A 175 -5.17 -5.71 -18.38
CA GLN A 175 -6.46 -5.06 -18.48
C GLN A 175 -6.20 -3.58 -18.59
N VAL A 176 -6.20 -3.05 -19.82
CA VAL A 176 -5.74 -1.67 -20.10
C VAL A 176 -6.85 -0.62 -20.03
N ALA A 177 -6.58 0.46 -19.32
CA ALA A 177 -7.46 1.65 -19.39
C ALA A 177 -6.97 2.48 -20.56
N ALA A 178 -7.85 2.65 -21.56
CA ALA A 178 -7.49 3.22 -22.83
C ALA A 178 -8.26 4.47 -23.20
N GLY A 179 -9.15 4.94 -22.32
CA GLY A 179 -9.88 6.18 -22.54
C GLY A 179 -11.02 6.05 -23.57
N GLN A 180 -11.26 7.15 -24.27
CA GLN A 180 -12.42 7.33 -25.11
C GLN A 180 -12.11 8.13 -26.33
N LEU A 181 -12.78 7.83 -27.44
CA LEU A 181 -12.86 8.76 -28.55
C LEU A 181 -13.95 9.75 -28.18
N GLY A 182 -13.68 11.04 -28.37
CA GLY A 182 -14.73 12.04 -28.18
C GLY A 182 -15.09 12.26 -26.73
N GLY A 183 -14.15 11.99 -25.81
CA GLY A 183 -14.39 12.19 -24.41
C GLY A 183 -14.15 13.63 -24.08
N THR A 184 -14.43 13.99 -22.82
CA THR A 184 -14.38 15.36 -22.36
C THR A 184 -12.98 15.78 -21.91
N PRO A 185 -12.63 17.09 -22.00
CA PRO A 185 -13.38 18.09 -22.79
C PRO A 185 -13.23 17.79 -24.30
N PRO A 186 -14.32 17.97 -25.07
CA PRO A 186 -14.21 17.70 -26.49
C PRO A 186 -14.05 18.96 -27.32
N VAL A 187 -13.88 18.77 -28.62
CA VAL A 187 -14.08 19.86 -29.57
C VAL A 187 -15.61 20.07 -29.66
N LYS A 188 -16.06 21.30 -29.47
CA LYS A 188 -17.49 21.60 -29.52
C LYS A 188 -17.95 21.06 -30.83
N GLY A 189 -19.13 20.44 -30.82
CA GLY A 189 -19.76 19.81 -32.00
C GLY A 189 -19.56 18.29 -32.19
N GLN A 190 -18.71 17.68 -31.37
CA GLN A 190 -18.46 16.24 -31.41
C GLN A 190 -19.73 15.45 -31.26
N GLN A 191 -19.99 14.57 -32.25
CA GLN A 191 -21.14 13.68 -32.23
C GLN A 191 -20.78 12.32 -31.68
N LEU A 192 -19.59 11.81 -32.03
CA LEU A 192 -19.12 10.47 -31.68
C LEU A 192 -18.58 10.40 -30.25
N ASN A 193 -19.13 9.52 -29.43
CA ASN A 193 -18.51 9.17 -28.17
C ASN A 193 -18.53 7.65 -27.97
N ALA A 194 -17.34 7.05 -27.88
CA ALA A 194 -17.15 5.62 -27.63
C ALA A 194 -15.96 5.37 -26.69
N SER A 195 -16.14 4.41 -25.79
CA SER A 195 -15.01 3.98 -24.93
C SER A 195 -14.05 3.24 -25.85
N ILE A 196 -12.74 3.30 -25.57
CA ILE A 196 -11.73 2.46 -26.25
C ILE A 196 -11.45 1.26 -25.39
N ILE A 197 -11.51 0.09 -26.00
CA ILE A 197 -11.27 -1.17 -25.33
C ILE A 197 -10.01 -1.72 -25.97
N ALA A 198 -8.98 -1.97 -25.15
CA ALA A 198 -7.75 -2.57 -25.68
C ALA A 198 -7.59 -4.02 -25.13
N GLN A 199 -6.44 -4.40 -24.61
CA GLN A 199 -6.28 -5.72 -24.01
C GLN A 199 -7.22 -5.92 -22.80
N THR A 200 -7.83 -7.09 -22.73
CA THR A 200 -8.50 -7.55 -21.53
C THR A 200 -7.84 -8.78 -20.91
N ARG A 201 -8.19 -9.08 -19.66
CA ARG A 201 -7.72 -10.31 -19.01
C ARG A 201 -8.03 -11.47 -19.96
N LEU A 202 -7.04 -12.31 -20.13
CA LEU A 202 -7.24 -13.61 -20.78
C LEU A 202 -8.22 -14.46 -19.95
N THR A 203 -8.90 -15.41 -20.61
CA THR A 203 -9.95 -16.20 -19.97
C THR A 203 -9.86 -17.72 -20.06
N SER A 204 -8.81 -18.23 -20.68
CA SER A 204 -8.69 -19.63 -21.11
C SER A 204 -7.23 -20.08 -21.31
N THR A 205 -6.99 -21.38 -21.10
CA THR A 205 -5.67 -21.99 -21.37
C THR A 205 -5.20 -21.74 -22.82
N GLU A 206 -6.12 -21.81 -23.79
CA GLU A 206 -5.78 -21.47 -25.18
C GLU A 206 -5.14 -20.06 -25.31
N GLU A 207 -5.68 -19.06 -24.62
CA GLU A 207 -5.15 -17.69 -24.75
C GLU A 207 -3.74 -17.54 -24.11
N PHE A 208 -3.52 -18.26 -23.00
CA PHE A 208 -2.19 -18.23 -22.30
C PHE A 208 -1.15 -18.94 -23.11
N GLY A 209 -1.57 -20.06 -23.67
CA GLY A 209 -0.79 -20.81 -24.63
C GLY A 209 -0.16 -20.00 -25.72
N LYS A 210 -0.91 -19.04 -26.26
CA LYS A 210 -0.40 -18.23 -27.37
C LYS A 210 0.25 -16.93 -27.02
N ILE A 211 0.45 -16.62 -25.75
CA ILE A 211 1.28 -15.47 -25.37
C ILE A 211 2.65 -15.56 -26.06
N LEU A 212 3.05 -14.49 -26.75
CA LEU A 212 4.28 -14.48 -27.50
C LEU A 212 5.44 -14.09 -26.62
N LEU A 213 6.36 -15.03 -26.39
CA LEU A 213 7.54 -14.80 -25.58
C LEU A 213 8.69 -14.16 -26.36
N LYS A 214 8.95 -14.64 -27.59
CA LYS A 214 9.90 -13.98 -28.51
C LYS A 214 9.72 -14.36 -29.97
N VAL A 215 10.25 -13.51 -30.86
CA VAL A 215 10.38 -13.81 -32.29
C VAL A 215 11.85 -14.13 -32.45
N ASN A 216 12.19 -15.25 -33.07
CA ASN A 216 13.61 -15.58 -33.25
C ASN A 216 14.24 -14.64 -34.31
N GLN A 217 15.57 -14.63 -34.48
CA GLN A 217 16.17 -13.85 -35.58
C GLN A 217 15.70 -14.33 -36.99
N ASP A 218 15.49 -15.63 -37.16
CA ASP A 218 14.87 -16.19 -38.39
C ASP A 218 13.32 -16.05 -38.54
N GLY A 219 12.66 -15.17 -37.78
CA GLY A 219 11.20 -14.99 -37.91
C GLY A 219 10.23 -15.98 -37.19
N SER A 220 10.62 -17.25 -36.93
CA SER A 220 9.75 -18.20 -36.17
C SER A 220 9.46 -17.65 -34.77
N ARG A 221 8.39 -18.19 -34.16
CA ARG A 221 7.87 -17.73 -32.88
C ARG A 221 7.94 -18.77 -31.75
N VAL A 222 8.36 -18.29 -30.58
CA VAL A 222 8.32 -19.04 -29.33
C VAL A 222 7.10 -18.57 -28.54
N LEU A 223 6.13 -19.48 -28.40
CA LEU A 223 4.93 -19.27 -27.58
C LEU A 223 5.08 -19.92 -26.17
N LEU A 224 4.34 -19.41 -25.20
CA LEU A 224 4.37 -19.96 -23.83
C LEU A 224 4.03 -21.45 -23.78
N ARG A 225 3.13 -21.93 -24.64
CA ARG A 225 2.89 -23.37 -24.72
C ARG A 225 4.11 -24.15 -25.27
N ASP A 226 5.01 -23.52 -26.04
CA ASP A 226 6.30 -24.17 -26.41
C ASP A 226 7.30 -24.34 -25.23
N VAL A 227 7.21 -23.56 -24.17
CA VAL A 227 8.03 -23.77 -22.95
C VAL A 227 7.27 -24.19 -21.67
N ALA A 228 5.95 -24.36 -21.71
CA ALA A 228 5.18 -24.73 -20.50
C ALA A 228 3.94 -25.53 -20.86
N LYS A 229 3.45 -26.29 -19.88
CA LYS A 229 2.11 -26.83 -19.95
C LYS A 229 1.17 -25.87 -19.22
N ILE A 230 -0.05 -25.79 -19.73
CA ILE A 230 -0.99 -24.81 -19.41
C ILE A 230 -2.32 -25.47 -19.10
N GLU A 231 -2.80 -25.32 -17.87
CA GLU A 231 -4.04 -25.88 -17.37
C GLU A 231 -4.55 -25.12 -16.13
N LEU A 232 -5.85 -25.24 -15.90
CA LEU A 232 -6.45 -24.79 -14.69
C LEU A 232 -6.01 -25.72 -13.58
N GLY A 233 -5.71 -25.17 -12.40
CA GLY A 233 -5.35 -26.02 -11.25
C GLY A 233 -5.21 -25.27 -9.98
N GLY A 234 -5.24 -25.94 -8.85
CA GLY A 234 -5.32 -25.28 -7.54
C GLY A 234 -4.32 -24.17 -7.34
N GLU A 235 -4.71 -23.14 -6.58
CA GLU A 235 -3.73 -22.12 -6.12
C GLU A 235 -2.61 -22.91 -5.43
N ASN A 236 -3.02 -23.91 -4.68
CA ASN A 236 -2.10 -24.88 -4.12
C ASN A 236 -2.72 -26.29 -4.16
N TYR A 237 -1.91 -27.28 -3.83
CA TYR A 237 -2.31 -28.67 -3.89
C TYR A 237 -2.30 -29.40 -2.53
N ASP A 238 -2.44 -28.67 -1.45
CA ASP A 238 -2.18 -29.26 -0.15
C ASP A 238 -3.41 -29.84 0.49
N ILE A 239 -4.61 -29.54 0.00
CA ILE A 239 -5.81 -29.98 0.70
C ILE A 239 -6.69 -30.84 -0.21
N ILE A 240 -6.87 -32.08 0.22
CA ILE A 240 -7.65 -33.10 -0.51
C ILE A 240 -8.64 -33.77 0.47
N ALA A 241 -9.90 -33.86 0.06
CA ALA A 241 -10.98 -34.28 0.91
C ALA A 241 -11.75 -35.43 0.28
N GLU A 242 -12.27 -36.34 1.11
CA GLU A 242 -13.15 -37.46 0.70
C GLU A 242 -14.38 -37.53 1.58
N PHE A 243 -15.46 -38.01 1.02
CA PHE A 243 -16.69 -38.27 1.79
C PHE A 243 -17.11 -39.72 1.52
N ASN A 244 -17.05 -40.56 2.55
CA ASN A 244 -17.30 -42.01 2.42
C ASN A 244 -16.47 -42.66 1.34
N GLY A 245 -15.21 -42.25 1.25
CA GLY A 245 -14.32 -42.74 0.23
C GLY A 245 -14.44 -42.07 -1.13
N GLN A 246 -15.51 -41.33 -1.41
CA GLN A 246 -15.67 -40.73 -2.75
C GLN A 246 -15.08 -39.27 -2.80
N PRO A 247 -14.62 -38.78 -3.97
CA PRO A 247 -14.03 -37.45 -3.98
C PRO A 247 -15.01 -36.39 -3.51
N ALA A 248 -14.50 -35.44 -2.73
CA ALA A 248 -15.34 -34.39 -2.18
C ALA A 248 -14.52 -33.09 -2.03
N SER A 249 -15.20 -31.94 -1.96
CA SER A 249 -14.61 -30.76 -1.35
C SER A 249 -15.56 -30.33 -0.22
N GLY A 250 -15.39 -29.12 0.29
CA GLY A 250 -16.35 -28.63 1.31
C GLY A 250 -15.93 -27.36 1.99
N LEU A 251 -16.74 -26.91 2.94
CA LEU A 251 -16.46 -25.70 3.73
C LEU A 251 -16.50 -25.99 5.22
N GLY A 252 -15.41 -25.73 5.94
CA GLY A 252 -15.41 -25.79 7.39
C GLY A 252 -15.77 -24.42 7.92
N ILE A 253 -16.84 -24.32 8.71
CA ILE A 253 -17.37 -23.05 9.15
C ILE A 253 -17.28 -22.89 10.67
N LYS A 254 -16.54 -21.87 11.08
CA LYS A 254 -16.41 -21.50 12.47
C LYS A 254 -17.33 -20.34 12.74
N LEU A 255 -17.84 -20.30 13.96
CA LEU A 255 -18.78 -19.27 14.37
C LEU A 255 -18.02 -18.01 14.82
N ALA A 256 -18.45 -16.83 14.36
CA ALA A 256 -17.97 -15.53 14.93
C ALA A 256 -18.22 -15.41 16.43
N THR A 257 -17.24 -14.86 17.14
CA THR A 257 -17.31 -14.69 18.58
C THR A 257 -18.60 -13.94 18.92
N GLY A 258 -19.35 -14.47 19.89
CA GLY A 258 -20.62 -13.90 20.35
C GLY A 258 -21.87 -14.23 19.54
N ALA A 259 -21.72 -14.79 18.35
CA ALA A 259 -22.85 -15.03 17.46
C ALA A 259 -23.67 -16.26 17.89
N ASN A 260 -24.94 -16.27 17.49
CA ASN A 260 -25.85 -17.36 17.81
C ASN A 260 -25.71 -18.55 16.87
N ALA A 261 -25.41 -19.72 17.44
CA ALA A 261 -25.15 -20.95 16.70
C ALA A 261 -26.33 -21.42 15.87
N LEU A 262 -27.51 -21.51 16.49
CA LEU A 262 -28.77 -21.86 15.77
C LEU A 262 -29.10 -20.97 14.56
N ASP A 263 -29.50 -19.72 14.81
CA ASP A 263 -29.63 -18.62 13.79
C ASP A 263 -28.61 -18.65 12.63
N THR A 264 -27.33 -18.74 13.01
CA THR A 264 -26.22 -18.70 12.05
C THR A 264 -26.21 -19.95 11.17
N ALA A 265 -26.34 -21.12 11.77
CA ALA A 265 -26.52 -22.37 11.00
C ALA A 265 -27.71 -22.31 10.03
N ALA A 266 -28.78 -21.63 10.43
CA ALA A 266 -29.99 -21.44 9.62
C ALA A 266 -29.77 -20.52 8.39
N ALA A 267 -29.12 -19.40 8.62
CA ALA A 267 -28.72 -18.48 7.53
C ALA A 267 -27.86 -19.19 6.46
N ILE A 268 -27.01 -20.11 6.92
CA ILE A 268 -26.08 -20.86 6.07
C ILE A 268 -26.89 -21.80 5.17
N ARG A 269 -27.80 -22.60 5.79
CA ARG A 269 -28.75 -23.51 5.06
C ARG A 269 -29.62 -22.72 4.07
N ALA A 270 -30.13 -21.58 4.51
CA ALA A 270 -30.86 -20.62 3.65
C ALA A 270 -30.02 -20.09 2.45
N GLU A 271 -28.76 -19.72 2.69
CA GLU A 271 -27.91 -19.29 1.59
C GLU A 271 -27.61 -20.50 0.63
N LEU A 272 -27.27 -21.67 1.22
CA LEU A 272 -27.11 -22.91 0.44
C LEU A 272 -28.34 -23.26 -0.45
N ALA A 273 -29.55 -23.06 0.10
CA ALA A 273 -30.79 -23.23 -0.67
C ALA A 273 -30.87 -22.32 -1.90
N LYS A 274 -30.29 -21.13 -1.82
CA LYS A 274 -30.26 -20.27 -3.03
C LYS A 274 -29.36 -20.87 -4.10
N MET A 275 -28.31 -21.59 -3.71
CA MET A 275 -27.34 -22.12 -4.70
C MET A 275 -27.78 -23.40 -5.39
N GLU A 276 -28.48 -24.29 -4.67
CA GLU A 276 -28.83 -25.65 -5.20
C GLU A 276 -29.41 -25.68 -6.62
N PRO A 277 -30.50 -24.93 -6.87
CA PRO A 277 -31.10 -25.01 -8.22
C PRO A 277 -30.13 -24.77 -9.42
N PHE A 278 -28.99 -24.10 -9.18
CA PHE A 278 -28.01 -23.75 -10.25
C PHE A 278 -26.75 -24.60 -10.31
N PHE A 279 -26.65 -25.61 -9.46
CA PHE A 279 -25.54 -26.62 -9.52
C PHE A 279 -25.48 -27.35 -10.85
N PRO A 280 -24.27 -27.69 -11.35
CA PRO A 280 -24.21 -28.54 -12.55
C PRO A 280 -24.65 -29.95 -12.19
N SER A 281 -24.97 -30.78 -13.19
CA SER A 281 -25.62 -32.06 -12.90
C SER A 281 -24.69 -32.88 -12.01
N GLY A 282 -25.26 -33.49 -11.00
CA GLY A 282 -24.54 -34.45 -10.18
C GLY A 282 -24.09 -33.88 -8.86
N LEU A 283 -23.98 -32.56 -8.78
CA LEU A 283 -23.39 -31.96 -7.61
C LEU A 283 -24.42 -32.03 -6.51
N LYS A 284 -24.00 -32.33 -5.30
CA LYS A 284 -24.94 -32.52 -4.21
C LYS A 284 -24.22 -32.08 -2.96
N ILE A 285 -24.94 -31.39 -2.09
CA ILE A 285 -24.48 -31.03 -0.79
C ILE A 285 -24.87 -32.16 0.15
N VAL A 286 -23.96 -32.47 1.08
CA VAL A 286 -24.18 -33.38 2.20
C VAL A 286 -23.60 -32.71 3.43
N TYR A 287 -24.03 -33.17 4.61
CA TYR A 287 -23.88 -32.49 5.90
C TYR A 287 -23.20 -33.43 6.93
N PRO A 288 -21.88 -33.62 6.79
CA PRO A 288 -21.09 -34.57 7.57
C PRO A 288 -20.67 -34.18 8.99
N TYR A 289 -21.05 -32.99 9.46
CA TYR A 289 -20.66 -32.53 10.82
C TYR A 289 -21.57 -31.35 11.20
N ASP A 290 -22.57 -31.58 12.04
CA ASP A 290 -23.39 -30.53 12.63
C ASP A 290 -23.20 -30.62 14.16
N THR A 291 -23.35 -29.51 14.88
CA THR A 291 -23.12 -29.52 16.32
C THR A 291 -24.30 -28.90 17.02
N GLN A 309 -25.01 -37.10 21.19
CA GLN A 309 -24.27 -35.90 20.70
C GLN A 309 -24.09 -35.91 19.19
N GLY A 310 -23.90 -37.10 18.60
CA GLY A 310 -24.05 -37.28 17.16
C GLY A 310 -22.82 -37.24 16.27
N VAL A 311 -21.72 -36.65 16.74
CA VAL A 311 -20.52 -36.44 15.92
C VAL A 311 -19.25 -36.42 16.74
N PHE A 312 -18.14 -36.55 16.05
CA PHE A 312 -16.84 -36.46 16.64
C PHE A 312 -15.84 -36.38 15.53
N MET A 313 -14.62 -36.03 15.90
CA MET A 313 -13.54 -35.85 14.94
C MET A 313 -12.45 -36.83 15.27
N THR A 314 -11.61 -37.14 14.29
CA THR A 314 -10.40 -37.92 14.54
C THR A 314 -9.21 -37.14 14.02
N MET A 315 -8.29 -36.78 14.92
CA MET A 315 -7.06 -36.06 14.59
C MET A 315 -6.04 -37.06 14.11
N VAL A 316 -5.31 -36.69 13.07
CA VAL A 316 -4.27 -37.52 12.51
C VAL A 316 -3.07 -36.63 12.35
N GLN A 317 -2.02 -36.93 13.10
CA GLN A 317 -0.79 -36.15 13.13
C GLN A 317 0.41 -37.07 12.92
N LEU A 318 1.10 -36.92 11.80
CA LEU A 318 2.29 -37.67 11.49
C LEU A 318 3.49 -36.80 11.86
N PRO A 319 4.72 -37.35 11.84
CA PRO A 319 5.83 -36.47 12.20
C PRO A 319 6.15 -35.62 11.02
N ALA A 320 6.83 -34.52 11.27
CA ALA A 320 7.35 -33.66 10.19
C ALA A 320 8.26 -34.48 9.24
N GLY A 321 8.32 -34.03 7.98
CA GLY A 321 8.97 -34.79 6.91
C GLY A 321 8.01 -35.68 6.13
N ALA A 322 6.84 -35.99 6.69
CA ALA A 322 5.94 -36.98 6.11
C ALA A 322 5.17 -36.38 4.93
N THR A 323 5.21 -37.10 3.82
CA THR A 323 4.51 -36.71 2.57
C THR A 323 2.99 -36.95 2.67
N GLN A 324 2.27 -36.34 1.72
CA GLN A 324 0.83 -36.47 1.48
C GLN A 324 0.37 -37.91 1.24
N GLU A 325 1.16 -38.70 0.52
CA GLU A 325 0.88 -40.13 0.28
C GLU A 325 0.90 -40.90 1.62
N ARG A 326 1.95 -40.73 2.41
CA ARG A 326 2.04 -41.33 3.75
C ARG A 326 0.84 -40.96 4.67
N THR A 327 0.38 -39.71 4.59
CA THR A 327 -0.72 -39.24 5.42
C THR A 327 -2.05 -39.82 4.97
N GLN A 328 -2.12 -40.02 3.65
CA GLN A 328 -3.30 -40.60 3.00
C GLN A 328 -3.52 -42.04 3.49
N LYS A 329 -2.45 -42.83 3.64
CA LYS A 329 -2.57 -44.21 4.08
C LYS A 329 -3.14 -44.21 5.48
N VAL A 330 -2.69 -43.30 6.33
CA VAL A 330 -3.16 -43.30 7.71
C VAL A 330 -4.63 -42.90 7.77
N LEU A 331 -5.00 -41.91 6.97
CA LEU A 331 -6.41 -41.53 6.82
C LEU A 331 -7.31 -42.64 6.27
N ASN A 332 -6.75 -43.43 5.36
CA ASN A 332 -7.41 -44.59 4.79
C ASN A 332 -7.66 -45.66 5.81
N GLU A 333 -6.66 -45.91 6.64
CA GLU A 333 -6.84 -46.84 7.75
C GLU A 333 -7.97 -46.38 8.72
N VAL A 334 -8.05 -45.06 8.99
CA VAL A 334 -9.03 -44.50 9.91
C VAL A 334 -10.42 -44.61 9.29
N THR A 335 -10.54 -44.20 8.04
CA THR A 335 -11.79 -44.21 7.31
C THR A 335 -12.26 -45.65 7.23
N HIS A 336 -11.33 -46.53 6.88
CA HIS A 336 -11.61 -47.96 6.79
C HIS A 336 -12.21 -48.51 8.09
N TYR A 337 -11.57 -48.22 9.22
CA TYR A 337 -12.07 -48.65 10.52
C TYR A 337 -13.53 -48.23 10.75
N TYR A 338 -13.88 -46.97 10.53
CA TYR A 338 -15.28 -46.53 10.70
C TYR A 338 -16.26 -47.15 9.70
N LEU A 339 -15.81 -47.43 8.47
CA LEU A 339 -16.70 -47.99 7.44
C LEU A 339 -16.84 -49.49 7.49
N THR A 340 -15.90 -50.19 8.13
CA THR A 340 -15.97 -51.64 8.30
C THR A 340 -16.40 -51.95 9.72
N LYS A 341 -15.49 -51.75 10.66
CA LYS A 341 -15.73 -52.07 12.08
C LYS A 341 -16.94 -51.36 12.76
N GLU A 342 -17.16 -50.06 12.50
CA GLU A 342 -18.26 -49.28 13.15
C GLU A 342 -19.43 -48.94 12.24
N LYS A 343 -19.54 -49.65 11.12
CA LYS A 343 -20.55 -49.36 10.10
C LYS A 343 -21.98 -49.38 10.58
N ASN A 344 -22.27 -50.06 11.69
CA ASN A 344 -23.65 -50.07 12.23
C ASN A 344 -23.97 -48.81 13.01
N ASN A 345 -22.92 -48.20 13.54
CA ASN A 345 -23.01 -46.87 14.15
C ASN A 345 -22.75 -45.63 13.26
N VAL A 346 -21.81 -45.75 12.32
CA VAL A 346 -21.32 -44.56 11.57
C VAL A 346 -22.05 -44.36 10.26
N GLU A 347 -22.68 -43.20 10.14
CA GLU A 347 -23.38 -42.77 8.94
C GLU A 347 -22.41 -42.30 7.83
N SER A 348 -21.39 -41.52 8.19
CA SER A 348 -20.49 -40.97 7.21
C SER A 348 -19.18 -40.52 7.82
N VAL A 349 -18.12 -40.51 7.01
CA VAL A 349 -16.82 -40.04 7.41
C VAL A 349 -16.36 -39.01 6.37
N PHE A 350 -15.90 -37.83 6.79
CA PHE A 350 -15.48 -36.74 5.88
C PHE A 350 -14.01 -36.53 6.18
N ALA A 351 -13.14 -37.12 5.37
CA ALA A 351 -11.72 -37.13 5.64
C ALA A 351 -10.97 -36.03 4.82
N VAL A 352 -10.12 -35.28 5.49
CA VAL A 352 -9.40 -34.19 4.85
C VAL A 352 -7.95 -34.44 5.07
N ASN A 353 -7.19 -34.49 3.98
CA ASN A 353 -5.77 -34.67 4.04
C ASN A 353 -5.06 -33.32 3.89
N GLY A 354 -4.22 -33.00 4.87
CA GLY A 354 -3.39 -31.79 4.80
C GLY A 354 -3.87 -30.58 5.59
N PHE A 355 -4.99 -30.70 6.25
CA PHE A 355 -5.44 -29.70 7.18
C PHE A 355 -5.76 -30.41 8.47
N GLY A 356 -5.46 -29.80 9.62
CA GLY A 356 -5.98 -30.34 10.89
C GLY A 356 -6.10 -29.36 12.03
N PHE A 357 -6.50 -29.90 13.19
CA PHE A 357 -6.45 -29.22 14.50
C PHE A 357 -5.25 -28.24 14.47
N ALA A 358 -4.06 -28.77 14.16
CA ALA A 358 -2.77 -28.03 14.17
C ALA A 358 -2.67 -26.77 13.29
N GLY A 359 -3.59 -26.59 12.35
CA GLY A 359 -3.44 -25.57 11.32
C GLY A 359 -3.43 -26.32 10.00
N ARG A 360 -2.24 -26.55 9.46
CA ARG A 360 -2.12 -27.02 8.10
C ARG A 360 -0.69 -27.42 7.73
N GLY A 361 -0.55 -28.52 6.98
CA GLY A 361 0.76 -29.01 6.50
C GLY A 361 0.61 -30.42 5.91
N GLN A 362 1.68 -30.95 5.28
CA GLN A 362 1.60 -32.22 4.51
C GLN A 362 1.36 -33.47 5.39
N ASN A 363 1.58 -33.32 6.69
CA ASN A 363 1.70 -34.41 7.63
C ASN A 363 0.55 -34.38 8.59
N THR A 364 -0.56 -33.78 8.19
CA THR A 364 -1.72 -33.63 9.06
C THR A 364 -2.97 -34.02 8.30
N GLY A 365 -3.98 -34.43 9.04
CA GLY A 365 -5.28 -34.65 8.45
C GLY A 365 -6.28 -34.72 9.56
N ILE A 366 -7.53 -34.89 9.17
CA ILE A 366 -8.61 -34.86 10.12
C ILE A 366 -9.80 -35.57 9.50
N ALA A 367 -10.61 -36.23 10.32
CA ALA A 367 -11.81 -36.88 9.80
C ALA A 367 -12.94 -36.40 10.64
N PHE A 368 -13.98 -35.89 10.01
CA PHE A 368 -15.18 -35.57 10.73
C PHE A 368 -16.04 -36.81 10.53
N VAL A 369 -16.59 -37.32 11.65
CA VAL A 369 -17.45 -38.51 11.68
C VAL A 369 -18.85 -38.17 12.18
N SER A 370 -19.83 -38.68 11.46
CA SER A 370 -21.22 -38.46 11.80
C SER A 370 -21.86 -39.82 12.08
N LEU A 371 -22.53 -39.93 13.21
CA LEU A 371 -23.17 -41.16 13.65
C LEU A 371 -24.61 -41.16 13.23
N LYS A 372 -25.16 -42.37 13.08
CA LYS A 372 -26.59 -42.56 12.80
C LYS A 372 -27.46 -42.01 13.92
N ASP A 373 -28.76 -41.94 13.64
CA ASP A 373 -29.80 -41.54 14.60
C ASP A 373 -29.55 -42.09 16.02
N TRP A 374 -29.89 -41.30 17.04
CA TRP A 374 -29.81 -41.70 18.48
C TRP A 374 -30.45 -43.09 18.69
N ALA A 375 -31.66 -43.28 18.17
CA ALA A 375 -32.45 -44.51 18.38
C ALA A 375 -32.14 -45.67 17.41
N ASP A 376 -31.22 -45.47 16.47
CA ASP A 376 -30.68 -46.58 15.67
C ASP A 376 -29.39 -47.15 16.33
N ARG A 377 -28.99 -46.65 17.52
CA ARG A 377 -27.83 -47.16 18.26
C ARG A 377 -28.19 -47.45 19.73
N PRO A 378 -29.03 -48.47 19.99
CA PRO A 378 -29.35 -48.78 21.39
C PRO A 378 -28.17 -49.47 22.12
N GLY A 379 -27.96 -49.14 23.39
CA GLY A 379 -26.86 -49.68 24.20
C GLY A 379 -25.84 -48.61 24.50
N GLU A 380 -25.08 -48.83 25.57
CA GLU A 380 -24.04 -47.90 26.06
C GLU A 380 -22.74 -47.98 25.28
N GLU A 381 -22.37 -49.20 24.90
CA GLU A 381 -21.21 -49.43 24.05
C GLU A 381 -21.40 -48.80 22.64
N ASN A 382 -22.61 -48.37 22.29
CA ASN A 382 -22.83 -47.68 21.00
C ASN A 382 -23.05 -46.15 21.11
N LYS A 383 -22.53 -45.53 22.18
CA LYS A 383 -22.58 -44.08 22.31
C LYS A 383 -21.20 -43.48 22.04
N VAL A 384 -21.19 -42.16 21.81
CA VAL A 384 -19.98 -41.44 21.41
C VAL A 384 -18.77 -41.73 22.30
N GLU A 385 -18.94 -41.65 23.62
CA GLU A 385 -17.83 -41.97 24.56
C GLU A 385 -17.23 -43.33 24.23
N ALA A 386 -18.10 -44.35 24.17
CA ALA A 386 -17.62 -45.72 24.04
C ALA A 386 -16.98 -45.97 22.66
N ILE A 387 -17.65 -45.45 21.61
CA ILE A 387 -17.15 -45.49 20.25
C ILE A 387 -15.80 -44.82 20.08
N THR A 388 -15.65 -43.60 20.60
CA THR A 388 -14.37 -42.85 20.46
C THR A 388 -13.29 -43.51 21.30
N MET A 389 -13.68 -44.04 22.45
CA MET A 389 -12.75 -44.81 23.26
C MET A 389 -12.21 -46.01 22.46
N ARG A 390 -13.08 -46.87 21.91
CA ARG A 390 -12.63 -48.05 21.08
C ARG A 390 -11.83 -47.62 19.86
N ALA A 391 -12.27 -46.53 19.22
CA ALA A 391 -11.57 -46.02 18.04
C ALA A 391 -10.14 -45.60 18.38
N THR A 392 -10.00 -44.87 19.48
CA THR A 392 -8.68 -44.39 19.92
C THR A 392 -7.81 -45.57 20.32
N ARG A 393 -8.43 -46.54 21.00
CA ARG A 393 -7.76 -47.79 21.37
C ARG A 393 -7.20 -48.47 20.10
N ALA A 394 -8.05 -48.74 19.10
CA ALA A 394 -7.62 -49.40 17.86
C ALA A 394 -6.58 -48.60 17.12
N PHE A 395 -6.71 -47.28 17.11
CA PHE A 395 -5.70 -46.44 16.41
C PHE A 395 -4.35 -46.34 17.12
N SER A 396 -4.35 -46.50 18.46
CA SER A 396 -3.10 -46.49 19.24
C SER A 396 -1.98 -47.40 18.71
N GLN A 397 -2.34 -48.47 18.01
CA GLN A 397 -1.36 -49.39 17.46
C GLN A 397 -0.65 -48.88 16.23
N ILE A 398 -1.19 -47.82 15.59
CA ILE A 398 -0.58 -47.26 14.36
C ILE A 398 0.73 -46.54 14.74
N LYS A 399 1.75 -46.74 13.92
CA LYS A 399 3.08 -46.21 14.20
C LYS A 399 3.49 -45.15 13.19
N ASP A 400 4.34 -44.24 13.66
CA ASP A 400 4.62 -42.97 12.99
C ASP A 400 3.25 -42.30 12.68
N ALA A 401 2.49 -42.06 13.76
CA ALA A 401 1.21 -41.34 13.74
C ALA A 401 0.55 -41.26 15.12
N MET A 402 0.35 -40.06 15.64
CA MET A 402 -0.58 -39.85 16.73
C MET A 402 -1.97 -39.81 16.02
N VAL A 403 -2.83 -40.76 16.33
CA VAL A 403 -4.17 -40.73 15.86
C VAL A 403 -5.04 -40.89 17.08
N PHE A 404 -6.00 -39.99 17.26
CA PHE A 404 -7.05 -40.22 18.24
C PHE A 404 -8.35 -39.52 17.93
N ALA A 405 -9.41 -40.05 18.51
CA ALA A 405 -10.77 -39.65 18.27
C ALA A 405 -11.34 -39.10 19.53
N PHE A 406 -12.18 -38.05 19.43
CA PHE A 406 -12.70 -37.33 20.58
C PHE A 406 -13.88 -36.40 20.27
N ASN A 407 -14.72 -36.22 21.29
CA ASN A 407 -16.01 -35.54 21.15
C ASN A 407 -15.94 -34.01 20.96
N LEU A 408 -14.98 -33.32 21.61
CA LEU A 408 -14.99 -31.84 21.74
C LEU A 408 -16.30 -31.30 22.41
N THR A 416 -8.45 -32.50 30.05
CA THR A 416 -9.38 -31.37 29.85
C THR A 416 -9.21 -30.28 30.94
N ALA A 417 -9.62 -30.59 32.18
CA ALA A 417 -9.45 -29.71 33.35
C ALA A 417 -8.46 -30.31 34.38
N THR A 418 -7.72 -31.37 34.00
CA THR A 418 -6.52 -31.83 34.73
C THR A 418 -5.21 -31.72 33.88
N GLY A 419 -5.32 -31.19 32.65
CA GLY A 419 -4.15 -30.91 31.79
C GLY A 419 -3.54 -29.55 32.06
N PHE A 420 -2.28 -29.35 31.64
CA PHE A 420 -1.66 -28.03 31.69
C PHE A 420 -1.08 -27.65 30.31
N ASP A 421 -0.83 -26.34 30.16
CA ASP A 421 -0.34 -25.72 28.91
C ASP A 421 0.85 -24.80 29.20
N PHE A 422 2.05 -25.30 28.98
CA PHE A 422 3.28 -24.65 29.41
C PHE A 422 3.94 -24.01 28.20
N GLU A 423 4.49 -22.81 28.36
CA GLU A 423 5.32 -22.19 27.32
C GLU A 423 6.77 -22.02 27.77
N LEU A 424 7.69 -22.66 27.06
CA LEU A 424 9.11 -22.44 27.21
C LEU A 424 9.50 -21.31 26.26
N ILE A 425 10.26 -20.33 26.76
CA ILE A 425 10.46 -19.05 26.09
C ILE A 425 11.95 -18.69 26.09
N ASP A 426 12.46 -18.26 24.94
CA ASP A 426 13.85 -17.78 24.79
C ASP A 426 13.88 -16.35 25.22
N GLN A 427 14.42 -16.05 26.40
CA GLN A 427 14.41 -14.63 26.88
C GLN A 427 15.77 -13.92 26.78
N ALA A 428 16.66 -14.43 25.93
CA ALA A 428 18.01 -13.85 25.79
C ALA A 428 18.65 -13.98 24.39
N GLY A 429 17.84 -14.18 23.33
CA GLY A 429 18.34 -14.33 21.96
C GLY A 429 19.23 -15.55 21.79
N LEU A 430 18.97 -16.58 22.59
CA LEU A 430 19.69 -17.86 22.48
C LEU A 430 19.52 -18.56 21.14
N GLY A 431 18.38 -18.35 20.47
CA GLY A 431 18.12 -18.98 19.19
C GLY A 431 17.35 -20.31 19.25
N HIS A 432 16.85 -20.70 18.08
CA HIS A 432 16.01 -21.88 17.96
C HIS A 432 16.70 -23.18 18.43
N GLU A 433 18.00 -23.36 18.14
CA GLU A 433 18.69 -24.67 18.39
C GLU A 433 18.90 -24.87 19.88
N LYS A 434 19.17 -23.78 20.60
CA LYS A 434 19.35 -23.85 22.05
C LYS A 434 18.01 -24.00 22.77
N LEU A 435 16.95 -23.40 22.24
CA LEU A 435 15.65 -23.52 22.89
C LEU A 435 15.17 -24.97 22.82
N THR A 436 15.51 -25.65 21.72
CA THR A 436 15.30 -27.09 21.54
C THR A 436 16.07 -27.94 22.60
N GLN A 437 17.38 -27.73 22.73
CA GLN A 437 18.20 -28.37 23.75
C GLN A 437 17.53 -28.18 25.11
N ALA A 438 17.33 -26.92 25.50
CA ALA A 438 16.63 -26.65 26.76
C ALA A 438 15.29 -27.40 26.88
N ARG A 439 14.53 -27.49 25.78
CA ARG A 439 13.25 -28.20 25.79
C ARG A 439 13.45 -29.68 26.16
N ASN A 440 14.37 -30.35 25.46
CA ASN A 440 14.71 -31.76 25.66
C ASN A 440 15.16 -32.03 27.10
N GLN A 441 15.83 -31.05 27.71
CA GLN A 441 16.23 -31.13 29.07
C GLN A 441 15.01 -31.13 29.99
N LEU A 442 14.03 -30.27 29.75
CA LEU A 442 12.81 -30.24 30.57
C LEU A 442 11.97 -31.50 30.41
N LEU A 443 11.87 -32.00 29.18
CA LEU A 443 11.08 -33.17 28.86
C LEU A 443 11.67 -34.44 29.49
N ALA A 444 12.99 -34.63 29.31
CA ALA A 444 13.74 -35.71 29.97
C ALA A 444 13.63 -35.76 31.53
N GLU A 445 13.65 -34.62 32.22
CA GLU A 445 13.33 -34.58 33.66
C GLU A 445 11.86 -34.85 33.95
N ALA A 446 10.94 -34.30 33.17
CA ALA A 446 9.52 -34.63 33.37
C ALA A 446 9.26 -36.13 33.15
N ALA A 447 10.08 -36.77 32.31
CA ALA A 447 10.05 -38.23 32.12
C ALA A 447 10.78 -39.06 33.22
N LYS A 448 11.18 -38.42 34.33
CA LYS A 448 11.71 -39.10 35.49
C LYS A 448 10.93 -38.65 36.72
N HIS A 449 9.65 -38.36 36.54
CA HIS A 449 8.74 -38.07 37.64
C HIS A 449 7.33 -38.62 37.30
N PRO A 450 7.19 -39.94 37.01
CA PRO A 450 5.85 -40.45 36.64
C PRO A 450 4.78 -40.37 37.75
N ASP A 451 5.20 -40.33 39.00
CA ASP A 451 4.32 -40.04 40.14
C ASP A 451 3.49 -38.73 40.06
N MET A 452 4.03 -37.69 39.42
CA MET A 452 3.36 -36.39 39.34
C MET A 452 2.93 -35.94 37.91
N LEU A 453 3.61 -36.45 36.86
CA LEU A 453 3.46 -35.96 35.48
C LEU A 453 3.35 -37.12 34.47
N THR A 454 2.32 -37.08 33.62
CA THR A 454 2.09 -38.12 32.62
C THR A 454 2.02 -37.53 31.18
N SER A 455 2.76 -38.20 30.28
CA SER A 455 3.06 -37.78 28.89
C SER A 455 3.23 -36.26 28.73
N VAL A 456 4.46 -35.81 29.01
CA VAL A 456 4.86 -34.43 28.81
C VAL A 456 5.55 -34.38 27.47
N ARG A 457 4.93 -33.63 26.57
CA ARG A 457 5.23 -33.69 25.14
C ARG A 457 5.20 -32.27 24.53
N PRO A 458 6.08 -32.04 23.53
CA PRO A 458 5.94 -30.82 22.77
C PRO A 458 4.66 -30.89 21.95
N ASN A 459 4.01 -29.73 21.78
CA ASN A 459 2.85 -29.61 20.88
C ASN A 459 3.24 -29.38 19.43
N GLY A 460 4.46 -28.91 19.20
CA GLY A 460 4.91 -28.50 17.89
C GLY A 460 5.55 -29.61 17.11
N LEU A 461 6.44 -29.22 16.19
CA LEU A 461 7.10 -30.15 15.28
C LEU A 461 8.61 -30.11 15.45
N GLU A 462 9.25 -31.18 14.99
CA GLU A 462 10.67 -31.34 15.06
C GLU A 462 11.32 -30.77 13.83
N ASP A 463 12.56 -30.32 13.96
CA ASP A 463 13.39 -29.92 12.80
C ASP A 463 13.49 -31.05 11.73
N THR A 464 13.75 -30.70 10.46
CA THR A 464 13.85 -31.67 9.38
C THR A 464 14.93 -31.30 8.41
N PRO A 465 15.39 -32.27 7.59
CA PRO A 465 16.44 -31.90 6.61
C PRO A 465 15.92 -30.82 5.69
N GLN A 466 16.79 -29.89 5.34
CA GLN A 466 16.44 -28.84 4.46
C GLN A 466 17.69 -28.48 3.69
N PHE A 467 17.47 -27.96 2.49
CA PHE A 467 18.48 -27.86 1.44
C PHE A 467 18.93 -26.43 1.42
N LYS A 468 20.16 -26.20 1.81
CA LYS A 468 20.68 -24.88 2.00
C LYS A 468 21.54 -24.56 0.82
N ILE A 469 21.18 -23.48 0.10
CA ILE A 469 21.89 -23.09 -1.10
C ILE A 469 22.43 -21.68 -0.99
N ASP A 470 23.72 -21.55 -1.29
CA ASP A 470 24.48 -20.32 -1.16
C ASP A 470 24.75 -19.77 -2.53
N ILE A 471 24.37 -18.52 -2.77
CA ILE A 471 24.69 -17.88 -4.04
C ILE A 471 26.06 -17.23 -3.86
N ASP A 472 26.98 -17.50 -4.78
CA ASP A 472 28.26 -16.86 -4.72
C ASP A 472 28.11 -15.55 -5.44
N GLN A 473 28.12 -14.47 -4.66
CA GLN A 473 27.87 -13.12 -5.19
C GLN A 473 28.98 -12.71 -6.16
N GLU A 474 30.21 -13.12 -5.82
CA GLU A 474 31.37 -12.90 -6.69
C GLU A 474 31.25 -13.53 -8.08
N LYS A 475 30.86 -14.81 -8.12
CA LYS A 475 30.67 -15.47 -9.40
C LYS A 475 29.51 -14.84 -10.24
N ALA A 476 28.34 -14.65 -9.62
CA ALA A 476 27.25 -13.83 -10.18
C ALA A 476 27.75 -12.55 -10.83
N GLN A 477 28.54 -11.75 -10.10
CA GLN A 477 28.99 -10.48 -10.66
C GLN A 477 29.94 -10.67 -11.85
N ALA A 478 30.83 -11.64 -11.77
CA ALA A 478 31.82 -11.87 -12.81
C ALA A 478 31.18 -12.26 -14.12
N LEU A 479 30.11 -13.04 -14.01
CA LEU A 479 29.32 -13.53 -15.15
C LEU A 479 28.26 -12.53 -15.67
N GLY A 480 27.97 -11.49 -14.88
CA GLY A 480 26.94 -10.49 -15.24
C GLY A 480 25.54 -11.06 -15.16
N VAL A 481 25.31 -11.95 -14.20
CA VAL A 481 23.99 -12.45 -13.83
C VAL A 481 23.48 -11.68 -12.62
N SER A 482 22.32 -11.04 -12.69
CA SER A 482 21.79 -10.33 -11.51
C SER A 482 21.19 -11.26 -10.46
N ILE A 483 21.13 -10.75 -9.23
CA ILE A 483 20.69 -11.50 -8.06
C ILE A 483 19.19 -11.62 -8.06
N ASN A 484 18.51 -10.60 -8.55
CA ASN A 484 17.06 -10.67 -8.77
C ASN A 484 16.67 -11.78 -9.78
N ASP A 485 17.40 -11.86 -10.89
CA ASP A 485 17.15 -12.89 -11.87
C ASP A 485 17.42 -14.30 -11.29
N ILE A 486 18.48 -14.44 -10.48
CA ILE A 486 18.75 -15.70 -9.80
C ILE A 486 17.61 -16.04 -8.80
N ASN A 487 17.32 -15.11 -7.88
CA ASN A 487 16.33 -15.39 -6.85
C ASN A 487 14.93 -15.63 -7.37
N THR A 488 14.52 -14.86 -8.39
CA THR A 488 13.23 -15.09 -9.05
C THR A 488 13.20 -16.42 -9.84
N THR A 489 14.29 -16.77 -10.51
CA THR A 489 14.27 -18.05 -11.19
C THR A 489 14.11 -19.19 -10.22
N LEU A 490 14.88 -19.16 -9.15
CA LEU A 490 14.81 -20.20 -8.11
C LEU A 490 13.45 -20.27 -7.47
N GLY A 491 12.94 -19.11 -7.03
CA GLY A 491 11.69 -19.02 -6.27
C GLY A 491 10.49 -19.44 -7.09
N ALA A 492 10.42 -18.85 -8.27
CA ALA A 492 9.32 -19.11 -9.15
C ALA A 492 9.30 -20.57 -9.61
N ALA A 493 10.46 -21.18 -9.87
CA ALA A 493 10.46 -22.59 -10.36
C ALA A 493 10.13 -23.55 -9.24
N TRP A 494 10.76 -23.41 -8.09
CA TRP A 494 10.67 -24.44 -7.06
C TRP A 494 9.61 -24.16 -6.04
N GLY A 495 9.18 -22.91 -5.97
CA GLY A 495 8.14 -22.47 -5.02
C GLY A 495 6.83 -22.01 -5.63
N GLY A 496 6.90 -21.34 -6.78
CA GLY A 496 5.71 -20.91 -7.53
C GLY A 496 5.59 -19.41 -7.29
N SER A 497 5.13 -18.67 -8.29
CA SER A 497 4.96 -17.22 -8.21
C SER A 497 3.54 -16.83 -8.67
N TYR A 498 2.86 -16.03 -7.85
CA TYR A 498 1.60 -15.38 -8.23
C TYR A 498 1.98 -14.22 -9.17
N VAL A 499 1.60 -14.28 -10.44
CA VAL A 499 1.94 -13.23 -11.41
C VAL A 499 0.91 -12.09 -11.44
N ASN A 500 -0.32 -12.41 -11.87
CA ASN A 500 -1.45 -11.49 -11.86
C ASN A 500 -2.74 -12.26 -11.87
N ASP A 501 -3.86 -11.60 -12.11
CA ASP A 501 -5.14 -12.22 -12.17
C ASP A 501 -5.66 -12.39 -13.61
N PHE A 502 -6.57 -13.34 -13.80
CA PHE A 502 -7.21 -13.58 -15.08
C PHE A 502 -8.67 -13.78 -14.76
N ILE A 503 -9.51 -13.99 -15.76
CA ILE A 503 -10.94 -14.13 -15.53
C ILE A 503 -11.37 -15.48 -16.00
N ASP A 504 -11.78 -16.31 -15.06
CA ASP A 504 -12.24 -17.66 -15.38
C ASP A 504 -13.76 -17.71 -15.29
N ARG A 505 -14.45 -17.95 -16.41
CA ARG A 505 -15.93 -17.96 -16.43
C ARG A 505 -16.54 -16.78 -15.64
N GLY A 506 -16.03 -15.55 -15.95
CA GLY A 506 -16.46 -14.27 -15.34
C GLY A 506 -16.11 -14.00 -13.87
N ARG A 507 -15.29 -14.86 -13.26
CA ARG A 507 -14.77 -14.63 -11.91
C ARG A 507 -13.27 -14.35 -11.91
N VAL A 508 -12.84 -13.31 -11.18
CA VAL A 508 -11.40 -13.06 -10.99
C VAL A 508 -10.75 -14.17 -10.19
N LYS A 509 -9.61 -14.64 -10.69
CA LYS A 509 -8.83 -15.74 -10.15
C LYS A 509 -7.34 -15.46 -10.33
N LYS A 510 -6.47 -16.25 -9.71
CA LYS A 510 -5.04 -16.02 -9.84
C LYS A 510 -4.35 -16.78 -10.97
N VAL A 511 -3.13 -16.32 -11.32
CA VAL A 511 -2.26 -16.93 -12.34
C VAL A 511 -0.91 -17.22 -11.71
N TYR A 512 -0.42 -18.44 -11.84
CA TYR A 512 0.79 -18.86 -11.12
C TYR A 512 1.77 -19.49 -12.09
N VAL A 513 3.03 -19.08 -12.05
CA VAL A 513 4.03 -19.87 -12.72
C VAL A 513 4.74 -20.72 -11.70
N MET A 514 5.12 -21.92 -12.13
CA MET A 514 5.92 -22.86 -11.35
C MET A 514 6.55 -23.90 -12.28
N SER A 515 7.64 -24.50 -11.84
CA SER A 515 8.18 -25.64 -12.58
C SER A 515 7.16 -26.77 -12.62
N GLU A 516 7.07 -27.44 -13.75
CA GLU A 516 6.36 -28.71 -13.79
C GLU A 516 7.07 -29.62 -12.79
N ALA A 517 6.29 -30.47 -12.13
CA ALA A 517 6.77 -31.38 -11.07
C ALA A 517 8.08 -32.15 -11.38
N LYS A 518 8.11 -32.84 -12.52
CA LYS A 518 9.27 -33.54 -13.09
C LYS A 518 10.58 -32.83 -12.79
N TYR A 519 10.60 -31.49 -12.94
CA TYR A 519 11.86 -30.70 -12.90
C TYR A 519 12.23 -30.01 -11.55
N ARG A 520 11.50 -30.32 -10.49
CA ARG A 520 11.76 -29.75 -9.20
C ARG A 520 11.59 -30.80 -8.06
N MET A 521 12.06 -32.03 -8.35
CA MET A 521 11.89 -33.18 -7.44
C MET A 521 13.17 -33.56 -6.73
N LEU A 522 14.32 -33.46 -7.41
CA LEU A 522 15.56 -33.96 -6.86
C LEU A 522 16.64 -32.91 -6.88
N PRO A 523 17.62 -32.97 -5.95
CA PRO A 523 18.69 -31.93 -5.89
C PRO A 523 19.50 -31.69 -7.18
N ASP A 524 19.72 -32.73 -8.00
CA ASP A 524 20.38 -32.59 -9.31
C ASP A 524 19.59 -31.69 -10.28
N ASP A 525 18.27 -31.56 -10.03
CA ASP A 525 17.38 -30.66 -10.83
C ASP A 525 17.71 -29.17 -10.74
N ILE A 526 18.23 -28.74 -9.58
CA ILE A 526 18.73 -27.37 -9.43
C ILE A 526 19.60 -26.98 -10.63
N GLY A 527 20.47 -27.90 -11.05
CA GLY A 527 21.40 -27.65 -12.13
C GLY A 527 20.82 -27.53 -13.53
N ASP A 528 19.62 -28.08 -13.76
CA ASP A 528 18.94 -27.96 -15.04
C ASP A 528 18.39 -26.53 -15.34
N TRP A 529 18.27 -25.65 -14.32
CA TRP A 529 17.70 -24.29 -14.47
C TRP A 529 18.76 -23.23 -14.86
N TYR A 530 18.52 -22.54 -15.97
CA TYR A 530 19.45 -21.51 -16.47
C TYR A 530 18.89 -20.11 -16.23
N VAL A 531 19.80 -19.16 -16.10
CA VAL A 531 19.48 -17.74 -15.93
C VAL A 531 20.31 -17.06 -17.00
N ARG A 532 19.81 -15.95 -17.54
CA ARG A 532 20.50 -15.26 -18.66
C ARG A 532 21.33 -14.10 -18.10
N ALA A 533 22.58 -13.99 -18.53
CA ALA A 533 23.39 -12.84 -18.14
C ALA A 533 23.15 -11.60 -19.01
N ALA A 534 23.75 -10.48 -18.57
CA ALA A 534 23.85 -9.21 -19.34
C ALA A 534 24.31 -9.40 -20.79
N ASP A 535 25.35 -10.18 -20.98
CA ASP A 535 25.91 -10.38 -22.30
C ASP A 535 25.13 -11.37 -23.17
N GLY A 536 23.99 -11.88 -22.68
CA GLY A 536 23.11 -12.79 -23.43
C GLY A 536 23.37 -14.27 -23.22
N GLN A 537 24.43 -14.62 -22.48
CA GLN A 537 24.80 -16.02 -22.24
C GLN A 537 23.92 -16.67 -21.16
N MET A 538 23.56 -17.93 -21.37
CA MET A 538 22.78 -18.70 -20.41
C MET A 538 23.70 -19.38 -19.41
N VAL A 539 23.41 -19.25 -18.11
CA VAL A 539 24.28 -19.77 -17.03
C VAL A 539 23.53 -20.73 -16.11
N PRO A 540 24.01 -21.96 -15.97
CA PRO A 540 23.29 -22.90 -15.16
C PRO A 540 23.46 -22.55 -13.72
N PHE A 541 22.47 -22.92 -12.90
CA PHE A 541 22.54 -22.65 -11.44
C PHE A 541 23.78 -23.17 -10.77
N SER A 542 24.26 -24.31 -11.27
CA SER A 542 25.44 -24.95 -10.75
C SER A 542 26.65 -23.99 -10.86
N ALA A 543 26.67 -23.12 -11.88
CA ALA A 543 27.79 -22.20 -12.05
C ALA A 543 28.03 -21.15 -10.94
N PHE A 544 26.99 -20.79 -10.17
CA PHE A 544 27.10 -19.73 -9.14
C PHE A 544 26.53 -20.10 -7.76
N SER A 545 26.37 -21.39 -7.48
CA SER A 545 25.84 -21.82 -6.20
C SER A 545 26.41 -23.12 -5.72
N SER A 546 26.29 -23.32 -4.43
CA SER A 546 26.72 -24.53 -3.75
C SER A 546 25.60 -24.91 -2.84
N SER A 547 25.52 -26.18 -2.48
CA SER A 547 24.47 -26.64 -1.58
C SER A 547 24.96 -27.70 -0.60
N ARG A 548 24.28 -27.74 0.55
CA ARG A 548 24.53 -28.74 1.56
C ARG A 548 23.22 -28.98 2.29
N TRP A 549 23.03 -30.18 2.87
CA TRP A 549 21.93 -30.41 3.76
C TRP A 549 22.22 -29.80 5.11
N GLU A 550 21.15 -29.45 5.80
CA GLU A 550 21.16 -28.97 7.18
C GLU A 550 19.78 -29.19 7.75
N TYR A 551 19.62 -28.94 9.04
CA TYR A 551 18.33 -29.05 9.69
C TYR A 551 17.76 -27.65 9.99
N GLY A 552 16.44 -27.53 9.98
CA GLY A 552 15.76 -26.32 10.43
C GLY A 552 14.34 -26.63 10.80
N SER A 553 13.63 -25.64 11.30
CA SER A 553 12.28 -25.87 11.81
C SER A 553 11.26 -25.70 10.69
N PRO A 554 10.19 -26.48 10.69
CA PRO A 554 9.11 -26.20 9.78
C PRO A 554 7.89 -25.60 10.51
N ARG A 555 7.94 -25.42 11.83
CA ARG A 555 6.97 -24.58 12.51
C ARG A 555 7.70 -23.94 13.68
N LEU A 556 8.03 -22.65 13.55
CA LEU A 556 8.57 -21.85 14.63
C LEU A 556 7.44 -21.20 15.41
N GLU A 557 7.44 -21.40 16.71
CA GLU A 557 6.38 -20.81 17.54
C GLU A 557 6.94 -19.59 18.27
N ARG A 558 6.02 -18.75 18.74
CA ARG A 558 6.37 -17.58 19.54
C ARG A 558 5.24 -17.27 20.51
N TYR A 559 5.63 -16.79 21.68
CA TYR A 559 4.70 -16.46 22.74
C TYR A 559 5.02 -15.04 23.25
N ASN A 560 4.03 -14.15 23.15
CA ASN A 560 4.23 -12.75 23.46
C ASN A 560 5.49 -12.12 22.82
N GLY A 561 5.71 -12.43 21.53
CA GLY A 561 6.77 -11.83 20.74
C GLY A 561 8.13 -12.46 20.85
N LEU A 562 8.28 -13.52 21.66
CA LEU A 562 9.56 -14.21 21.80
C LEU A 562 9.53 -15.67 21.31
N PRO A 563 10.68 -16.18 20.76
CA PRO A 563 10.69 -17.60 20.38
C PRO A 563 10.24 -18.47 21.56
N SER A 564 9.51 -19.54 21.25
CA SER A 564 8.88 -20.37 22.23
C SER A 564 8.57 -21.81 21.75
N MET A 565 8.17 -22.65 22.70
CA MET A 565 7.89 -24.05 22.44
C MET A 565 6.88 -24.42 23.46
N GLU A 566 5.70 -24.78 22.96
CA GLU A 566 4.60 -25.13 23.81
C GLU A 566 4.78 -26.57 24.28
N ILE A 567 4.59 -26.78 25.57
CA ILE A 567 4.72 -28.09 26.13
C ILE A 567 3.42 -28.44 26.83
N LEU A 568 2.85 -29.57 26.42
CA LEU A 568 1.61 -30.09 27.03
C LEU A 568 1.88 -31.27 27.96
N GLY A 569 0.98 -31.42 28.92
CA GLY A 569 0.94 -32.64 29.69
C GLY A 569 -0.18 -32.58 30.68
N GLN A 570 -0.34 -33.66 31.43
CA GLN A 570 -1.40 -33.75 32.45
C GLN A 570 -0.80 -34.24 33.77
N ALA A 571 -1.38 -33.74 34.87
CA ALA A 571 -1.14 -34.28 36.22
C ALA A 571 -1.18 -35.83 36.26
N ALA A 572 -0.69 -36.41 37.38
CA ALA A 572 -0.68 -37.88 37.54
C ALA A 572 -1.92 -38.34 38.31
N PRO A 573 -2.46 -39.56 37.98
CA PRO A 573 -3.68 -40.10 38.60
C PRO A 573 -3.84 -39.68 40.06
N GLY A 574 -4.76 -38.76 40.32
CA GLY A 574 -5.05 -38.31 41.68
C GLY A 574 -4.61 -36.91 42.04
N LYS A 575 -3.34 -36.59 41.85
CA LYS A 575 -2.81 -35.28 42.30
C LYS A 575 -3.30 -34.15 41.39
N SER A 576 -3.67 -33.01 41.99
CA SER A 576 -4.34 -31.91 41.26
C SER A 576 -3.32 -31.14 40.43
N THR A 577 -3.82 -30.42 39.43
CA THR A 577 -2.98 -29.69 38.50
C THR A 577 -1.99 -28.75 39.23
N GLY A 578 -2.51 -27.85 40.08
CA GLY A 578 -1.71 -26.87 40.86
C GLY A 578 -0.38 -27.36 41.45
N GLU A 579 -0.35 -28.64 41.81
CA GLU A 579 0.87 -29.31 42.27
C GLU A 579 1.75 -29.77 41.11
N ALA A 580 1.13 -30.25 40.03
CA ALA A 580 1.86 -30.54 38.79
C ALA A 580 2.51 -29.26 38.15
N MET A 581 1.77 -28.16 38.11
CA MET A 581 2.34 -26.86 37.75
C MET A 581 3.55 -26.47 38.67
N GLU A 582 3.42 -26.69 39.99
CA GLU A 582 4.50 -26.39 40.98
C GLU A 582 5.83 -27.12 40.64
N LEU A 583 5.74 -28.37 40.21
CA LEU A 583 6.91 -29.18 39.79
C LEU A 583 7.49 -28.72 38.46
N MET A 584 6.60 -28.54 37.47
CA MET A 584 7.02 -28.04 36.15
C MET A 584 7.84 -26.75 36.35
N GLU A 585 7.33 -25.82 37.18
CA GLU A 585 8.11 -24.63 37.62
C GLU A 585 9.51 -24.92 38.23
N GLN A 586 9.59 -25.90 39.13
CA GLN A 586 10.88 -26.32 39.73
C GLN A 586 11.84 -26.84 38.68
N LEU A 587 11.34 -27.76 37.86
CA LEU A 587 12.12 -28.30 36.73
C LEU A 587 12.68 -27.18 35.85
N ALA A 588 11.81 -26.23 35.50
CA ALA A 588 12.15 -25.10 34.63
C ALA A 588 13.23 -24.19 35.21
N SER A 589 13.07 -23.85 36.49
CA SER A 589 14.04 -23.04 37.22
C SER A 589 15.50 -23.52 37.08
N LYS A 590 15.71 -24.82 36.83
CA LYS A 590 17.05 -25.37 36.58
C LYS A 590 17.55 -25.37 35.11
N LEU A 591 16.85 -24.73 34.19
CA LEU A 591 17.25 -24.82 32.78
C LEU A 591 18.30 -23.75 32.53
N PRO A 592 19.05 -23.81 31.39
CA PRO A 592 20.11 -22.78 31.19
C PRO A 592 19.62 -21.34 31.29
N THR A 593 20.56 -20.44 31.55
CA THR A 593 20.32 -18.99 31.61
C THR A 593 19.71 -18.53 30.32
N GLY A 594 18.70 -17.68 30.43
CA GLY A 594 18.03 -17.10 29.28
C GLY A 594 16.71 -17.76 29.02
N VAL A 595 16.59 -19.05 29.36
CA VAL A 595 15.36 -19.79 29.20
C VAL A 595 14.42 -19.57 30.38
N GLY A 596 13.25 -19.01 30.09
CA GLY A 596 12.20 -18.77 31.05
C GLY A 596 10.96 -19.48 30.56
N TYR A 597 9.84 -19.17 31.20
CA TYR A 597 8.60 -19.87 30.94
C TYR A 597 7.40 -19.04 31.37
N ASP A 598 6.23 -19.52 30.96
CA ASP A 598 4.98 -18.86 31.32
C ASP A 598 3.85 -19.86 31.06
N TRP A 599 2.68 -19.60 31.63
CA TRP A 599 1.56 -20.51 31.50
C TRP A 599 0.52 -19.89 30.58
N THR A 600 -0.02 -20.67 29.65
CA THR A 600 -1.09 -20.17 28.80
C THR A 600 -2.31 -21.08 28.85
N GLY A 601 -3.39 -20.69 28.15
CA GLY A 601 -4.62 -21.51 28.01
C GLY A 601 -5.30 -21.85 29.33
N MET A 602 -5.55 -23.15 29.54
CA MET A 602 -6.06 -23.71 30.83
C MET A 602 -5.34 -23.08 32.03
N SER A 603 -4.01 -23.14 31.96
CA SER A 603 -3.17 -22.81 33.08
C SER A 603 -3.12 -21.32 33.47
N TYR A 604 -3.74 -20.42 32.71
CA TYR A 604 -3.67 -19.01 33.01
C TYR A 604 -4.56 -18.65 34.19
N ALA B 1 -34.92 3.32 8.61
CA ALA B 1 -34.56 2.56 7.36
C ALA B 1 -33.35 1.64 7.58
N PRO B 2 -33.10 0.69 6.65
CA PRO B 2 -31.85 -0.09 6.75
C PRO B 2 -30.58 0.72 6.38
N PRO B 3 -29.59 0.81 7.29
CA PRO B 3 -28.38 1.58 7.00
C PRO B 3 -27.54 1.06 5.81
N ALA B 4 -26.89 1.95 5.08
CA ALA B 4 -26.11 1.64 3.91
C ALA B 4 -24.76 2.35 3.93
N VAL B 5 -23.72 1.54 3.75
CA VAL B 5 -22.33 1.96 3.61
C VAL B 5 -21.94 1.90 2.13
N THR B 6 -21.32 2.97 1.61
CA THR B 6 -21.05 3.08 0.20
C THR B 6 -19.54 3.21 0.00
N ILE B 7 -18.99 2.31 -0.80
CA ILE B 7 -17.62 2.39 -1.24
C ILE B 7 -17.54 3.02 -2.63
N SER B 8 -16.67 4.00 -2.81
CA SER B 8 -16.54 4.66 -4.10
C SER B 8 -15.12 4.68 -4.44
N ALA B 9 -14.77 4.31 -5.64
CA ALA B 9 -13.38 4.39 -6.10
C ALA B 9 -13.40 4.78 -7.58
N SER B 10 -12.25 5.13 -8.13
CA SER B 10 -12.18 5.44 -9.57
C SER B 10 -10.86 5.09 -10.24
N TYR B 11 -10.91 5.07 -11.57
CA TYR B 11 -9.83 4.63 -12.39
C TYR B 11 -9.90 5.48 -13.66
N PRO B 12 -9.10 6.56 -13.72
CA PRO B 12 -9.04 7.47 -14.84
C PRO B 12 -8.95 6.75 -16.14
N GLY B 13 -9.90 7.02 -17.04
CA GLY B 13 -9.87 6.45 -18.40
C GLY B 13 -10.17 4.95 -18.56
N ALA B 14 -10.75 4.32 -17.56
CA ALA B 14 -11.05 2.91 -17.63
C ALA B 14 -12.47 2.72 -18.11
N ASP B 15 -12.69 1.69 -18.90
CA ASP B 15 -14.04 1.25 -19.24
C ASP B 15 -14.60 0.46 -18.08
N ALA B 16 -15.91 0.22 -18.13
CA ALA B 16 -16.69 -0.49 -17.12
C ALA B 16 -16.11 -1.88 -16.72
N LYS B 17 -15.72 -2.61 -17.74
CA LYS B 17 -15.34 -3.96 -17.61
C LYS B 17 -14.00 -4.00 -16.91
N THR B 18 -13.10 -3.13 -17.34
CA THR B 18 -11.83 -2.92 -16.64
C THR B 18 -12.01 -2.55 -15.16
N VAL B 19 -12.92 -1.62 -14.88
CA VAL B 19 -13.19 -1.24 -13.51
C VAL B 19 -13.69 -2.47 -12.76
N GLN B 20 -14.61 -3.20 -13.40
CA GLN B 20 -15.25 -4.34 -12.77
C GLN B 20 -14.30 -5.49 -12.39
N ASP B 21 -13.37 -5.79 -13.29
CA ASP B 21 -12.53 -6.97 -13.18
C ASP B 21 -11.17 -6.64 -12.54
N THR B 22 -10.84 -5.36 -12.28
CA THR B 22 -9.66 -5.07 -11.48
C THR B 22 -9.98 -4.45 -10.12
N VAL B 23 -11.17 -3.85 -9.99
CA VAL B 23 -11.58 -3.21 -8.74
C VAL B 23 -12.79 -3.89 -8.08
N THR B 24 -13.90 -3.95 -8.79
CA THR B 24 -15.16 -4.28 -8.11
C THR B 24 -15.21 -5.71 -7.60
N GLN B 25 -14.85 -6.65 -8.45
CA GLN B 25 -14.81 -8.05 -8.06
C GLN B 25 -13.83 -8.27 -6.89
N VAL B 26 -12.67 -7.63 -6.97
CA VAL B 26 -11.65 -7.77 -5.95
C VAL B 26 -12.15 -7.29 -4.57
N ILE B 27 -12.73 -6.12 -4.55
CA ILE B 27 -13.27 -5.61 -3.30
C ILE B 27 -14.39 -6.53 -2.81
N GLU B 28 -15.39 -6.82 -3.67
CA GLU B 28 -16.52 -7.71 -3.34
C GLU B 28 -16.09 -9.08 -2.71
N GLN B 29 -15.02 -9.68 -3.23
CA GLN B 29 -14.50 -10.96 -2.71
C GLN B 29 -13.90 -10.85 -1.30
N ASN B 30 -13.78 -9.63 -0.78
CA ASN B 30 -13.09 -9.38 0.48
C ASN B 30 -13.96 -8.68 1.44
N MET B 31 -15.27 -8.72 1.20
CA MET B 31 -16.25 -8.08 2.08
C MET B 31 -16.83 -9.14 3.00
N ASN B 32 -15.96 -9.99 3.54
CA ASN B 32 -16.43 -11.12 4.31
C ASN B 32 -16.06 -10.90 5.73
N GLY B 33 -16.81 -11.57 6.59
CA GLY B 33 -16.65 -11.45 8.01
C GLY B 33 -17.15 -10.16 8.59
N ILE B 34 -18.04 -9.50 7.89
CA ILE B 34 -18.65 -8.29 8.37
C ILE B 34 -20.03 -8.66 8.94
N ASP B 35 -20.37 -8.06 10.08
CA ASP B 35 -21.64 -8.36 10.74
C ASP B 35 -22.84 -7.72 10.08
N ASN B 36 -23.93 -8.47 10.01
CA ASN B 36 -25.28 -7.96 9.75
C ASN B 36 -25.52 -7.40 8.35
N LEU B 37 -24.86 -8.01 7.38
CA LEU B 37 -24.92 -7.59 6.01
C LEU B 37 -26.11 -8.30 5.36
N MET B 38 -27.16 -7.58 5.03
CA MET B 38 -28.31 -8.17 4.36
C MET B 38 -28.02 -8.51 2.92
N TYR B 39 -27.38 -7.57 2.21
CA TYR B 39 -27.07 -7.72 0.79
C TYR B 39 -26.11 -6.64 0.29
N MET B 40 -25.53 -6.86 -0.88
CA MET B 40 -24.46 -6.00 -1.42
C MET B 40 -24.75 -5.80 -2.91
N SER B 41 -24.64 -4.57 -3.41
CA SER B 41 -24.89 -4.30 -4.83
C SER B 41 -23.87 -3.31 -5.39
N SER B 42 -23.61 -3.39 -6.69
CA SER B 42 -22.59 -2.56 -7.22
C SER B 42 -22.76 -2.19 -8.69
N ASN B 43 -22.11 -1.09 -9.06
CA ASN B 43 -22.02 -0.56 -10.41
C ASN B 43 -20.60 -0.31 -10.78
N SER B 44 -20.24 -0.62 -12.02
CA SER B 44 -18.94 -0.34 -12.57
C SER B 44 -19.16 0.37 -13.91
N ASP B 45 -18.67 1.60 -14.07
CA ASP B 45 -19.15 2.50 -15.14
C ASP B 45 -18.07 2.84 -16.11
N SER B 46 -18.44 3.13 -17.34
CA SER B 46 -17.45 3.59 -18.33
C SER B 46 -16.95 5.04 -18.15
N THR B 47 -17.36 5.66 -17.06
CA THR B 47 -16.68 6.83 -16.51
C THR B 47 -15.41 6.44 -15.74
N GLY B 48 -15.13 5.15 -15.59
CA GLY B 48 -14.01 4.72 -14.81
C GLY B 48 -14.32 4.78 -13.33
N THR B 49 -15.53 4.44 -12.94
CA THR B 49 -16.04 4.65 -11.56
C THR B 49 -16.83 3.44 -11.06
N VAL B 50 -16.63 3.12 -9.79
CA VAL B 50 -17.30 2.03 -9.17
C VAL B 50 -17.92 2.51 -7.87
N GLN B 51 -19.12 2.04 -7.63
CA GLN B 51 -19.81 2.30 -6.38
C GLN B 51 -20.46 0.96 -5.87
N ILE B 52 -20.04 0.53 -4.68
CA ILE B 52 -20.50 -0.69 -4.03
C ILE B 52 -21.28 -0.21 -2.80
N THR B 53 -22.57 -0.59 -2.73
CA THR B 53 -23.47 -0.20 -1.64
C THR B 53 -23.70 -1.45 -0.82
N LEU B 54 -23.31 -1.44 0.45
CA LEU B 54 -23.56 -2.56 1.34
C LEU B 54 -24.66 -2.19 2.30
N THR B 55 -25.72 -2.97 2.29
CA THR B 55 -26.93 -2.60 2.98
C THR B 55 -27.05 -3.56 4.11
N PHE B 56 -27.27 -3.02 5.31
CA PHE B 56 -27.27 -3.78 6.58
C PHE B 56 -28.66 -4.00 7.18
N GLU B 57 -28.73 -4.91 8.14
CA GLU B 57 -29.97 -5.20 8.88
C GLU B 57 -30.41 -3.94 9.64
N SER B 58 -31.72 -3.74 9.76
CA SER B 58 -32.22 -2.56 10.45
C SER B 58 -31.90 -2.79 11.91
N GLY B 59 -31.55 -1.72 12.62
CA GLY B 59 -31.06 -1.81 13.99
C GLY B 59 -29.53 -1.81 14.06
N THR B 60 -28.85 -2.16 12.97
CA THR B 60 -27.39 -2.17 12.94
C THR B 60 -26.83 -0.80 13.21
N ASP B 61 -25.74 -0.76 13.96
CA ASP B 61 -25.09 0.51 14.25
C ASP B 61 -24.23 0.91 13.05
N ALA B 62 -24.56 2.03 12.43
CA ALA B 62 -23.88 2.47 11.21
C ALA B 62 -22.39 2.73 11.37
N ASP B 63 -21.97 3.21 12.54
CA ASP B 63 -20.56 3.42 12.82
C ASP B 63 -19.83 2.12 12.74
N ILE B 64 -20.45 1.06 13.24
CA ILE B 64 -19.79 -0.25 13.36
C ILE B 64 -19.70 -0.87 11.97
N ALA B 65 -20.79 -0.76 11.21
CA ALA B 65 -20.81 -1.26 9.82
C ALA B 65 -19.76 -0.53 8.99
N GLN B 66 -19.74 0.78 9.12
CA GLN B 66 -18.76 1.58 8.43
C GLN B 66 -17.34 1.11 8.73
N VAL B 67 -17.01 0.99 10.01
CA VAL B 67 -15.68 0.64 10.42
C VAL B 67 -15.37 -0.75 9.86
N GLN B 68 -16.30 -1.71 10.03
CA GLN B 68 -16.01 -3.08 9.61
C GLN B 68 -15.75 -3.08 8.11
N VAL B 69 -16.58 -2.38 7.36
CA VAL B 69 -16.33 -2.21 5.94
C VAL B 69 -14.97 -1.56 5.60
N GLN B 70 -14.64 -0.46 6.27
CA GLN B 70 -13.40 0.27 6.04
C GLN B 70 -12.21 -0.64 6.28
N ASN B 71 -12.28 -1.40 7.35
CA ASN B 71 -11.20 -2.31 7.66
C ASN B 71 -11.05 -3.44 6.65
N LYS B 72 -12.14 -3.93 6.10
CA LYS B 72 -11.97 -4.96 5.11
C LYS B 72 -11.41 -4.36 3.88
N LEU B 73 -11.81 -3.13 3.58
CA LEU B 73 -11.31 -2.49 2.37
C LEU B 73 -9.82 -2.20 2.48
N GLN B 74 -9.37 -1.78 3.67
CA GLN B 74 -7.96 -1.54 3.94
C GLN B 74 -7.09 -2.77 3.63
N LEU B 75 -7.54 -3.96 4.01
CA LEU B 75 -6.76 -5.19 3.75
C LEU B 75 -6.82 -5.65 2.31
N ALA B 76 -7.86 -5.26 1.57
CA ALA B 76 -7.93 -5.42 0.15
C ALA B 76 -7.21 -4.33 -0.65
N MET B 77 -6.87 -3.21 -0.02
CA MET B 77 -6.28 -2.09 -0.77
C MET B 77 -5.08 -2.50 -1.66
N PRO B 78 -4.22 -3.45 -1.20
CA PRO B 78 -3.03 -3.79 -2.03
C PRO B 78 -3.24 -4.69 -3.26
N LEU B 79 -4.45 -5.19 -3.44
CA LEU B 79 -4.84 -5.99 -4.54
C LEU B 79 -5.39 -5.07 -5.64
N LEU B 80 -5.60 -3.78 -5.35
CA LEU B 80 -6.13 -2.92 -6.36
C LEU B 80 -4.99 -2.33 -7.22
N PRO B 81 -5.33 -1.88 -8.44
CA PRO B 81 -4.37 -1.17 -9.25
C PRO B 81 -3.88 0.10 -8.57
N GLN B 82 -2.61 0.43 -8.78
CA GLN B 82 -1.97 1.62 -8.21
C GLN B 82 -2.76 2.89 -8.63
N GLU B 83 -3.17 2.95 -9.91
CA GLU B 83 -3.99 4.06 -10.41
C GLU B 83 -5.25 4.27 -9.58
N VAL B 84 -5.85 3.20 -9.10
CA VAL B 84 -7.07 3.34 -8.29
C VAL B 84 -6.78 3.79 -6.89
N GLN B 85 -5.78 3.19 -6.26
CA GLN B 85 -5.44 3.50 -4.86
C GLN B 85 -5.11 4.99 -4.70
N GLN B 86 -4.32 5.53 -5.65
CA GLN B 86 -3.81 6.90 -5.56
C GLN B 86 -4.89 7.95 -5.87
N GLN B 87 -6.03 7.55 -6.40
CA GLN B 87 -7.21 8.44 -6.40
C GLN B 87 -7.83 8.61 -5.03
N GLY B 88 -7.63 7.67 -4.11
CA GLY B 88 -8.34 7.70 -2.85
C GLY B 88 -9.70 7.03 -2.97
N VAL B 89 -9.88 6.02 -2.16
CA VAL B 89 -11.13 5.30 -2.08
C VAL B 89 -11.90 5.91 -0.93
N SER B 90 -13.19 6.12 -1.10
CA SER B 90 -13.96 6.63 0.00
C SER B 90 -14.95 5.58 0.51
N VAL B 91 -15.28 5.69 1.80
CA VAL B 91 -16.29 4.88 2.44
C VAL B 91 -17.19 5.75 3.32
N GLU B 92 -18.48 5.66 3.07
CA GLU B 92 -19.45 6.60 3.62
C GLU B 92 -20.76 5.94 4.13
N LYS B 93 -21.31 6.51 5.17
CA LYS B 93 -22.53 6.04 5.79
C LYS B 93 -23.38 7.22 5.52
N SER B 94 -24.16 7.18 4.46
CA SER B 94 -25.14 8.23 4.33
C SER B 94 -26.37 7.82 3.56
N SER B 95 -27.38 8.64 3.84
CA SER B 95 -28.53 8.78 2.99
C SER B 95 -28.11 8.89 1.54
N SER B 96 -28.92 8.35 0.66
CA SER B 96 -28.69 8.51 -0.79
C SER B 96 -29.16 9.86 -1.32
N SER B 97 -30.22 10.43 -0.72
CA SER B 97 -30.79 11.79 -1.03
C SER B 97 -30.06 13.02 -0.41
N PHE B 98 -30.06 14.14 -1.13
CA PHE B 98 -29.49 15.41 -0.61
C PHE B 98 -30.32 16.10 0.46
N LEU B 99 -29.65 16.57 1.52
CA LEU B 99 -30.21 17.39 2.58
C LEU B 99 -30.28 18.83 2.13
N MET B 100 -29.23 19.32 1.47
CA MET B 100 -29.26 20.64 0.88
C MET B 100 -28.25 20.81 -0.22
N VAL B 101 -28.44 21.86 -1.02
CA VAL B 101 -27.47 22.27 -2.03
C VAL B 101 -26.97 23.68 -1.73
N VAL B 102 -25.66 23.87 -1.74
CA VAL B 102 -25.07 25.17 -1.55
C VAL B 102 -24.71 25.62 -2.93
N GLY B 103 -25.38 26.66 -3.40
CA GLY B 103 -25.08 27.19 -4.76
C GLY B 103 -24.00 28.23 -4.67
N VAL B 104 -23.14 28.33 -5.67
CA VAL B 104 -22.21 29.45 -5.73
C VAL B 104 -22.19 30.04 -7.12
N ILE B 105 -22.26 31.39 -7.20
CA ILE B 105 -22.26 32.18 -8.46
C ILE B 105 -21.28 33.37 -8.44
N ASN B 106 -21.01 33.96 -9.59
CA ASN B 106 -20.34 35.25 -9.65
C ASN B 106 -21.23 36.34 -10.26
N THR B 107 -21.83 37.18 -9.41
CA THR B 107 -22.75 38.26 -9.86
C THR B 107 -22.10 39.32 -10.79
N ASP B 108 -20.78 39.50 -10.73
CA ASP B 108 -20.06 40.36 -11.69
C ASP B 108 -19.63 39.61 -12.95
N GLY B 109 -20.17 38.43 -13.25
CA GLY B 109 -19.47 37.46 -14.14
C GLY B 109 -17.94 37.52 -14.44
N THR B 110 -17.08 37.73 -13.42
CA THR B 110 -15.60 37.80 -13.63
C THR B 110 -14.97 36.37 -13.76
N MET B 111 -15.70 35.38 -13.23
CA MET B 111 -15.24 34.01 -13.05
C MET B 111 -16.13 33.07 -13.86
N THR B 112 -15.52 32.15 -14.62
CA THR B 112 -16.30 31.18 -15.37
C THR B 112 -16.86 30.06 -14.48
N GLN B 113 -17.63 29.16 -15.09
CA GLN B 113 -18.07 27.94 -14.43
C GLN B 113 -16.87 27.18 -13.80
N GLU B 114 -15.73 27.15 -14.48
CA GLU B 114 -14.60 26.37 -14.02
C GLU B 114 -13.92 27.06 -12.84
N ASP B 115 -13.66 28.36 -12.94
CA ASP B 115 -13.08 29.12 -11.84
C ASP B 115 -13.91 29.02 -10.56
N ILE B 116 -15.24 29.01 -10.66
CA ILE B 116 -16.09 28.89 -9.46
C ILE B 116 -15.96 27.49 -8.82
N SER B 117 -16.02 26.45 -9.63
CA SER B 117 -15.84 25.08 -9.20
C SER B 117 -14.49 24.82 -8.48
N ASP B 118 -13.41 25.38 -9.04
CA ASP B 118 -12.12 25.41 -8.35
C ASP B 118 -12.15 26.23 -7.07
N TYR B 119 -12.71 27.44 -7.09
CA TYR B 119 -12.79 28.23 -5.86
C TYR B 119 -13.48 27.35 -4.79
N VAL B 120 -14.57 26.68 -5.17
CA VAL B 120 -15.38 25.91 -4.22
C VAL B 120 -14.53 24.73 -3.73
N ALA B 121 -13.91 24.03 -4.67
CA ALA B 121 -13.13 22.85 -4.33
C ALA B 121 -11.98 23.18 -3.40
N ALA B 122 -11.30 24.30 -3.64
CA ALA B 122 -10.05 24.57 -2.98
C ALA B 122 -10.21 25.37 -1.70
N ASN B 123 -11.37 26.03 -1.53
CA ASN B 123 -11.61 26.95 -0.39
C ASN B 123 -12.77 26.69 0.51
N MET B 124 -13.71 25.86 0.06
CA MET B 124 -14.95 25.67 0.77
C MET B 124 -15.26 24.22 1.08
N LYS B 125 -14.96 23.30 0.16
CA LYS B 125 -15.46 21.92 0.31
C LYS B 125 -14.98 21.11 1.52
N ASP B 126 -13.69 21.21 1.82
CA ASP B 126 -13.11 20.40 2.86
C ASP B 126 -13.68 20.79 4.19
N ALA B 127 -13.85 22.09 4.44
CA ALA B 127 -14.43 22.50 5.70
C ALA B 127 -15.90 22.15 5.82
N ILE B 128 -16.64 22.22 4.75
CA ILE B 128 -17.96 21.69 4.80
C ILE B 128 -17.94 20.20 5.10
N SER B 129 -17.04 19.46 4.46
CA SER B 129 -16.96 17.99 4.64
C SER B 129 -16.58 17.54 6.05
N ARG B 130 -15.99 18.45 6.84
CA ARG B 130 -15.55 18.13 8.18
C ARG B 130 -16.55 18.62 9.20
N THR B 131 -17.66 19.20 8.74
CA THR B 131 -18.71 19.60 9.66
C THR B 131 -19.44 18.35 10.14
N SER B 132 -19.85 18.32 11.41
CA SER B 132 -20.49 17.11 11.94
C SER B 132 -21.90 16.95 11.40
N GLY B 133 -22.17 15.72 10.99
CA GLY B 133 -23.42 15.36 10.35
C GLY B 133 -23.36 15.25 8.83
N VAL B 134 -22.28 15.74 8.24
CA VAL B 134 -22.14 15.73 6.81
C VAL B 134 -21.56 14.39 6.36
N GLY B 135 -22.44 13.62 5.70
CA GLY B 135 -22.15 12.27 5.30
C GLY B 135 -21.35 12.16 4.03
N ASP B 136 -21.65 13.05 3.09
CA ASP B 136 -21.16 12.97 1.73
C ASP B 136 -21.32 14.35 1.13
N VAL B 137 -20.32 14.78 0.37
CA VAL B 137 -20.35 16.06 -0.30
C VAL B 137 -20.04 15.84 -1.76
N GLN B 138 -20.97 16.21 -2.61
CA GLN B 138 -20.78 16.16 -4.06
C GLN B 138 -20.46 17.56 -4.62
N LEU B 139 -19.24 17.73 -5.13
CA LEU B 139 -18.93 18.95 -5.83
C LEU B 139 -19.61 18.92 -7.20
N PHE B 140 -20.37 19.98 -7.54
CA PHE B 140 -20.97 20.09 -8.88
C PHE B 140 -20.00 20.81 -9.80
N GLY B 141 -18.93 20.09 -10.12
CA GLY B 141 -17.80 20.67 -10.84
C GLY B 141 -16.53 19.89 -10.52
N SER B 142 -15.37 20.41 -10.89
CA SER B 142 -14.10 19.74 -10.59
C SER B 142 -13.07 20.74 -10.03
N GLN B 143 -12.22 20.30 -9.12
CA GLN B 143 -11.07 21.12 -8.67
C GLN B 143 -10.10 21.23 -9.86
N TYR B 144 -9.35 22.32 -9.92
CA TYR B 144 -8.31 22.42 -10.93
C TYR B 144 -7.23 21.36 -10.72
N ALA B 145 -6.72 20.82 -11.82
CA ALA B 145 -5.41 20.17 -11.89
C ALA B 145 -4.51 21.01 -12.81
N MET B 146 -3.21 20.73 -12.78
CA MET B 146 -2.35 21.25 -13.80
C MET B 146 -2.57 20.33 -14.99
N ARG B 147 -3.15 20.87 -16.08
CA ARG B 147 -3.38 20.10 -17.30
C ARG B 147 -2.27 20.32 -18.29
N ILE B 148 -1.60 19.22 -18.66
CA ILE B 148 -0.65 19.13 -19.74
C ILE B 148 -1.39 18.48 -20.91
N TRP B 149 -1.68 19.28 -21.94
CA TRP B 149 -2.46 18.87 -23.13
C TRP B 149 -1.52 18.61 -24.32
N MET B 150 -1.25 17.33 -24.58
CA MET B 150 -0.14 16.92 -25.44
C MET B 150 -0.55 17.06 -26.90
N ASN B 151 0.43 17.44 -27.73
CA ASN B 151 0.32 17.45 -29.19
C ASN B 151 1.13 16.30 -29.84
N PRO B 152 0.45 15.33 -30.45
CA PRO B 152 1.16 14.20 -30.98
C PRO B 152 2.06 14.49 -32.18
N ASN B 153 1.82 15.60 -32.91
CA ASN B 153 2.67 15.91 -34.07
C ASN B 153 3.98 16.49 -33.54
N GLU B 154 3.92 17.36 -32.54
CA GLU B 154 5.14 17.91 -31.95
C GLU B 154 5.94 16.87 -31.15
N LEU B 155 5.25 15.93 -30.48
CA LEU B 155 5.95 14.86 -29.76
C LEU B 155 6.73 14.01 -30.73
N ASN B 156 6.14 13.71 -31.89
CA ASN B 156 6.81 12.90 -32.91
C ASN B 156 8.04 13.63 -33.51
N LYS B 157 7.87 14.92 -33.79
CA LYS B 157 8.91 15.77 -34.34
C LYS B 157 10.22 15.76 -33.57
N PHE B 158 10.13 15.79 -32.23
CA PHE B 158 11.31 15.61 -31.37
C PHE B 158 11.53 14.15 -30.87
N GLN B 159 10.86 13.15 -31.45
CA GLN B 159 11.05 11.72 -31.08
C GLN B 159 10.76 11.41 -29.59
N LEU B 160 9.64 11.94 -29.11
CA LEU B 160 9.18 11.85 -27.75
C LEU B 160 7.79 11.21 -27.76
N THR B 161 7.45 10.63 -26.60
CA THR B 161 6.14 10.06 -26.32
C THR B 161 5.54 10.56 -24.98
N PRO B 162 4.27 10.21 -24.71
CA PRO B 162 3.72 10.57 -23.38
C PRO B 162 4.48 9.96 -22.24
N VAL B 163 5.09 8.78 -22.45
CA VAL B 163 5.98 8.17 -21.44
C VAL B 163 7.13 9.12 -21.04
N ASP B 164 7.73 9.79 -22.04
CA ASP B 164 8.82 10.74 -21.77
C ASP B 164 8.35 11.99 -21.01
N VAL B 165 7.16 12.46 -21.34
CA VAL B 165 6.60 13.63 -20.66
C VAL B 165 6.34 13.30 -19.20
N ILE B 166 5.78 12.11 -18.97
CA ILE B 166 5.40 11.65 -17.63
C ILE B 166 6.67 11.51 -16.83
N THR B 167 7.65 10.82 -17.40
CA THR B 167 8.91 10.61 -16.73
C THR B 167 9.52 11.96 -16.32
N ALA B 168 9.47 12.91 -17.24
CA ALA B 168 10.08 14.20 -16.99
C ALA B 168 9.32 15.03 -15.94
N ILE B 169 8.01 14.90 -15.87
CA ILE B 169 7.22 15.62 -14.88
C ILE B 169 7.48 15.06 -13.51
N LYS B 170 7.66 13.75 -13.39
CA LYS B 170 7.96 13.17 -12.10
C LYS B 170 9.34 13.57 -11.61
N ALA B 171 10.26 13.79 -12.54
CA ALA B 171 11.61 14.17 -12.17
C ALA B 171 11.73 15.67 -11.85
N GLN B 172 10.91 16.52 -12.47
CA GLN B 172 11.07 17.99 -12.36
C GLN B 172 9.93 18.76 -11.65
N ASN B 173 8.89 18.03 -11.26
CA ASN B 173 7.89 18.49 -10.31
C ASN B 173 7.99 17.54 -9.17
N ALA B 174 9.07 17.68 -8.42
CA ALA B 174 9.42 16.76 -7.35
C ALA B 174 9.60 17.61 -6.11
N GLN B 175 9.43 16.98 -4.95
CA GLN B 175 9.63 17.61 -3.65
C GLN B 175 10.61 16.73 -2.92
N VAL B 176 11.84 17.20 -2.76
CA VAL B 176 12.98 16.38 -2.30
C VAL B 176 13.41 16.58 -0.83
N ALA B 177 13.60 15.46 -0.15
CA ALA B 177 14.15 15.37 1.21
C ALA B 177 15.65 15.26 1.11
N ALA B 178 16.32 16.33 1.53
CA ALA B 178 17.75 16.51 1.30
C ALA B 178 18.55 16.62 2.58
N GLY B 179 17.90 16.59 3.73
CA GLY B 179 18.58 16.51 5.03
C GLY B 179 19.07 17.87 5.48
N GLN B 180 20.16 17.88 6.22
CA GLN B 180 20.67 19.11 6.80
C GLN B 180 22.17 19.27 6.74
N LEU B 181 22.59 20.52 6.70
CA LEU B 181 23.93 20.93 7.12
C LEU B 181 24.02 20.86 8.66
N GLY B 182 25.09 20.27 9.17
CA GLY B 182 25.27 20.11 10.60
C GLY B 182 24.22 19.21 11.20
N GLY B 183 23.71 18.27 10.43
CA GLY B 183 22.68 17.37 10.91
C GLY B 183 23.23 16.36 11.92
N THR B 184 22.33 15.79 12.72
CA THR B 184 22.69 14.76 13.68
C THR B 184 22.96 13.33 13.08
N PRO B 185 23.91 12.58 13.59
CA PRO B 185 24.83 13.02 14.66
C PRO B 185 25.90 13.87 14.01
N PRO B 186 26.33 14.95 14.67
CA PRO B 186 27.28 15.86 14.08
C PRO B 186 28.68 15.63 14.61
N VAL B 187 29.66 16.15 13.90
CA VAL B 187 31.01 16.19 14.42
C VAL B 187 31.10 17.22 15.58
N LYS B 188 32.13 17.05 16.42
CA LYS B 188 32.41 18.00 17.50
C LYS B 188 32.86 19.37 16.92
N GLY B 189 32.36 20.45 17.53
CA GLY B 189 32.67 21.83 17.16
C GLY B 189 31.84 22.43 16.04
N GLN B 190 30.75 21.75 15.65
CA GLN B 190 29.89 22.20 14.55
C GLN B 190 29.12 23.44 15.00
N GLN B 191 29.17 24.51 14.23
CA GLN B 191 28.53 25.79 14.64
C GLN B 191 27.21 26.09 13.96
N LEU B 192 27.05 25.48 12.78
CA LEU B 192 25.98 25.76 11.85
C LEU B 192 25.06 24.54 11.68
N ASN B 193 23.76 24.81 11.82
CA ASN B 193 22.73 23.91 11.44
C ASN B 193 21.72 24.62 10.53
N ALA B 194 21.38 23.98 9.42
CA ALA B 194 20.41 24.51 8.47
C ALA B 194 19.83 23.41 7.58
N SER B 195 18.55 23.54 7.26
CA SER B 195 17.92 22.60 6.34
C SER B 195 18.53 22.81 4.93
N ILE B 196 18.76 21.71 4.21
CA ILE B 196 19.03 21.75 2.74
C ILE B 196 17.71 21.68 1.99
N ILE B 197 17.53 22.58 1.04
CA ILE B 197 16.33 22.63 0.24
C ILE B 197 16.77 22.35 -1.15
N ALA B 198 16.19 21.32 -1.78
CA ALA B 198 16.48 20.99 -3.18
C ALA B 198 15.19 21.29 -3.96
N GLN B 199 14.83 20.47 -4.93
CA GLN B 199 13.60 20.67 -5.68
C GLN B 199 12.35 20.74 -4.77
N THR B 200 11.47 21.71 -5.05
CA THR B 200 10.13 21.74 -4.51
C THR B 200 9.14 21.60 -5.68
N ARG B 201 7.91 21.22 -5.35
CA ARG B 201 6.82 21.22 -6.32
C ARG B 201 6.74 22.53 -7.10
N LEU B 202 6.31 22.40 -8.34
CA LEU B 202 6.06 23.52 -9.20
C LEU B 202 4.68 24.09 -8.88
N THR B 203 4.50 25.37 -9.18
CA THR B 203 3.34 26.14 -8.71
C THR B 203 2.63 26.89 -9.79
N SER B 204 3.11 26.80 -11.01
CA SER B 204 2.57 27.61 -12.06
C SER B 204 2.71 26.93 -13.40
N THR B 205 1.86 27.37 -14.33
CA THR B 205 1.89 26.90 -15.71
C THR B 205 3.26 27.28 -16.33
N GLU B 206 3.77 28.45 -15.94
CA GLU B 206 5.13 28.88 -16.35
C GLU B 206 6.13 27.80 -16.00
N GLU B 207 6.08 27.28 -14.77
CA GLU B 207 7.12 26.34 -14.33
C GLU B 207 7.05 24.98 -15.01
N PHE B 208 5.85 24.51 -15.25
CA PHE B 208 5.64 23.25 -15.97
C PHE B 208 6.10 23.41 -17.38
N GLY B 209 5.84 24.59 -17.96
CA GLY B 209 6.19 24.85 -19.33
C GLY B 209 7.67 24.78 -19.61
N LYS B 210 8.51 25.03 -18.60
CA LYS B 210 9.99 25.00 -18.82
C LYS B 210 10.63 23.71 -18.32
N ILE B 211 9.81 22.73 -17.98
CA ILE B 211 10.33 21.39 -17.77
C ILE B 211 11.11 21.05 -19.04
N LEU B 212 12.30 20.51 -18.85
CA LEU B 212 13.24 20.28 -19.93
C LEU B 212 13.11 18.85 -20.30
N LEU B 213 12.49 18.61 -21.46
CA LEU B 213 12.33 17.23 -21.96
C LEU B 213 13.66 16.63 -22.48
N LYS B 214 14.42 17.42 -23.24
CA LYS B 214 15.62 16.90 -23.93
C LYS B 214 16.42 17.99 -24.61
N VAL B 215 17.72 17.74 -24.68
CA VAL B 215 18.64 18.65 -25.34
C VAL B 215 18.96 17.96 -26.66
N ASN B 216 18.71 18.61 -27.80
CA ASN B 216 19.04 18.01 -29.13
C ASN B 216 20.56 17.83 -29.31
N GLN B 217 21.00 17.04 -30.30
CA GLN B 217 22.46 16.82 -30.51
C GLN B 217 23.17 18.13 -30.95
N ASP B 218 22.42 19.05 -31.55
CA ASP B 218 22.91 20.40 -31.93
C ASP B 218 22.93 21.48 -30.81
N GLY B 219 22.48 21.13 -29.60
CA GLY B 219 22.48 22.05 -28.45
C GLY B 219 21.13 22.63 -28.02
N SER B 220 20.17 22.78 -28.95
CA SER B 220 18.88 23.40 -28.58
C SER B 220 18.04 22.54 -27.59
N ARG B 221 16.99 23.15 -27.08
CA ARG B 221 16.27 22.66 -25.94
C ARG B 221 14.85 22.37 -26.34
N VAL B 222 14.34 21.23 -25.90
CA VAL B 222 12.91 20.95 -26.09
C VAL B 222 12.24 21.03 -24.72
N LEU B 223 11.42 22.04 -24.52
CA LEU B 223 10.70 22.21 -23.27
C LEU B 223 9.28 21.60 -23.42
N LEU B 224 8.67 21.30 -22.29
CA LEU B 224 7.32 20.77 -22.31
C LEU B 224 6.31 21.70 -23.04
N ARG B 225 6.47 23.01 -22.99
CA ARG B 225 5.57 23.90 -23.73
C ARG B 225 5.68 23.79 -25.27
N ASP B 226 6.76 23.16 -25.74
CA ASP B 226 6.97 22.84 -27.15
C ASP B 226 6.25 21.61 -27.67
N VAL B 227 5.76 20.76 -26.78
CA VAL B 227 4.96 19.58 -27.17
C VAL B 227 3.54 19.55 -26.57
N ALA B 228 3.17 20.60 -25.82
CA ALA B 228 1.96 20.63 -25.02
C ALA B 228 1.48 22.04 -24.72
N LYS B 229 0.18 22.24 -24.73
CA LYS B 229 -0.47 23.40 -24.09
C LYS B 229 -0.64 23.18 -22.58
N ILE B 230 -0.42 24.20 -21.79
CA ILE B 230 -0.29 24.07 -20.34
C ILE B 230 -1.23 25.04 -19.68
N GLU B 231 -2.26 24.53 -19.01
CA GLU B 231 -3.27 25.36 -18.32
C GLU B 231 -3.82 24.68 -17.08
N LEU B 232 -4.29 25.48 -16.12
CA LEU B 232 -5.14 24.96 -15.09
C LEU B 232 -6.49 24.53 -15.69
N GLY B 233 -6.94 23.31 -15.39
CA GLY B 233 -8.28 22.81 -15.79
C GLY B 233 -8.77 21.66 -14.91
N GLY B 234 -10.04 21.30 -14.94
CA GLY B 234 -10.56 20.29 -14.05
C GLY B 234 -9.85 18.95 -14.09
N GLU B 235 -9.83 18.26 -12.95
CA GLU B 235 -9.43 16.86 -12.91
C GLU B 235 -10.28 16.06 -13.89
N ASN B 236 -11.54 16.43 -13.99
CA ASN B 236 -12.37 16.01 -15.12
C ASN B 236 -13.29 17.17 -15.52
N TYR B 237 -14.09 16.91 -16.55
CA TYR B 237 -14.91 17.89 -17.21
C TYR B 237 -16.35 17.41 -17.35
N ASP B 238 -16.77 16.47 -16.50
CA ASP B 238 -18.08 15.85 -16.66
C ASP B 238 -19.25 16.52 -16.03
N ILE B 239 -19.04 17.44 -15.07
CA ILE B 239 -20.15 18.06 -14.34
C ILE B 239 -20.09 19.56 -14.42
N ILE B 240 -21.13 20.14 -15.03
CA ILE B 240 -21.26 21.56 -15.24
C ILE B 240 -22.60 21.91 -14.67
N ALA B 241 -22.70 23.04 -13.98
CA ALA B 241 -23.95 23.47 -13.36
C ALA B 241 -24.34 24.91 -13.67
N GLU B 242 -25.64 25.17 -13.68
CA GLU B 242 -26.17 26.53 -13.81
C GLU B 242 -27.21 26.86 -12.71
N PHE B 243 -27.35 28.15 -12.44
CA PHE B 243 -28.35 28.67 -11.48
C PHE B 243 -29.12 29.73 -12.24
N ASN B 244 -30.42 29.52 -12.43
CA ASN B 244 -31.19 30.36 -13.32
C ASN B 244 -30.49 30.73 -14.60
N GLY B 245 -29.84 29.77 -15.22
CA GLY B 245 -29.26 29.94 -16.53
C GLY B 245 -27.88 30.54 -16.51
N GLN B 246 -27.38 30.98 -15.35
CA GLN B 246 -26.01 31.54 -15.32
C GLN B 246 -24.98 30.53 -14.75
N PRO B 247 -23.68 30.72 -15.03
CA PRO B 247 -22.67 29.78 -14.54
C PRO B 247 -22.67 29.64 -13.02
N ALA B 248 -22.48 28.42 -12.54
CA ALA B 248 -22.47 28.13 -11.12
C ALA B 248 -21.61 26.92 -10.81
N SER B 249 -21.19 26.79 -9.57
CA SER B 249 -20.77 25.51 -9.03
C SER B 249 -21.56 25.27 -7.77
N GLY B 250 -21.26 24.22 -7.03
CA GLY B 250 -21.89 24.08 -5.70
C GLY B 250 -21.56 22.78 -5.00
N LEU B 251 -22.27 22.50 -3.91
CA LEU B 251 -22.02 21.31 -3.11
C LEU B 251 -23.33 20.68 -2.79
N GLY B 252 -23.50 19.43 -3.18
CA GLY B 252 -24.68 18.66 -2.81
C GLY B 252 -24.33 17.96 -1.51
N ILE B 253 -25.09 18.21 -0.46
CA ILE B 253 -24.69 17.71 0.84
C ILE B 253 -25.70 16.70 1.33
N LYS B 254 -25.20 15.57 1.82
CA LYS B 254 -26.05 14.46 2.29
C LYS B 254 -25.85 14.32 3.76
N LEU B 255 -26.93 13.96 4.45
CA LEU B 255 -26.92 13.82 5.90
C LEU B 255 -26.34 12.48 6.28
N ALA B 256 -25.35 12.48 7.17
CA ALA B 256 -24.82 11.22 7.78
C ALA B 256 -25.90 10.43 8.50
N THR B 257 -25.90 9.10 8.27
CA THR B 257 -26.90 8.21 8.87
C THR B 257 -26.91 8.55 10.35
N GLY B 258 -28.12 8.87 10.83
CA GLY B 258 -28.39 9.07 12.25
C GLY B 258 -28.16 10.46 12.81
N ALA B 259 -27.68 11.39 12.00
CA ALA B 259 -27.39 12.75 12.49
C ALA B 259 -28.66 13.61 12.49
N ASN B 260 -28.64 14.73 13.19
CA ASN B 260 -29.75 15.63 13.11
C ASN B 260 -29.79 16.51 11.81
N ALA B 261 -30.86 16.41 11.02
CA ALA B 261 -31.05 17.32 9.84
C ALA B 261 -30.94 18.80 10.16
N LEU B 262 -31.64 19.25 11.20
CA LEU B 262 -31.68 20.69 11.49
C LEU B 262 -30.39 21.25 12.05
N ASP B 263 -29.80 20.53 12.99
CA ASP B 263 -28.51 20.92 13.58
C ASP B 263 -27.43 20.98 12.51
N THR B 264 -27.36 19.92 11.69
CA THR B 264 -26.41 19.82 10.57
C THR B 264 -26.51 21.01 9.59
N ALA B 265 -27.70 21.41 9.18
CA ALA B 265 -27.86 22.56 8.27
C ALA B 265 -27.52 23.92 8.88
N ALA B 266 -27.78 24.10 10.17
CA ALA B 266 -27.33 25.30 10.93
C ALA B 266 -25.79 25.38 10.97
N ALA B 267 -25.14 24.28 11.32
CA ALA B 267 -23.70 24.18 11.35
C ALA B 267 -23.09 24.50 10.02
N ILE B 268 -23.73 24.01 8.94
CA ILE B 268 -23.24 24.29 7.59
C ILE B 268 -23.32 25.78 7.30
N ARG B 269 -24.43 26.40 7.67
CA ARG B 269 -24.64 27.80 7.37
C ARG B 269 -23.62 28.68 8.10
N ALA B 270 -23.31 28.29 9.33
CA ALA B 270 -22.36 28.97 10.22
C ALA B 270 -20.96 28.89 9.67
N GLU B 271 -20.61 27.71 9.13
CA GLU B 271 -19.33 27.51 8.47
C GLU B 271 -19.27 28.31 7.19
N LEU B 272 -20.35 28.36 6.44
CA LEU B 272 -20.41 29.26 5.27
C LEU B 272 -20.24 30.73 5.65
N ALA B 273 -20.82 31.14 6.78
CA ALA B 273 -20.67 32.54 7.28
C ALA B 273 -19.21 32.91 7.53
N LYS B 274 -18.42 31.98 8.07
CA LYS B 274 -16.95 32.15 8.17
C LYS B 274 -16.18 32.36 6.86
N MET B 275 -16.60 31.75 5.76
CA MET B 275 -15.85 31.90 4.51
C MET B 275 -16.24 33.09 3.64
N GLU B 276 -17.47 33.61 3.77
CA GLU B 276 -17.96 34.75 2.92
C GLU B 276 -17.03 35.97 2.80
N PRO B 277 -16.50 36.46 3.94
CA PRO B 277 -15.68 37.69 3.88
C PRO B 277 -14.43 37.62 3.03
N PHE B 278 -13.95 36.41 2.78
CA PHE B 278 -12.70 36.20 2.09
C PHE B 278 -12.93 35.83 0.62
N PHE B 279 -14.20 35.77 0.20
CA PHE B 279 -14.55 35.50 -1.19
C PHE B 279 -13.97 36.60 -2.05
N PRO B 280 -13.57 36.28 -3.27
CA PRO B 280 -13.33 37.32 -4.27
C PRO B 280 -14.59 38.10 -4.59
N SER B 281 -14.38 39.25 -5.21
CA SER B 281 -15.50 40.10 -5.55
C SER B 281 -16.28 39.33 -6.61
N GLY B 282 -17.60 39.35 -6.43
CA GLY B 282 -18.55 38.74 -7.35
C GLY B 282 -19.19 37.49 -6.78
N LEU B 283 -18.42 36.75 -5.98
CA LEU B 283 -18.85 35.49 -5.47
C LEU B 283 -19.93 35.68 -4.43
N LYS B 284 -20.95 34.86 -4.56
CA LYS B 284 -22.12 34.96 -3.77
C LYS B 284 -22.61 33.50 -3.57
N ILE B 285 -23.11 33.23 -2.39
CA ILE B 285 -23.78 32.00 -2.08
C ILE B 285 -25.28 32.16 -2.32
N VAL B 286 -25.88 31.14 -2.95
CA VAL B 286 -27.31 31.08 -3.12
C VAL B 286 -27.70 29.71 -2.58
N TYR B 287 -28.91 29.60 -2.01
CA TYR B 287 -29.42 28.38 -1.34
C TYR B 287 -30.57 27.76 -2.16
N PRO B 288 -30.24 27.01 -3.24
CA PRO B 288 -31.27 26.58 -4.17
C PRO B 288 -32.04 25.32 -3.83
N TYR B 289 -31.71 24.64 -2.73
CA TYR B 289 -32.47 23.46 -2.33
C TYR B 289 -32.27 23.23 -0.83
N ASP B 290 -33.28 23.55 -0.02
CA ASP B 290 -33.32 23.29 1.44
C ASP B 290 -34.53 22.43 1.78
N THR B 291 -34.32 21.25 2.35
CA THR B 291 -35.41 20.43 2.86
C THR B 291 -35.67 20.88 4.31
N GLN B 309 -43.76 21.67 1.30
CA GLN B 309 -42.34 21.32 1.25
C GLN B 309 -41.48 22.50 0.74
N GLY B 310 -41.89 23.12 -0.36
CA GLY B 310 -41.17 24.30 -0.93
C GLY B 310 -40.09 24.04 -1.98
N VAL B 311 -39.80 22.75 -2.27
CA VAL B 311 -38.75 22.32 -3.20
C VAL B 311 -39.12 20.97 -3.81
N PHE B 312 -38.58 20.70 -4.99
CA PHE B 312 -38.60 19.38 -5.56
C PHE B 312 -37.45 19.22 -6.54
N MET B 313 -37.35 18.10 -7.24
CA MET B 313 -36.24 17.86 -8.18
C MET B 313 -36.78 17.46 -9.57
N THR B 314 -35.96 17.50 -10.61
CA THR B 314 -36.36 17.02 -11.89
C THR B 314 -35.23 16.19 -12.47
N MET B 315 -35.47 14.91 -12.66
CA MET B 315 -34.47 13.99 -13.19
C MET B 315 -34.47 14.05 -14.72
N VAL B 316 -33.29 13.94 -15.29
CA VAL B 316 -33.07 13.88 -16.72
C VAL B 316 -32.16 12.64 -16.99
N GLN B 317 -32.74 11.63 -17.63
CA GLN B 317 -32.04 10.41 -18.06
C GLN B 317 -32.20 10.29 -19.60
N LEU B 318 -31.11 10.50 -20.34
CA LEU B 318 -31.05 10.22 -21.77
C LEU B 318 -30.53 8.77 -21.98
N PRO B 319 -30.76 8.16 -23.16
CA PRO B 319 -30.19 6.81 -23.39
C PRO B 319 -28.68 6.90 -23.51
N ALA B 320 -27.98 5.82 -23.17
CA ALA B 320 -26.52 5.83 -23.08
C ALA B 320 -25.93 6.05 -24.48
N GLY B 321 -24.76 6.69 -24.51
CA GLY B 321 -24.17 7.19 -25.77
C GLY B 321 -24.28 8.69 -25.95
N ALA B 322 -25.33 9.28 -25.36
CA ALA B 322 -25.67 10.68 -25.51
C ALA B 322 -24.63 11.57 -24.84
N THR B 323 -24.18 12.61 -25.56
CA THR B 323 -23.13 13.54 -25.11
C THR B 323 -23.65 14.59 -24.13
N GLN B 324 -22.68 15.32 -23.57
CA GLN B 324 -22.93 16.52 -22.79
C GLN B 324 -23.88 17.49 -23.55
N GLU B 325 -23.65 17.69 -24.85
CA GLU B 325 -24.43 18.61 -25.64
C GLU B 325 -25.90 18.19 -25.75
N ARG B 326 -26.19 16.92 -26.02
CA ARG B 326 -27.61 16.47 -26.02
C ARG B 326 -28.27 16.72 -24.65
N THR B 327 -27.58 16.35 -23.57
CA THR B 327 -28.17 16.43 -22.23
C THR B 327 -28.44 17.90 -21.83
N GLN B 328 -27.52 18.79 -22.22
CA GLN B 328 -27.66 20.24 -22.01
C GLN B 328 -28.90 20.82 -22.70
N LYS B 329 -29.22 20.31 -23.88
CA LYS B 329 -30.39 20.77 -24.63
C LYS B 329 -31.67 20.39 -23.92
N VAL B 330 -31.72 19.19 -23.34
CA VAL B 330 -32.90 18.77 -22.57
C VAL B 330 -33.02 19.54 -21.26
N LEU B 331 -31.90 19.73 -20.56
CA LEU B 331 -31.88 20.56 -19.34
C LEU B 331 -32.34 22.01 -19.57
N ASN B 332 -31.98 22.56 -20.72
CA ASN B 332 -32.44 23.88 -21.10
C ASN B 332 -33.94 23.96 -21.24
N GLU B 333 -34.56 22.98 -21.89
CA GLU B 333 -36.01 22.94 -21.98
C GLU B 333 -36.69 22.86 -20.58
N VAL B 334 -36.11 22.03 -19.73
CA VAL B 334 -36.58 21.82 -18.38
C VAL B 334 -36.48 23.17 -17.62
N THR B 335 -35.30 23.79 -17.68
CA THR B 335 -35.00 25.06 -16.99
C THR B 335 -35.94 26.15 -17.54
N HIS B 336 -36.07 26.21 -18.86
CA HIS B 336 -36.97 27.15 -19.56
C HIS B 336 -38.44 27.12 -19.14
N TYR B 337 -38.94 25.92 -18.90
CA TYR B 337 -40.34 25.71 -18.60
C TYR B 337 -40.59 26.32 -17.21
N TYR B 338 -39.67 26.05 -16.29
CA TYR B 338 -39.78 26.56 -14.93
C TYR B 338 -39.60 28.11 -14.90
N LEU B 339 -38.67 28.60 -15.73
CA LEU B 339 -38.41 30.03 -15.80
C LEU B 339 -39.48 30.79 -16.60
N THR B 340 -40.29 30.12 -17.41
CA THR B 340 -41.30 30.82 -18.19
C THR B 340 -42.69 30.41 -17.75
N LYS B 341 -43.11 29.19 -18.04
CA LYS B 341 -44.43 28.69 -17.63
C LYS B 341 -44.69 28.70 -16.11
N GLU B 342 -43.69 28.57 -15.26
CA GLU B 342 -43.94 28.59 -13.81
C GLU B 342 -43.26 29.76 -13.10
N LYS B 343 -43.00 30.87 -13.81
CA LYS B 343 -42.48 32.14 -13.24
C LYS B 343 -43.02 32.42 -11.87
N ASN B 344 -44.35 32.34 -11.74
CA ASN B 344 -45.03 32.85 -10.54
C ASN B 344 -44.84 31.95 -9.34
N ASN B 345 -44.52 30.67 -9.53
CA ASN B 345 -44.21 29.81 -8.40
C ASN B 345 -42.78 29.43 -8.18
N VAL B 346 -41.90 29.60 -9.15
CA VAL B 346 -40.52 29.09 -9.03
C VAL B 346 -39.55 30.24 -8.77
N GLU B 347 -38.80 30.14 -7.68
CA GLU B 347 -37.84 31.14 -7.31
C GLU B 347 -36.59 30.84 -8.07
N SER B 348 -36.23 29.58 -8.21
CA SER B 348 -34.98 29.24 -8.87
C SER B 348 -34.86 27.79 -9.34
N VAL B 349 -33.89 27.59 -10.24
CA VAL B 349 -33.57 26.26 -10.74
C VAL B 349 -32.07 26.08 -10.69
N PHE B 350 -31.61 25.10 -9.94
CA PHE B 350 -30.20 24.79 -9.96
C PHE B 350 -30.07 23.52 -10.74
N ALA B 351 -29.36 23.57 -11.88
CA ALA B 351 -29.36 22.48 -12.84
C ALA B 351 -27.95 21.96 -13.05
N VAL B 352 -27.79 20.63 -13.01
CA VAL B 352 -26.50 20.02 -13.08
C VAL B 352 -26.44 19.03 -14.22
N ASN B 353 -25.55 19.28 -15.16
CA ASN B 353 -25.34 18.38 -16.29
C ASN B 353 -24.20 17.40 -16.05
N GLY B 354 -24.48 16.10 -16.11
CA GLY B 354 -23.52 15.06 -15.82
C GLY B 354 -23.64 14.27 -14.52
N PHE B 355 -24.58 14.64 -13.67
CA PHE B 355 -24.80 13.93 -12.42
C PHE B 355 -26.29 13.77 -12.37
N GLY B 356 -26.78 12.59 -12.01
CA GLY B 356 -28.23 12.35 -11.88
C GLY B 356 -28.61 11.57 -10.64
N PHE B 357 -29.93 11.49 -10.40
CA PHE B 357 -30.50 10.77 -9.24
C PHE B 357 -29.74 9.44 -8.98
N ALA B 358 -29.45 8.72 -10.07
CA ALA B 358 -28.74 7.43 -10.03
C ALA B 358 -27.22 7.50 -10.26
N GLY B 359 -26.54 8.50 -9.72
CA GLY B 359 -25.09 8.66 -9.97
C GLY B 359 -24.73 9.51 -11.18
N ARG B 360 -23.86 9.02 -12.07
CA ARG B 360 -23.04 9.88 -12.96
C ARG B 360 -22.77 9.41 -14.40
N GLY B 361 -22.95 10.30 -15.38
CA GLY B 361 -22.64 10.04 -16.79
C GLY B 361 -22.80 11.28 -17.68
N GLN B 362 -22.26 11.22 -18.91
CA GLN B 362 -22.49 12.24 -19.94
C GLN B 362 -23.96 12.38 -20.37
N ASN B 363 -24.77 11.36 -20.05
CA ASN B 363 -26.16 11.22 -20.49
C ASN B 363 -27.20 11.43 -19.40
N THR B 364 -26.80 12.02 -18.29
CA THR B 364 -27.74 12.23 -17.19
C THR B 364 -27.60 13.62 -16.61
N GLY B 365 -28.62 14.04 -15.87
CA GLY B 365 -28.66 15.39 -15.33
C GLY B 365 -29.74 15.50 -14.31
N ILE B 366 -29.70 16.54 -13.51
CA ILE B 366 -30.72 16.77 -12.48
C ILE B 366 -30.98 18.29 -12.35
N ALA B 367 -32.21 18.65 -12.00
CA ALA B 367 -32.57 20.06 -11.70
C ALA B 367 -33.18 20.15 -10.30
N PHE B 368 -32.60 20.99 -9.48
CA PHE B 368 -33.15 21.27 -8.16
C PHE B 368 -34.03 22.49 -8.29
N VAL B 369 -35.31 22.38 -7.89
CA VAL B 369 -36.23 23.52 -8.00
C VAL B 369 -36.69 24.08 -6.65
N SER B 370 -36.60 25.40 -6.52
CA SER B 370 -36.99 26.08 -5.29
C SER B 370 -38.13 27.04 -5.57
N LEU B 371 -39.21 26.91 -4.80
CA LEU B 371 -40.46 27.63 -5.05
C LEU B 371 -40.50 28.91 -4.26
N LYS B 372 -41.34 29.85 -4.69
CA LYS B 372 -41.54 31.12 -3.96
C LYS B 372 -42.18 30.83 -2.59
N ASP B 373 -42.23 31.85 -1.73
CA ASP B 373 -42.85 31.70 -0.42
C ASP B 373 -44.24 31.06 -0.61
N TRP B 374 -44.51 30.06 0.22
CA TRP B 374 -45.81 29.36 0.31
C TRP B 374 -47.02 30.34 0.25
N ALA B 375 -46.97 31.36 1.10
CA ALA B 375 -47.99 32.41 1.15
C ALA B 375 -48.23 33.13 -0.19
N ASP B 376 -47.20 33.39 -1.00
CA ASP B 376 -47.42 33.99 -2.36
C ASP B 376 -47.79 33.00 -3.49
N ARG B 377 -48.04 31.73 -3.15
CA ARG B 377 -48.48 30.70 -4.07
C ARG B 377 -49.83 30.17 -3.59
N PRO B 378 -50.86 31.04 -3.65
CA PRO B 378 -52.11 30.68 -3.05
C PRO B 378 -52.91 29.80 -4.01
N GLY B 379 -53.65 28.83 -3.46
CA GLY B 379 -54.54 28.00 -4.25
C GLY B 379 -54.03 26.60 -4.51
N GLU B 380 -54.96 25.67 -4.71
CA GLU B 380 -54.63 24.26 -4.84
C GLU B 380 -53.64 24.06 -5.99
N GLU B 381 -53.87 24.75 -7.10
CA GLU B 381 -53.10 24.47 -8.34
C GLU B 381 -51.59 24.91 -8.28
N ASN B 382 -51.25 25.78 -7.34
CA ASN B 382 -49.87 26.26 -7.22
C ASN B 382 -49.10 25.67 -6.03
N LYS B 383 -49.45 24.46 -5.60
CA LYS B 383 -48.76 23.75 -4.51
C LYS B 383 -47.88 22.70 -5.12
N VAL B 384 -46.92 22.18 -4.34
CA VAL B 384 -45.92 21.24 -4.89
C VAL B 384 -46.56 20.11 -5.72
N GLU B 385 -47.63 19.50 -5.21
CA GLU B 385 -48.10 18.27 -5.84
C GLU B 385 -48.60 18.57 -7.25
N ALA B 386 -49.45 19.57 -7.38
CA ALA B 386 -49.96 19.96 -8.68
C ALA B 386 -48.84 20.45 -9.64
N ILE B 387 -47.84 21.16 -9.12
CA ILE B 387 -46.75 21.72 -9.98
C ILE B 387 -45.90 20.62 -10.60
N THR B 388 -45.44 19.71 -9.76
CA THR B 388 -44.69 18.52 -10.23
C THR B 388 -45.45 17.70 -11.25
N MET B 389 -46.75 17.50 -10.98
CA MET B 389 -47.63 16.72 -11.83
C MET B 389 -47.74 17.39 -13.18
N ARG B 390 -48.00 18.70 -13.15
CA ARG B 390 -48.13 19.48 -14.37
C ARG B 390 -46.84 19.48 -15.22
N ALA B 391 -45.68 19.46 -14.54
CA ALA B 391 -44.36 19.47 -15.17
C ALA B 391 -43.96 18.11 -15.82
N THR B 392 -44.13 17.01 -15.06
CA THR B 392 -44.06 15.62 -15.57
C THR B 392 -44.95 15.48 -16.82
N ARG B 393 -46.24 15.81 -16.71
CA ARG B 393 -47.12 15.92 -17.88
C ARG B 393 -46.43 16.70 -19.03
N ALA B 394 -46.04 17.95 -18.81
CA ALA B 394 -45.35 18.74 -19.84
C ALA B 394 -44.01 18.18 -20.37
N PHE B 395 -43.23 17.46 -19.57
CA PHE B 395 -41.96 16.89 -20.08
C PHE B 395 -42.10 15.49 -20.72
N SER B 396 -43.27 14.86 -20.62
CA SER B 396 -43.44 13.49 -21.13
C SER B 396 -43.39 13.40 -22.66
N GLN B 397 -43.71 14.49 -23.33
CA GLN B 397 -43.50 14.64 -24.78
C GLN B 397 -42.04 14.63 -25.23
N ILE B 398 -41.07 14.88 -24.34
CA ILE B 398 -39.69 15.08 -24.80
C ILE B 398 -39.15 13.76 -25.37
N LYS B 399 -38.46 13.87 -26.51
CA LYS B 399 -38.02 12.71 -27.28
C LYS B 399 -36.67 12.16 -26.82
N ASP B 400 -36.66 10.85 -26.52
CA ASP B 400 -35.46 10.14 -26.05
C ASP B 400 -34.86 10.90 -24.85
N ALA B 401 -35.66 10.91 -23.79
CA ALA B 401 -35.28 11.37 -22.47
C ALA B 401 -36.41 11.00 -21.52
N MET B 402 -36.11 10.24 -20.48
CA MET B 402 -37.03 10.09 -19.35
C MET B 402 -36.83 11.37 -18.53
N VAL B 403 -37.88 12.15 -18.41
CA VAL B 403 -37.80 13.41 -17.71
C VAL B 403 -38.98 13.48 -16.76
N PHE B 404 -38.74 13.23 -15.47
CA PHE B 404 -39.77 13.46 -14.47
C PHE B 404 -39.37 14.25 -13.23
N ALA B 405 -40.39 14.83 -12.61
CA ALA B 405 -40.28 15.73 -11.52
C ALA B 405 -41.00 15.14 -10.34
N PHE B 406 -40.34 15.17 -9.17
CA PHE B 406 -40.73 14.39 -8.00
C PHE B 406 -40.21 14.93 -6.66
N ASN B 407 -40.85 14.48 -5.59
CA ASN B 407 -40.49 14.84 -4.22
C ASN B 407 -40.14 13.61 -3.35
N THR B 418 -46.06 1.25 -3.51
CA THR B 418 -46.01 1.55 -4.95
C THR B 418 -45.63 0.31 -5.82
N GLY B 419 -44.32 0.09 -6.08
CA GLY B 419 -43.85 -0.93 -7.05
C GLY B 419 -42.99 -2.10 -6.54
N PHE B 420 -42.11 -2.62 -7.40
CA PHE B 420 -41.22 -3.75 -7.06
C PHE B 420 -39.78 -3.58 -7.59
N ASP B 421 -38.80 -4.21 -6.92
CA ASP B 421 -37.36 -4.09 -7.23
C ASP B 421 -36.70 -5.49 -7.36
N PHE B 422 -36.47 -5.95 -8.59
CA PHE B 422 -36.13 -7.33 -8.92
C PHE B 422 -34.71 -7.41 -9.50
N GLU B 423 -33.90 -8.37 -9.06
CA GLU B 423 -32.58 -8.56 -9.63
C GLU B 423 -32.51 -9.84 -10.42
N LEU B 424 -32.29 -9.73 -11.72
CA LEU B 424 -31.97 -10.90 -12.53
C LEU B 424 -30.50 -11.22 -12.31
N ILE B 425 -30.14 -12.47 -12.00
CA ILE B 425 -28.77 -12.83 -11.57
C ILE B 425 -28.14 -13.96 -12.34
N ASP B 426 -26.88 -13.78 -12.72
CA ASP B 426 -26.05 -14.78 -13.43
C ASP B 426 -25.45 -15.74 -12.44
N GLN B 427 -26.08 -16.91 -12.33
CA GLN B 427 -25.72 -17.91 -11.32
C GLN B 427 -24.69 -18.96 -11.83
N ALA B 428 -24.35 -19.02 -13.12
CA ALA B 428 -23.43 -20.06 -13.58
C ALA B 428 -22.45 -19.61 -14.66
N GLY B 429 -21.87 -18.42 -14.46
CA GLY B 429 -20.83 -17.90 -15.37
C GLY B 429 -21.28 -17.61 -16.80
N LEU B 430 -22.55 -17.27 -16.96
CA LEU B 430 -23.11 -17.16 -18.30
C LEU B 430 -22.46 -16.07 -19.15
N GLY B 431 -22.06 -14.98 -18.46
CA GLY B 431 -21.54 -13.78 -19.08
C GLY B 431 -22.58 -12.70 -19.38
N HIS B 432 -22.07 -11.52 -19.77
CA HIS B 432 -22.91 -10.33 -19.98
C HIS B 432 -23.95 -10.45 -21.11
N GLU B 433 -23.51 -11.02 -22.25
CA GLU B 433 -24.34 -11.07 -23.49
C GLU B 433 -25.59 -11.97 -23.26
N LYS B 434 -25.36 -13.10 -22.59
CA LYS B 434 -26.41 -14.05 -22.33
C LYS B 434 -27.32 -13.64 -21.23
N LEU B 435 -26.81 -12.96 -20.22
CA LEU B 435 -27.68 -12.45 -19.20
C LEU B 435 -28.53 -11.32 -19.81
N THR B 436 -28.04 -10.56 -20.79
CA THR B 436 -28.93 -9.57 -21.48
C THR B 436 -30.07 -10.31 -22.22
N GLN B 437 -29.75 -11.35 -23.01
CA GLN B 437 -30.80 -12.11 -23.75
C GLN B 437 -31.86 -12.60 -22.80
N ALA B 438 -31.44 -13.10 -21.64
CA ALA B 438 -32.37 -13.53 -20.62
C ALA B 438 -33.19 -12.37 -20.05
N ARG B 439 -32.55 -11.24 -19.76
CA ARG B 439 -33.27 -10.02 -19.39
C ARG B 439 -34.40 -9.71 -20.39
N ASN B 440 -34.03 -9.70 -21.67
CA ASN B 440 -34.98 -9.38 -22.75
C ASN B 440 -36.13 -10.34 -22.90
N GLN B 441 -35.82 -11.62 -22.76
CA GLN B 441 -36.83 -12.67 -22.70
C GLN B 441 -37.77 -12.50 -21.50
N LEU B 442 -37.28 -12.04 -20.36
CA LEU B 442 -38.17 -11.70 -19.25
C LEU B 442 -39.08 -10.48 -19.51
N LEU B 443 -38.51 -9.43 -20.09
CA LEU B 443 -39.25 -8.20 -20.37
C LEU B 443 -40.33 -8.40 -21.42
N ALA B 444 -40.08 -9.29 -22.38
CA ALA B 444 -40.99 -9.54 -23.48
C ALA B 444 -42.24 -10.26 -22.97
N GLU B 445 -42.00 -11.25 -22.11
CA GLU B 445 -43.07 -11.97 -21.45
C GLU B 445 -43.87 -11.09 -20.50
N ALA B 446 -43.21 -10.19 -19.76
CA ALA B 446 -43.93 -9.32 -18.82
C ALA B 446 -44.83 -8.28 -19.53
N ALA B 447 -44.44 -7.86 -20.73
CA ALA B 447 -45.24 -6.92 -21.56
C ALA B 447 -46.50 -7.57 -22.15
N LYS B 448 -46.48 -8.90 -22.33
CA LYS B 448 -47.63 -9.68 -22.71
C LYS B 448 -48.61 -9.94 -21.54
N HIS B 449 -48.38 -9.39 -20.34
CA HIS B 449 -49.36 -9.52 -19.25
C HIS B 449 -49.69 -8.11 -18.67
N PRO B 450 -50.19 -7.14 -19.50
CA PRO B 450 -50.46 -5.74 -19.08
C PRO B 450 -51.55 -5.58 -18.02
N ASP B 451 -52.38 -6.62 -17.90
CA ASP B 451 -53.38 -6.73 -16.85
C ASP B 451 -52.80 -6.85 -15.43
N MET B 452 -51.62 -7.47 -15.30
CA MET B 452 -50.94 -7.63 -13.99
C MET B 452 -49.74 -6.66 -13.83
N LEU B 453 -48.90 -6.54 -14.86
CA LEU B 453 -47.62 -5.78 -14.79
C LEU B 453 -47.56 -4.56 -15.71
N THR B 454 -47.19 -3.40 -15.19
CA THR B 454 -46.91 -2.24 -16.06
C THR B 454 -45.55 -1.57 -15.79
N SER B 455 -44.99 -0.97 -16.85
CA SER B 455 -43.73 -0.24 -16.81
C SER B 455 -42.59 -1.15 -16.28
N VAL B 456 -42.49 -2.34 -16.87
CA VAL B 456 -41.50 -3.32 -16.46
C VAL B 456 -40.28 -3.06 -17.31
N ARG B 457 -39.27 -2.44 -16.70
CA ARG B 457 -38.12 -1.88 -17.40
C ARG B 457 -36.79 -2.22 -16.70
N PRO B 458 -35.68 -2.16 -17.44
CA PRO B 458 -34.40 -2.19 -16.74
C PRO B 458 -34.19 -0.88 -16.05
N ASN B 459 -33.48 -0.92 -14.93
CA ASN B 459 -33.04 0.30 -14.30
C ASN B 459 -31.68 0.77 -14.81
N GLY B 460 -30.94 -0.11 -15.47
CA GLY B 460 -29.62 0.22 -15.98
C GLY B 460 -29.58 0.65 -17.42
N LEU B 461 -28.43 0.42 -18.07
CA LEU B 461 -28.13 1.00 -19.40
C LEU B 461 -27.93 -0.08 -20.42
N GLU B 462 -27.93 0.33 -21.68
CA GLU B 462 -27.89 -0.56 -22.79
C GLU B 462 -26.48 -0.58 -23.32
N ASP B 463 -26.06 -1.70 -23.89
CA ASP B 463 -24.76 -1.75 -24.51
C ASP B 463 -24.70 -0.69 -25.59
N THR B 464 -23.52 -0.11 -25.81
CA THR B 464 -23.27 0.92 -26.84
C THR B 464 -22.06 0.57 -27.71
N PRO B 465 -21.94 1.26 -28.86
CA PRO B 465 -20.75 0.99 -29.65
C PRO B 465 -19.50 1.43 -28.90
N GLN B 466 -18.49 0.56 -28.93
CA GLN B 466 -17.17 0.88 -28.42
C GLN B 466 -16.10 0.53 -29.44
N PHE B 467 -14.92 1.14 -29.27
CA PHE B 467 -13.83 1.01 -30.21
C PHE B 467 -12.80 -0.03 -29.71
N LYS B 468 -12.85 -1.22 -30.28
CA LYS B 468 -11.93 -2.27 -29.90
C LYS B 468 -10.64 -2.17 -30.67
N ILE B 469 -9.53 -1.92 -29.99
CA ILE B 469 -8.21 -1.94 -30.63
C ILE B 469 -7.35 -3.16 -30.12
N ASP B 470 -6.71 -3.86 -31.05
CA ASP B 470 -5.85 -5.02 -30.77
C ASP B 470 -4.44 -4.61 -31.07
N ILE B 471 -3.57 -4.77 -30.09
CA ILE B 471 -2.16 -4.55 -30.32
C ILE B 471 -1.59 -5.84 -30.87
N ASP B 472 -0.90 -5.76 -32.00
CA ASP B 472 -0.23 -6.93 -32.56
C ASP B 472 1.14 -7.08 -31.86
N GLN B 473 1.21 -8.08 -30.97
CA GLN B 473 2.40 -8.36 -30.16
C GLN B 473 3.60 -8.71 -31.08
N GLU B 474 3.30 -9.49 -32.12
CA GLU B 474 4.33 -9.91 -33.04
C GLU B 474 5.01 -8.68 -33.67
N LYS B 475 4.19 -7.82 -34.24
CA LYS B 475 4.70 -6.63 -34.91
C LYS B 475 5.40 -5.68 -33.93
N ALA B 476 4.84 -5.50 -32.74
CA ALA B 476 5.49 -4.71 -31.68
C ALA B 476 6.87 -5.27 -31.39
N GLN B 477 6.94 -6.58 -31.18
CA GLN B 477 8.23 -7.22 -30.95
C GLN B 477 9.20 -7.09 -32.09
N ALA B 478 8.77 -7.38 -33.32
CA ALA B 478 9.70 -7.27 -34.47
C ALA B 478 10.29 -5.85 -34.68
N LEU B 479 9.49 -4.81 -34.39
CA LEU B 479 9.97 -3.41 -34.47
C LEU B 479 10.71 -2.91 -33.22
N GLY B 480 10.61 -3.67 -32.13
CA GLY B 480 11.26 -3.35 -30.84
C GLY B 480 10.55 -2.23 -30.12
N VAL B 481 9.21 -2.28 -30.15
CA VAL B 481 8.37 -1.30 -29.48
C VAL B 481 7.81 -2.04 -28.28
N SER B 482 8.00 -1.51 -27.08
CA SER B 482 7.50 -2.21 -25.91
C SER B 482 6.01 -1.91 -25.69
N ILE B 483 5.31 -2.93 -25.26
CA ILE B 483 3.87 -2.90 -24.96
C ILE B 483 3.49 -1.94 -23.86
N ASN B 484 4.38 -1.74 -22.90
CA ASN B 484 4.14 -0.76 -21.86
C ASN B 484 4.19 0.65 -22.43
N ASP B 485 5.16 0.96 -23.29
CA ASP B 485 5.12 2.26 -23.99
C ASP B 485 3.88 2.47 -24.88
N ILE B 486 3.39 1.40 -25.47
CA ILE B 486 2.20 1.43 -26.32
C ILE B 486 0.95 1.70 -25.53
N ASN B 487 0.80 0.99 -24.44
CA ASN B 487 -0.38 1.09 -23.64
C ASN B 487 -0.39 2.37 -22.81
N THR B 488 0.78 2.84 -22.38
CA THR B 488 0.88 4.12 -21.70
C THR B 488 0.59 5.23 -22.70
N THR B 489 1.15 5.13 -23.91
CA THR B 489 0.85 6.14 -24.91
C THR B 489 -0.65 6.23 -25.22
N LEU B 490 -1.27 5.08 -25.42
CA LEU B 490 -2.71 5.01 -25.68
C LEU B 490 -3.53 5.63 -24.58
N GLY B 491 -3.23 5.21 -23.36
CA GLY B 491 -4.05 5.54 -22.18
C GLY B 491 -3.87 6.97 -21.74
N ALA B 492 -2.62 7.39 -21.74
CA ALA B 492 -2.28 8.71 -21.33
C ALA B 492 -2.94 9.65 -22.34
N ALA B 493 -2.87 9.31 -23.63
CA ALA B 493 -3.33 10.26 -24.61
C ALA B 493 -4.84 10.33 -24.66
N TRP B 494 -5.54 9.19 -24.61
CA TRP B 494 -6.99 9.16 -24.87
C TRP B 494 -7.85 9.17 -23.61
N GLY B 495 -7.29 8.70 -22.49
CA GLY B 495 -7.98 8.72 -21.17
C GLY B 495 -7.41 9.67 -20.09
N GLY B 496 -6.18 10.13 -20.29
CA GLY B 496 -5.53 10.96 -19.30
C GLY B 496 -4.84 10.12 -18.25
N SER B 497 -3.88 10.72 -17.57
CA SER B 497 -3.10 10.01 -16.58
C SER B 497 -2.74 10.96 -15.46
N TYR B 498 -3.03 10.58 -14.21
CA TYR B 498 -2.68 11.32 -13.00
C TYR B 498 -1.21 11.05 -12.67
N VAL B 499 -0.30 11.96 -13.05
CA VAL B 499 1.14 11.78 -12.84
C VAL B 499 1.54 11.97 -11.36
N ASN B 500 1.45 13.18 -10.83
CA ASN B 500 1.84 13.44 -9.46
C ASN B 500 1.16 14.74 -9.02
N ASP B 501 1.57 15.27 -7.87
CA ASP B 501 0.96 16.48 -7.33
C ASP B 501 1.83 17.74 -7.44
N PHE B 502 1.14 18.87 -7.37
CA PHE B 502 1.77 20.17 -7.38
C PHE B 502 1.03 21.02 -6.37
N ILE B 503 1.52 22.28 -6.19
CA ILE B 503 0.91 23.25 -5.27
C ILE B 503 0.36 24.46 -6.03
N ASP B 504 -0.95 24.66 -5.96
CA ASP B 504 -1.64 25.79 -6.58
C ASP B 504 -2.10 26.74 -5.48
N ARG B 505 -1.49 27.92 -5.42
CA ARG B 505 -1.78 28.91 -4.36
C ARG B 505 -1.83 28.26 -3.00
N GLY B 506 -0.78 27.52 -2.70
CA GLY B 506 -0.65 26.84 -1.41
C GLY B 506 -1.45 25.58 -1.12
N ARG B 507 -2.21 25.07 -2.11
CA ARG B 507 -3.00 23.83 -1.93
C ARG B 507 -2.52 22.72 -2.82
N VAL B 508 -2.33 21.54 -2.24
CA VAL B 508 -1.89 20.38 -3.01
C VAL B 508 -3.02 20.03 -3.93
N LYS B 509 -2.68 19.77 -5.18
CA LYS B 509 -3.61 19.29 -6.21
C LYS B 509 -2.87 18.41 -7.23
N LYS B 510 -3.61 17.89 -8.20
CA LYS B 510 -3.11 16.92 -9.14
C LYS B 510 -2.56 17.50 -10.43
N VAL B 511 -1.77 16.68 -11.12
CA VAL B 511 -1.20 16.96 -12.42
C VAL B 511 -1.61 15.84 -13.39
N TYR B 512 -2.17 16.23 -14.54
CA TYR B 512 -2.70 15.28 -15.54
C TYR B 512 -2.09 15.52 -16.89
N VAL B 513 -1.56 14.49 -17.50
CA VAL B 513 -1.29 14.59 -18.93
C VAL B 513 -2.46 13.93 -19.70
N MET B 514 -2.89 14.58 -20.78
CA MET B 514 -3.82 13.99 -21.75
C MET B 514 -3.59 14.62 -23.11
N SER B 515 -4.08 14.00 -24.16
CA SER B 515 -4.08 14.69 -25.47
C SER B 515 -4.96 15.91 -25.47
N GLU B 516 -4.51 16.94 -26.16
CA GLU B 516 -5.40 18.04 -26.57
C GLU B 516 -6.63 17.48 -27.27
N ALA B 517 -7.79 18.01 -26.94
CA ALA B 517 -9.04 17.57 -27.56
C ALA B 517 -8.92 17.21 -29.03
N LYS B 518 -8.34 18.08 -29.85
CA LYS B 518 -8.38 17.86 -31.30
C LYS B 518 -7.62 16.63 -31.81
N TYR B 519 -6.75 16.02 -31.00
CA TYR B 519 -5.99 14.85 -31.44
C TYR B 519 -6.48 13.57 -30.81
N ARG B 520 -7.70 13.58 -30.28
CA ARG B 520 -8.30 12.38 -29.71
C ARG B 520 -9.84 12.33 -29.93
N MET B 521 -10.30 12.70 -31.13
CA MET B 521 -11.75 12.80 -31.38
C MET B 521 -12.31 11.78 -32.32
N LEU B 522 -11.47 11.31 -33.22
CA LEU B 522 -11.91 10.47 -34.31
C LEU B 522 -10.99 9.26 -34.47
N PRO B 523 -11.54 8.17 -35.00
CA PRO B 523 -10.73 6.96 -35.22
C PRO B 523 -9.37 7.20 -35.88
N ASP B 524 -9.34 8.00 -36.95
CA ASP B 524 -8.10 8.25 -37.71
C ASP B 524 -7.01 8.86 -36.85
N ASP B 525 -7.39 9.54 -35.77
CA ASP B 525 -6.43 10.18 -34.90
C ASP B 525 -5.50 9.20 -34.21
N ILE B 526 -5.98 7.98 -33.94
CA ILE B 526 -5.13 6.88 -33.43
C ILE B 526 -3.77 6.76 -34.16
N GLY B 527 -3.83 6.83 -35.49
CA GLY B 527 -2.66 6.69 -36.34
C GLY B 527 -1.73 7.88 -36.41
N ASP B 528 -2.03 8.97 -35.72
CA ASP B 528 -1.08 10.10 -35.56
C ASP B 528 -0.23 10.04 -34.29
N TRP B 529 -0.53 9.08 -33.39
CA TRP B 529 0.28 8.88 -32.20
C TRP B 529 1.45 7.96 -32.56
N TYR B 530 2.65 8.37 -32.17
CA TYR B 530 3.86 7.62 -32.45
C TYR B 530 4.50 7.11 -31.17
N VAL B 531 5.07 5.90 -31.22
CA VAL B 531 5.83 5.36 -30.11
C VAL B 531 7.27 5.13 -30.52
N ARG B 532 8.23 5.33 -29.61
CA ARG B 532 9.66 5.14 -29.90
C ARG B 532 10.09 3.68 -29.60
N ALA B 533 10.73 3.07 -30.59
CA ALA B 533 11.26 1.73 -30.48
C ALA B 533 12.66 1.75 -29.84
N ALA B 534 13.15 0.58 -29.42
CA ALA B 534 14.53 0.43 -28.85
C ALA B 534 15.66 1.01 -29.72
N ASP B 535 15.51 0.88 -31.03
CA ASP B 535 16.45 1.46 -31.98
C ASP B 535 16.27 3.00 -32.19
N GLY B 536 15.31 3.63 -31.52
CA GLY B 536 15.14 5.09 -31.59
C GLY B 536 14.30 5.65 -32.72
N GLN B 537 13.82 4.79 -33.60
CA GLN B 537 12.90 5.20 -34.63
C GLN B 537 11.52 5.37 -34.05
N MET B 538 10.76 6.29 -34.64
CA MET B 538 9.36 6.55 -34.27
C MET B 538 8.43 5.69 -35.13
N VAL B 539 7.41 5.11 -34.51
CA VAL B 539 6.59 4.10 -35.13
C VAL B 539 5.15 4.47 -34.82
N PRO B 540 4.32 4.60 -35.86
CA PRO B 540 2.95 5.00 -35.59
C PRO B 540 2.10 3.86 -35.16
N PHE B 541 1.06 4.18 -34.41
CA PHE B 541 0.10 3.19 -33.92
C PHE B 541 -0.47 2.28 -35.00
N SER B 542 -0.50 2.78 -36.22
CA SER B 542 -1.16 2.04 -37.29
C SER B 542 -0.32 0.88 -37.72
N ALA B 543 0.98 0.96 -37.47
CA ALA B 543 1.90 -0.10 -37.87
C ALA B 543 1.69 -1.39 -37.07
N PHE B 544 1.23 -1.26 -35.82
CA PHE B 544 1.09 -2.41 -34.93
C PHE B 544 -0.28 -2.58 -34.27
N SER B 545 -1.30 -1.92 -34.79
CA SER B 545 -2.65 -2.07 -34.23
C SER B 545 -3.65 -2.35 -35.31
N SER B 546 -4.85 -2.69 -34.93
CA SER B 546 -5.95 -2.83 -35.88
C SER B 546 -7.20 -2.68 -35.07
N SER B 547 -8.28 -2.21 -35.66
CA SER B 547 -9.45 -1.91 -34.85
C SER B 547 -10.77 -2.16 -35.55
N ARG B 548 -11.80 -2.32 -34.73
CA ARG B 548 -13.13 -2.63 -35.19
C ARG B 548 -14.10 -2.08 -34.16
N TRP B 549 -15.32 -1.76 -34.59
CA TRP B 549 -16.43 -1.47 -33.68
C TRP B 549 -17.05 -2.74 -33.12
N GLU B 550 -17.56 -2.65 -31.90
CA GLU B 550 -18.25 -3.76 -31.26
C GLU B 550 -19.10 -3.17 -30.14
N TYR B 551 -20.04 -3.94 -29.60
CA TYR B 551 -20.87 -3.49 -28.49
C TYR B 551 -20.35 -4.01 -27.13
N GLY B 552 -20.55 -3.20 -26.08
CA GLY B 552 -20.09 -3.50 -24.71
C GLY B 552 -20.89 -2.64 -23.75
N SER B 553 -20.82 -2.96 -22.47
CA SER B 553 -21.65 -2.28 -21.46
C SER B 553 -20.93 -1.00 -20.99
N PRO B 554 -21.69 0.11 -20.77
CA PRO B 554 -21.22 1.28 -20.01
C PRO B 554 -21.61 1.23 -18.51
N ARG B 555 -22.39 0.24 -18.11
CA ARG B 555 -22.64 0.08 -16.70
C ARG B 555 -22.89 -1.38 -16.43
N LEU B 556 -21.93 -2.07 -15.82
CA LEU B 556 -22.12 -3.47 -15.44
C LEU B 556 -22.53 -3.52 -14.01
N GLU B 557 -23.60 -4.25 -13.73
CA GLU B 557 -24.17 -4.35 -12.37
C GLU B 557 -23.85 -5.69 -11.76
N ARG B 558 -23.95 -5.71 -10.45
CA ARG B 558 -23.64 -6.86 -9.65
C ARG B 558 -24.53 -6.87 -8.40
N TYR B 559 -24.98 -8.06 -8.00
CA TYR B 559 -25.80 -8.28 -6.79
C TYR B 559 -25.26 -9.48 -6.00
N ASN B 560 -25.04 -9.27 -4.71
CA ASN B 560 -24.28 -10.20 -3.87
C ASN B 560 -23.15 -10.99 -4.60
N GLY B 561 -22.26 -10.27 -5.31
CA GLY B 561 -21.01 -10.83 -5.85
C GLY B 561 -21.09 -11.39 -7.25
N LEU B 562 -22.32 -11.50 -7.76
CA LEU B 562 -22.58 -12.09 -9.06
C LEU B 562 -23.13 -11.10 -10.10
N PRO B 563 -22.89 -11.36 -11.40
CA PRO B 563 -23.44 -10.35 -12.33
C PRO B 563 -24.94 -10.32 -12.22
N SER B 564 -25.53 -9.13 -12.40
CA SER B 564 -26.96 -8.97 -12.30
C SER B 564 -27.53 -7.91 -13.19
N MET B 565 -28.86 -7.85 -13.22
CA MET B 565 -29.56 -6.80 -13.95
C MET B 565 -30.83 -6.41 -13.24
N GLU B 566 -30.90 -5.14 -12.82
CA GLU B 566 -32.00 -4.70 -11.97
C GLU B 566 -33.18 -4.33 -12.88
N ILE B 567 -34.33 -4.88 -12.50
CA ILE B 567 -35.60 -4.67 -13.21
C ILE B 567 -36.60 -4.01 -12.25
N LEU B 568 -37.20 -2.91 -12.72
CA LEU B 568 -38.24 -2.23 -11.96
C LEU B 568 -39.59 -2.46 -12.63
N GLY B 569 -40.65 -2.34 -11.85
CA GLY B 569 -42.01 -2.41 -12.38
C GLY B 569 -43.00 -2.10 -11.27
N GLN B 570 -44.27 -1.99 -11.64
CA GLN B 570 -45.34 -1.88 -10.66
C GLN B 570 -46.41 -2.87 -10.97
N ALA B 571 -47.23 -3.15 -9.96
CA ALA B 571 -48.50 -3.82 -10.17
C ALA B 571 -49.42 -2.91 -11.01
N ALA B 572 -50.18 -3.51 -11.93
CA ALA B 572 -51.23 -2.80 -12.70
C ALA B 572 -52.38 -2.37 -11.75
N PRO B 573 -53.26 -1.47 -12.22
CA PRO B 573 -54.29 -0.95 -11.31
C PRO B 573 -55.26 -2.05 -10.85
N GLY B 574 -55.75 -1.92 -9.62
CA GLY B 574 -56.61 -2.96 -9.01
C GLY B 574 -56.00 -4.36 -8.98
N LYS B 575 -54.69 -4.42 -8.73
CA LYS B 575 -53.96 -5.68 -8.54
C LYS B 575 -52.97 -5.40 -7.44
N SER B 576 -52.74 -6.38 -6.56
CA SER B 576 -51.89 -6.19 -5.38
C SER B 576 -50.41 -6.38 -5.72
N THR B 577 -49.52 -5.77 -4.93
CA THR B 577 -48.06 -5.91 -5.11
C THR B 577 -47.67 -7.39 -5.17
N GLY B 578 -48.08 -8.15 -4.16
CA GLY B 578 -47.81 -9.59 -4.07
C GLY B 578 -48.18 -10.47 -5.26
N GLU B 579 -49.30 -10.17 -5.93
CA GLU B 579 -49.74 -10.95 -7.10
C GLU B 579 -48.81 -10.73 -8.29
N ALA B 580 -48.37 -9.48 -8.41
CA ALA B 580 -47.43 -9.05 -9.45
C ALA B 580 -46.05 -9.66 -9.23
N MET B 581 -45.58 -9.61 -7.99
CA MET B 581 -44.36 -10.31 -7.62
C MET B 581 -44.53 -11.80 -7.93
N GLU B 582 -45.65 -12.40 -7.51
CA GLU B 582 -45.90 -13.81 -7.80
C GLU B 582 -45.75 -14.10 -9.30
N LEU B 583 -46.32 -13.24 -10.15
CA LEU B 583 -46.23 -13.42 -11.59
C LEU B 583 -44.78 -13.39 -12.06
N MET B 584 -44.06 -12.35 -11.68
CA MET B 584 -42.61 -12.24 -11.99
C MET B 584 -41.84 -13.54 -11.63
N GLU B 585 -42.12 -14.12 -10.45
CA GLU B 585 -41.42 -15.35 -9.97
C GLU B 585 -41.71 -16.52 -10.88
N GLN B 586 -42.97 -16.65 -11.30
CA GLN B 586 -43.39 -17.63 -12.32
C GLN B 586 -42.68 -17.41 -13.64
N LEU B 587 -42.74 -16.17 -14.12
CA LEU B 587 -42.09 -15.81 -15.37
C LEU B 587 -40.60 -16.13 -15.38
N ALA B 588 -39.96 -15.91 -14.23
CA ALA B 588 -38.52 -16.08 -14.08
C ALA B 588 -38.09 -17.55 -14.06
N SER B 589 -38.94 -18.44 -13.53
CA SER B 589 -38.68 -19.88 -13.55
C SER B 589 -38.52 -20.46 -14.95
N LYS B 590 -39.08 -19.79 -15.96
CA LYS B 590 -38.99 -20.21 -17.37
C LYS B 590 -37.81 -19.60 -18.10
N LEU B 591 -36.84 -19.01 -17.41
CA LEU B 591 -35.66 -18.43 -18.08
C LEU B 591 -34.61 -19.49 -18.35
N PRO B 592 -33.60 -19.21 -19.21
CA PRO B 592 -32.56 -20.24 -19.46
C PRO B 592 -31.81 -20.74 -18.22
N THR B 593 -31.22 -21.93 -18.35
CA THR B 593 -30.43 -22.57 -17.30
C THR B 593 -29.33 -21.61 -16.91
N GLY B 594 -29.14 -21.45 -15.61
CA GLY B 594 -28.12 -20.56 -15.08
C GLY B 594 -28.59 -19.19 -14.57
N VAL B 595 -29.83 -18.80 -14.87
CA VAL B 595 -30.32 -17.47 -14.52
C VAL B 595 -31.21 -17.54 -13.33
N GLY B 596 -30.84 -16.87 -12.24
CA GLY B 596 -31.71 -16.82 -11.09
C GLY B 596 -32.23 -15.44 -10.89
N TYR B 597 -32.83 -15.20 -9.72
CA TYR B 597 -33.29 -13.87 -9.39
C TYR B 597 -33.38 -13.62 -7.89
N ASP B 598 -33.67 -12.36 -7.52
CA ASP B 598 -33.91 -12.01 -6.13
C ASP B 598 -34.61 -10.67 -5.99
N TRP B 599 -35.33 -10.56 -4.88
CA TRP B 599 -35.97 -9.30 -4.48
C TRP B 599 -35.00 -8.49 -3.65
N THR B 600 -35.06 -7.15 -3.82
CA THR B 600 -34.23 -6.20 -3.05
C THR B 600 -34.97 -4.88 -2.79
N GLY B 601 -34.33 -3.99 -2.03
CA GLY B 601 -34.87 -2.69 -1.67
C GLY B 601 -36.29 -2.76 -1.08
N MET B 602 -37.22 -2.03 -1.69
CA MET B 602 -38.65 -2.03 -1.33
C MET B 602 -39.27 -3.42 -1.34
N SER B 603 -38.75 -4.37 -2.14
CA SER B 603 -39.33 -5.73 -2.21
C SER B 603 -38.65 -6.83 -1.36
N TYR B 604 -37.68 -6.47 -0.49
CA TYR B 604 -36.98 -7.49 0.32
C TYR B 604 -37.88 -8.04 1.45
N GLN B 605 -38.74 -7.14 1.97
CA GLN B 605 -39.96 -7.47 2.76
C GLN B 605 -41.19 -6.70 2.20
N ALA C 1 -12.11 18.64 30.29
CA ALA C 1 -11.10 18.64 29.17
C ALA C 1 -11.70 18.00 27.89
N PRO C 2 -11.49 18.62 26.69
CA PRO C 2 -12.10 17.99 25.48
C PRO C 2 -11.17 16.91 24.89
N PRO C 3 -11.73 15.82 24.35
CA PRO C 3 -10.83 14.77 23.87
C PRO C 3 -10.11 15.16 22.57
N ALA C 4 -8.91 14.66 22.48
CA ALA C 4 -8.06 14.98 21.41
C ALA C 4 -7.45 13.70 20.95
N VAL C 5 -7.38 13.56 19.63
CA VAL C 5 -6.62 12.53 18.93
C VAL C 5 -5.52 13.25 18.13
N THR C 6 -4.29 12.73 18.21
CA THR C 6 -3.21 13.22 17.41
C THR C 6 -2.66 12.21 16.40
N ILE C 7 -2.39 12.67 15.19
CA ILE C 7 -1.70 11.86 14.19
C ILE C 7 -0.23 12.26 14.10
N SER C 8 0.65 11.28 14.20
CA SER C 8 2.07 11.52 14.13
C SER C 8 2.64 10.78 12.98
N ALA C 9 3.45 11.48 12.21
CA ALA C 9 4.14 10.85 11.14
C ALA C 9 5.54 11.41 10.99
N SER C 10 6.36 10.70 10.23
CA SER C 10 7.75 11.04 10.13
C SER C 10 8.27 10.87 8.69
N TYR C 11 9.05 11.85 8.21
CA TYR C 11 9.64 11.86 6.86
C TYR C 11 11.12 12.08 7.06
N PRO C 12 11.92 11.02 7.07
CA PRO C 12 13.32 11.25 7.50
C PRO C 12 14.17 12.03 6.48
N GLY C 13 14.89 13.04 6.98
CA GLY C 13 15.67 13.98 6.16
C GLY C 13 14.88 15.11 5.52
N ALA C 14 13.62 15.25 5.92
CA ALA C 14 12.74 16.20 5.27
C ALA C 14 12.62 17.51 6.05
N ASP C 15 12.57 18.59 5.28
CA ASP C 15 12.30 19.93 5.76
C ASP C 15 10.82 20.19 5.93
N ALA C 16 10.50 21.26 6.62
CA ALA C 16 9.13 21.57 7.01
C ALA C 16 8.18 21.66 5.80
N LYS C 17 8.61 22.33 4.74
CA LYS C 17 7.70 22.55 3.63
C LYS C 17 7.44 21.22 2.94
N THR C 18 8.52 20.47 2.68
CA THR C 18 8.43 19.11 2.14
C THR C 18 7.41 18.24 2.90
N VAL C 19 7.47 18.23 4.23
CA VAL C 19 6.52 17.49 5.06
C VAL C 19 5.12 18.02 4.89
N GLN C 20 4.94 19.32 5.08
CA GLN C 20 3.61 19.93 4.92
C GLN C 20 2.92 19.54 3.62
N ASP C 21 3.65 19.65 2.52
CA ASP C 21 3.06 19.56 1.21
C ASP C 21 3.05 18.15 0.61
N THR C 22 3.74 17.19 1.23
CA THR C 22 3.55 15.81 0.82
C THR C 22 2.87 14.94 1.86
N VAL C 23 2.77 15.41 3.10
CA VAL C 23 2.10 14.62 4.14
C VAL C 23 0.98 15.36 4.79
N THR C 24 1.28 16.48 5.44
CA THR C 24 0.27 17.16 6.22
C THR C 24 -0.97 17.52 5.41
N GLN C 25 -0.79 18.25 4.30
CA GLN C 25 -1.92 18.63 3.48
C GLN C 25 -2.77 17.42 3.03
N VAL C 26 -2.09 16.35 2.63
CA VAL C 26 -2.75 15.21 2.03
C VAL C 26 -3.62 14.55 3.08
N ILE C 27 -3.13 14.51 4.32
CA ILE C 27 -3.87 13.91 5.39
C ILE C 27 -4.99 14.82 5.79
N GLU C 28 -4.74 16.12 5.91
CA GLU C 28 -5.80 17.04 6.31
C GLU C 28 -6.95 16.94 5.36
N GLN C 29 -6.66 16.88 4.05
CA GLN C 29 -7.70 16.73 3.02
C GLN C 29 -8.52 15.43 3.11
N ASN C 30 -8.06 14.44 3.88
CA ASN C 30 -8.83 13.23 4.07
C ASN C 30 -9.46 13.11 5.41
N MET C 31 -9.49 14.20 6.20
CA MET C 31 -10.10 14.21 7.55
C MET C 31 -11.60 14.57 7.57
N ASN C 32 -12.31 14.22 6.52
CA ASN C 32 -13.79 14.38 6.46
C ASN C 32 -14.57 13.14 6.90
N GLY C 33 -15.86 13.32 7.13
CA GLY C 33 -16.74 12.23 7.53
C GLY C 33 -16.46 11.80 8.95
N ILE C 34 -15.85 12.66 9.78
CA ILE C 34 -15.52 12.36 11.16
C ILE C 34 -16.44 13.15 12.10
N ASP C 35 -17.14 12.42 12.95
CA ASP C 35 -18.16 12.97 13.83
C ASP C 35 -17.54 13.74 15.01
N ASN C 36 -18.18 14.85 15.37
CA ASN C 36 -17.97 15.60 16.61
C ASN C 36 -16.69 16.44 16.66
N LEU C 37 -16.26 16.90 15.49
CA LEU C 37 -14.96 17.50 15.30
C LEU C 37 -15.11 18.99 15.46
N MET C 38 -14.59 19.55 16.55
CA MET C 38 -14.66 21.02 16.76
C MET C 38 -13.64 21.70 15.85
N TYR C 39 -12.36 21.33 16.01
CA TYR C 39 -11.29 21.88 15.21
C TYR C 39 -10.13 20.90 15.06
N MET C 40 -9.22 21.24 14.13
CA MET C 40 -8.08 20.46 13.76
C MET C 40 -6.91 21.41 13.63
N SER C 41 -5.74 21.07 14.13
CA SER C 41 -4.55 21.94 13.96
C SER C 41 -3.31 21.10 13.71
N SER C 42 -2.29 21.69 13.09
CA SER C 42 -1.18 20.90 12.69
C SER C 42 0.17 21.63 12.68
N ASN C 43 1.25 20.87 12.80
CA ASN C 43 2.62 21.38 12.65
C ASN C 43 3.43 20.49 11.77
N SER C 44 4.26 21.10 10.95
CA SER C 44 5.15 20.39 10.07
C SER C 44 6.48 21.09 10.24
N ASP C 45 7.51 20.33 10.64
CA ASP C 45 8.77 20.93 11.05
C ASP C 45 10.01 20.37 10.34
N SER C 46 11.13 21.05 10.59
CA SER C 46 12.45 20.78 10.03
C SER C 46 13.06 19.44 10.43
N THR C 47 12.55 18.83 11.49
CA THR C 47 12.98 17.47 11.83
C THR C 47 12.28 16.36 11.02
N GLY C 48 11.38 16.71 10.11
CA GLY C 48 10.70 15.76 9.28
C GLY C 48 9.48 15.21 9.98
N THR C 49 8.89 15.99 10.86
CA THR C 49 7.80 15.51 11.69
C THR C 49 6.52 16.30 11.39
N VAL C 50 5.40 15.62 11.42
CA VAL C 50 4.11 16.30 11.43
C VAL C 50 3.28 15.79 12.60
N GLN C 51 2.67 16.70 13.35
CA GLN C 51 1.61 16.31 14.31
C GLN C 51 0.30 16.98 13.93
N ILE C 52 -0.77 16.19 13.79
CA ILE C 52 -2.06 16.77 13.46
C ILE C 52 -2.96 16.43 14.65
N THR C 53 -3.56 17.44 15.24
CA THR C 53 -4.34 17.30 16.46
C THR C 53 -5.80 17.63 16.09
N LEU C 54 -6.67 16.66 16.36
CA LEU C 54 -8.10 16.80 16.18
C LEU C 54 -8.73 16.86 17.56
N THR C 55 -9.48 17.92 17.79
CA THR C 55 -10.09 18.15 19.05
C THR C 55 -11.60 18.03 18.87
N PHE C 56 -12.20 17.20 19.74
CA PHE C 56 -13.60 16.83 19.63
C PHE C 56 -14.43 17.46 20.72
N GLU C 57 -15.74 17.54 20.51
CA GLU C 57 -16.68 18.12 21.52
C GLU C 57 -16.62 17.41 22.88
N SER C 58 -16.99 18.12 23.94
CA SER C 58 -16.97 17.51 25.28
C SER C 58 -17.97 16.35 25.31
N GLY C 59 -17.55 15.22 25.91
CA GLY C 59 -18.39 14.03 25.97
C GLY C 59 -18.40 13.10 24.77
N THR C 60 -17.68 13.45 23.69
CA THR C 60 -17.38 12.54 22.57
C THR C 60 -16.62 11.33 23.08
N ASP C 61 -16.95 10.15 22.59
CA ASP C 61 -16.16 8.98 22.95
C ASP C 61 -14.78 9.04 22.28
N ALA C 62 -13.74 9.11 23.09
CA ALA C 62 -12.38 9.15 22.57
C ALA C 62 -11.94 7.92 21.78
N ASP C 63 -12.48 6.74 22.09
CA ASP C 63 -12.12 5.53 21.31
C ASP C 63 -12.74 5.59 19.92
N ILE C 64 -14.02 5.98 19.86
CA ILE C 64 -14.73 6.15 18.60
C ILE C 64 -14.06 7.25 17.74
N ALA C 65 -13.70 8.37 18.36
CA ALA C 65 -12.92 9.38 17.63
C ALA C 65 -11.61 8.78 17.09
N GLN C 66 -10.86 8.03 17.90
CA GLN C 66 -9.59 7.53 17.41
C GLN C 66 -9.78 6.60 16.18
N VAL C 67 -10.77 5.75 16.25
CA VAL C 67 -11.02 4.80 15.21
C VAL C 67 -11.48 5.46 13.91
N GLN C 68 -12.42 6.40 14.01
CA GLN C 68 -12.84 7.11 12.82
C GLN C 68 -11.70 7.81 12.19
N VAL C 69 -10.85 8.42 13.00
CA VAL C 69 -9.68 9.14 12.48
C VAL C 69 -8.69 8.19 11.83
N GLN C 70 -8.45 7.08 12.51
CA GLN C 70 -7.47 6.10 12.04
C GLN C 70 -7.89 5.52 10.71
N ASN C 71 -9.19 5.29 10.51
CA ASN C 71 -9.58 4.61 9.28
C ASN C 71 -9.51 5.53 8.09
N LYS C 72 -9.80 6.83 8.30
CA LYS C 72 -9.59 7.84 7.27
C LYS C 72 -8.14 7.96 6.92
N LEU C 73 -7.28 7.99 7.92
CA LEU C 73 -5.87 8.07 7.60
C LEU C 73 -5.37 6.80 6.86
N GLN C 74 -5.80 5.61 7.27
CA GLN C 74 -5.28 4.40 6.63
C GLN C 74 -5.71 4.35 5.18
N LEU C 75 -6.94 4.75 4.89
CA LEU C 75 -7.33 4.83 3.49
C LEU C 75 -6.53 5.88 2.69
N ALA C 76 -6.01 6.92 3.32
CA ALA C 76 -5.12 7.87 2.63
C ALA C 76 -3.62 7.44 2.53
N MET C 77 -3.26 6.30 3.12
CA MET C 77 -1.84 5.86 3.12
C MET C 77 -1.20 5.79 1.74
N PRO C 78 -1.89 5.24 0.75
CA PRO C 78 -1.28 5.18 -0.57
C PRO C 78 -1.00 6.54 -1.20
N LEU C 79 -1.64 7.59 -0.71
CA LEU C 79 -1.40 8.95 -1.17
C LEU C 79 -0.13 9.55 -0.61
N LEU C 80 0.49 8.92 0.37
CA LEU C 80 1.65 9.47 1.05
C LEU C 80 2.96 8.84 0.51
N PRO C 81 4.08 9.53 0.69
CA PRO C 81 5.31 8.97 0.18
C PRO C 81 5.69 7.67 0.91
N GLN C 82 6.33 6.76 0.17
CA GLN C 82 6.80 5.46 0.68
C GLN C 82 7.61 5.60 1.98
N GLU C 83 8.52 6.57 2.02
CA GLU C 83 9.43 6.72 3.14
C GLU C 83 8.64 7.05 4.39
N VAL C 84 7.56 7.80 4.23
CA VAL C 84 6.72 8.13 5.34
C VAL C 84 5.94 6.93 5.83
N GLN C 85 5.39 6.15 4.89
CA GLN C 85 4.59 4.97 5.24
C GLN C 85 5.41 4.01 6.02
N GLN C 86 6.66 3.80 5.58
CA GLN C 86 7.57 2.86 6.19
C GLN C 86 7.96 3.23 7.61
N GLN C 87 7.81 4.48 8.03
CA GLN C 87 8.11 4.87 9.40
C GLN C 87 6.97 4.60 10.37
N GLY C 88 5.76 4.40 9.86
CA GLY C 88 4.57 4.23 10.67
C GLY C 88 3.92 5.59 10.89
N VAL C 89 2.63 5.69 10.65
CA VAL C 89 1.84 6.83 10.99
C VAL C 89 0.90 6.43 12.11
N SER C 90 1.23 6.86 13.31
CA SER C 90 0.51 6.47 14.51
C SER C 90 -0.66 7.43 14.78
N VAL C 91 -1.77 6.91 15.30
CA VAL C 91 -2.90 7.74 15.67
C VAL C 91 -3.28 7.42 17.10
N GLU C 92 -3.00 8.31 18.01
CA GLU C 92 -3.23 8.08 19.43
C GLU C 92 -4.03 9.19 20.12
N LYS C 93 -4.75 8.80 21.17
CA LYS C 93 -5.47 9.75 21.96
C LYS C 93 -4.41 10.47 22.75
N SER C 94 -4.19 11.78 22.54
CA SER C 94 -3.25 12.51 23.41
C SER C 94 -4.02 13.12 24.58
N SER C 95 -4.98 12.36 25.13
CA SER C 95 -5.80 12.78 26.25
C SER C 95 -5.06 12.51 27.60
N SER C 96 -4.96 11.27 28.10
CA SER C 96 -4.29 11.02 29.41
C SER C 96 -2.82 11.48 29.34
N SER C 97 -2.30 11.98 30.48
CA SER C 97 -0.86 12.29 30.64
C SER C 97 -0.11 11.04 31.11
N PHE C 98 1.21 11.19 31.26
CA PHE C 98 2.03 10.11 31.77
C PHE C 98 1.67 9.86 33.24
N LEU C 99 1.29 8.61 33.53
CA LEU C 99 1.26 8.05 34.87
C LEU C 99 2.64 8.16 35.55
N MET C 100 3.69 7.62 34.92
CA MET C 100 5.11 7.75 35.39
C MET C 100 6.20 7.69 34.28
N VAL C 101 7.34 8.33 34.56
CA VAL C 101 8.54 8.23 33.70
C VAL C 101 9.56 7.35 34.44
N VAL C 102 9.85 6.17 33.87
CA VAL C 102 10.90 5.29 34.36
C VAL C 102 12.14 5.61 33.58
N GLY C 103 13.20 6.01 34.26
CA GLY C 103 14.50 6.28 33.61
C GLY C 103 15.43 5.10 33.72
N VAL C 104 16.29 4.92 32.72
CA VAL C 104 17.28 3.85 32.75
C VAL C 104 18.68 4.43 32.48
N ILE C 105 19.64 4.14 33.36
CA ILE C 105 21.02 4.65 33.26
C ILE C 105 22.00 3.52 33.47
N ASN C 106 23.29 3.81 33.25
CA ASN C 106 24.37 2.87 33.63
C ASN C 106 25.44 3.53 34.52
N THR C 107 25.55 3.10 35.78
CA THR C 107 26.52 3.64 36.77
C THR C 107 28.00 3.33 36.47
N ASP C 108 28.25 2.25 35.74
CA ASP C 108 29.57 1.96 35.17
C ASP C 108 30.09 3.03 34.21
N GLY C 109 29.20 3.81 33.59
CA GLY C 109 29.57 4.69 32.46
C GLY C 109 30.05 3.91 31.25
N THR C 110 29.59 2.66 31.11
CA THR C 110 30.07 1.78 30.03
C THR C 110 29.13 1.70 28.82
N MET C 111 28.01 2.43 28.83
CA MET C 111 26.97 2.33 27.78
C MET C 111 26.55 3.68 27.23
N THR C 112 26.42 3.81 25.91
CA THR C 112 25.80 4.99 25.31
C THR C 112 24.25 4.99 25.50
N GLN C 113 23.59 6.10 25.16
CA GLN C 113 22.14 6.14 25.25
C GLN C 113 21.44 5.21 24.20
N GLU C 114 22.11 4.96 23.11
CA GLU C 114 21.67 4.01 22.09
C GLU C 114 21.74 2.55 22.63
N ASP C 115 22.87 2.21 23.24
CA ASP C 115 23.07 0.95 23.97
C ASP C 115 21.99 0.65 24.99
N ILE C 116 21.68 1.63 25.82
CA ILE C 116 20.67 1.49 26.84
C ILE C 116 19.31 1.42 26.18
N SER C 117 19.04 2.30 25.20
CA SER C 117 17.75 2.25 24.50
C SER C 117 17.50 0.85 23.93
N ASP C 118 18.52 0.23 23.35
CA ASP C 118 18.35 -1.11 22.82
C ASP C 118 18.04 -2.08 23.90
N TYR C 119 18.71 -1.96 25.04
CA TYR C 119 18.45 -2.87 26.15
C TYR C 119 17.00 -2.73 26.61
N VAL C 120 16.55 -1.50 26.81
CA VAL C 120 15.15 -1.25 27.16
C VAL C 120 14.13 -1.81 26.14
N ALA C 121 14.31 -1.49 24.84
CA ALA C 121 13.46 -2.01 23.77
C ALA C 121 13.33 -3.55 23.76
N ALA C 122 14.46 -4.24 23.76
CA ALA C 122 14.51 -5.69 23.60
C ALA C 122 14.20 -6.53 24.87
N ASN C 123 14.34 -5.94 26.04
CA ASN C 123 14.27 -6.69 27.30
C ASN C 123 13.26 -6.14 28.30
N MET C 124 12.88 -4.88 28.22
CA MET C 124 12.03 -4.31 29.24
C MET C 124 10.64 -3.90 28.75
N LYS C 125 10.55 -3.29 27.57
CA LYS C 125 9.38 -2.52 27.17
C LYS C 125 8.13 -3.36 27.04
N ASP C 126 8.30 -4.56 26.47
CA ASP C 126 7.15 -5.39 26.18
C ASP C 126 6.54 -5.92 27.46
N ALA C 127 7.39 -6.45 28.35
CA ALA C 127 6.96 -6.85 29.71
C ALA C 127 6.29 -5.71 30.53
N ILE C 128 6.79 -4.49 30.42
CA ILE C 128 6.08 -3.35 30.96
C ILE C 128 4.72 -3.11 30.28
N SER C 129 4.64 -3.16 28.95
CA SER C 129 3.33 -2.87 28.28
C SER C 129 2.22 -3.96 28.47
N ARG C 130 2.62 -5.15 28.92
CA ARG C 130 1.74 -6.24 29.38
C ARG C 130 1.45 -6.23 30.90
N THR C 131 2.03 -5.29 31.64
CA THR C 131 1.74 -5.15 33.07
C THR C 131 0.30 -4.64 33.16
N SER C 132 -0.40 -4.98 34.26
CA SER C 132 -1.83 -4.66 34.39
C SER C 132 -2.00 -3.17 34.65
N GLY C 133 -2.96 -2.57 33.93
CA GLY C 133 -3.24 -1.14 33.98
C GLY C 133 -2.45 -0.28 32.99
N VAL C 134 -1.49 -0.87 32.27
CA VAL C 134 -0.60 -0.12 31.37
C VAL C 134 -1.17 0.07 29.93
N GLY C 135 -1.45 1.32 29.54
CA GLY C 135 -1.86 1.65 28.17
C GLY C 135 -0.65 1.77 27.26
N ASP C 136 -0.44 2.95 26.67
CA ASP C 136 0.77 3.18 25.83
C ASP C 136 2.02 3.37 26.65
N VAL C 137 3.08 2.69 26.23
CA VAL C 137 4.41 2.90 26.72
C VAL C 137 5.21 3.46 25.54
N GLN C 138 5.89 4.59 25.75
CA GLN C 138 6.75 5.19 24.72
C GLN C 138 8.21 5.11 25.11
N LEU C 139 9.06 4.68 24.18
CA LEU C 139 10.51 4.49 24.44
C LEU C 139 11.32 5.82 24.25
N PHE C 140 12.22 6.14 25.18
CA PHE C 140 13.08 7.37 25.10
C PHE C 140 14.37 7.06 24.37
N GLY C 141 14.18 6.72 23.09
CA GLY C 141 15.22 6.18 22.19
C GLY C 141 14.66 5.20 21.15
N SER C 142 15.52 4.40 20.54
CA SER C 142 15.06 3.31 19.70
C SER C 142 15.87 2.11 19.97
N GLN C 143 15.33 0.98 19.56
CA GLN C 143 16.15 -0.21 19.42
C GLN C 143 17.28 0.16 18.44
N TYR C 144 18.33 -0.64 18.44
CA TYR C 144 19.40 -0.41 17.51
C TYR C 144 18.94 -0.52 16.06
N ALA C 145 19.63 0.21 15.20
CA ALA C 145 19.61 0.05 13.76
C ALA C 145 21.01 -0.25 13.33
N MET C 146 21.16 -0.96 12.22
CA MET C 146 22.45 -1.16 11.65
C MET C 146 22.73 0.14 10.91
N ARG C 147 23.78 0.83 11.33
CA ARG C 147 24.24 2.06 10.65
C ARG C 147 25.39 1.77 9.70
N ILE C 148 25.18 2.20 8.46
CA ILE C 148 26.18 2.23 7.43
C ILE C 148 26.51 3.73 7.25
N TRP C 149 27.74 4.07 7.58
CA TRP C 149 28.22 5.44 7.57
C TRP C 149 29.14 5.59 6.40
N MET C 150 28.64 6.15 5.30
CA MET C 150 29.38 6.23 4.07
C MET C 150 30.51 7.27 4.06
N ASN C 151 31.56 6.93 3.33
CA ASN C 151 32.67 7.82 3.03
C ASN C 151 32.73 8.17 1.52
N PRO C 152 32.45 9.43 1.13
CA PRO C 152 32.40 9.83 -0.27
C PRO C 152 33.73 9.74 -1.04
N ASN C 153 34.84 9.81 -0.33
CA ASN C 153 36.17 9.73 -0.97
C ASN C 153 36.44 8.32 -1.44
N GLU C 154 36.26 7.37 -0.52
CA GLU C 154 36.38 5.95 -0.86
C GLU C 154 35.30 5.49 -1.85
N LEU C 155 34.09 6.07 -1.82
CA LEU C 155 33.09 5.76 -2.87
C LEU C 155 33.52 6.19 -4.29
N ASN C 156 34.02 7.41 -4.40
CA ASN C 156 34.47 7.96 -5.68
C ASN C 156 35.68 7.22 -6.16
N LYS C 157 36.61 6.88 -5.25
CA LYS C 157 37.79 6.10 -5.57
C LYS C 157 37.38 4.93 -6.46
N PHE C 158 36.46 4.08 -5.98
CA PHE C 158 36.00 2.90 -6.73
C PHE C 158 34.77 3.15 -7.65
N GLN C 159 34.53 4.41 -8.01
CA GLN C 159 33.49 4.79 -8.97
C GLN C 159 32.07 4.36 -8.57
N LEU C 160 31.77 4.43 -7.26
CA LEU C 160 30.46 4.05 -6.68
C LEU C 160 29.74 5.25 -6.06
N THR C 161 28.45 5.09 -5.82
CA THR C 161 27.59 6.11 -5.25
C THR C 161 26.76 5.47 -4.15
N PRO C 162 26.07 6.29 -3.33
CA PRO C 162 25.15 5.68 -2.36
C PRO C 162 24.11 4.78 -2.99
N VAL C 163 23.73 5.07 -4.23
CA VAL C 163 22.73 4.24 -4.93
C VAL C 163 23.21 2.80 -5.02
N ASP C 164 24.49 2.63 -5.34
CA ASP C 164 25.09 1.31 -5.46
C ASP C 164 25.11 0.59 -4.15
N VAL C 165 25.42 1.34 -3.08
CA VAL C 165 25.38 0.84 -1.71
C VAL C 165 23.98 0.34 -1.33
N ILE C 166 22.95 1.10 -1.71
CA ILE C 166 21.57 0.72 -1.37
C ILE C 166 21.12 -0.53 -2.15
N THR C 167 21.47 -0.58 -3.43
CA THR C 167 21.16 -1.70 -4.27
C THR C 167 21.83 -2.99 -3.74
N ALA C 168 23.12 -2.92 -3.44
CA ALA C 168 23.84 -4.04 -2.83
C ALA C 168 23.28 -4.47 -1.47
N ILE C 169 22.90 -3.53 -0.60
CA ILE C 169 22.34 -3.94 0.70
C ILE C 169 21.03 -4.61 0.44
N LYS C 170 20.27 -4.15 -0.56
CA LYS C 170 18.96 -4.79 -0.84
C LYS C 170 19.07 -6.22 -1.40
N ALA C 171 20.19 -6.48 -2.06
CA ALA C 171 20.40 -7.72 -2.74
C ALA C 171 21.12 -8.71 -1.84
N GLN C 172 21.98 -8.24 -0.94
CA GLN C 172 22.78 -9.09 -0.09
C GLN C 172 22.34 -9.13 1.38
N ASN C 173 21.38 -8.28 1.77
CA ASN C 173 20.69 -8.41 3.05
C ASN C 173 19.22 -8.77 2.80
N ALA C 174 19.02 -10.02 2.44
CA ALA C 174 17.77 -10.43 1.82
C ALA C 174 17.32 -11.78 2.32
N GLN C 175 16.00 -11.94 2.39
CA GLN C 175 15.43 -13.15 2.85
C GLN C 175 14.39 -13.54 1.85
N VAL C 176 14.66 -14.63 1.16
CA VAL C 176 13.97 -14.96 -0.05
C VAL C 176 13.20 -16.26 0.06
N ALA C 177 11.96 -16.23 -0.41
CA ALA C 177 11.13 -17.41 -0.59
C ALA C 177 11.62 -18.19 -1.79
N ALA C 178 12.05 -19.42 -1.52
CA ALA C 178 12.77 -20.27 -2.47
C ALA C 178 12.12 -21.64 -2.72
N GLY C 179 11.00 -21.96 -2.08
CA GLY C 179 10.23 -23.14 -2.44
C GLY C 179 10.80 -24.41 -1.86
N GLN C 180 10.60 -25.52 -2.54
CA GLN C 180 10.88 -26.85 -1.99
C GLN C 180 11.35 -27.86 -3.05
N LEU C 181 12.13 -28.84 -2.61
CA LEU C 181 12.26 -30.09 -3.32
C LEU C 181 11.07 -30.94 -2.97
N GLY C 182 10.49 -31.55 -3.97
CA GLY C 182 9.44 -32.53 -3.76
C GLY C 182 8.12 -31.96 -3.27
N GLY C 183 7.88 -30.68 -3.55
CA GLY C 183 6.69 -29.98 -3.06
C GLY C 183 5.49 -30.33 -3.88
N THR C 184 4.31 -30.03 -3.34
CA THR C 184 3.10 -30.39 -4.07
C THR C 184 2.88 -29.43 -5.25
N PRO C 185 2.22 -29.91 -6.31
CA PRO C 185 1.90 -31.34 -6.53
C PRO C 185 3.15 -32.07 -7.01
N PRO C 186 3.33 -33.32 -6.56
CA PRO C 186 4.64 -33.93 -6.82
C PRO C 186 4.55 -34.94 -7.94
N VAL C 187 5.71 -35.40 -8.45
CA VAL C 187 5.68 -36.67 -9.16
C VAL C 187 5.29 -37.75 -8.17
N LYS C 188 4.30 -38.55 -8.53
CA LYS C 188 3.72 -39.53 -7.61
C LYS C 188 4.78 -40.57 -7.29
N GLY C 189 4.85 -40.97 -6.04
CA GLY C 189 5.90 -41.84 -5.55
C GLY C 189 7.07 -41.17 -4.83
N GLN C 190 7.07 -39.84 -4.81
CA GLN C 190 8.19 -38.99 -4.31
C GLN C 190 8.36 -39.22 -2.82
N GLN C 191 9.61 -39.39 -2.38
CA GLN C 191 9.96 -39.56 -0.93
C GLN C 191 10.57 -38.26 -0.34
N LEU C 192 11.59 -37.71 -1.01
CA LEU C 192 12.27 -36.52 -0.54
C LEU C 192 11.34 -35.31 -0.54
N ASN C 193 11.19 -34.68 0.63
CA ASN C 193 10.47 -33.40 0.74
C ASN C 193 11.23 -32.44 1.66
N ALA C 194 11.84 -31.41 1.10
CA ALA C 194 12.62 -30.52 1.91
C ALA C 194 12.44 -29.11 1.44
N SER C 195 12.36 -28.18 2.41
CA SER C 195 12.39 -26.74 2.10
C SER C 195 13.76 -26.37 1.54
N ILE C 196 13.78 -25.53 0.51
CA ILE C 196 15.00 -24.93 -0.01
C ILE C 196 15.21 -23.65 0.78
N ILE C 197 16.45 -23.44 1.26
CA ILE C 197 16.79 -22.28 2.06
C ILE C 197 17.90 -21.57 1.33
N ALA C 198 17.65 -20.32 0.91
CA ALA C 198 18.67 -19.51 0.22
C ALA C 198 19.14 -18.38 1.15
N GLN C 199 19.40 -17.17 0.63
CA GLN C 199 19.91 -16.08 1.49
C GLN C 199 19.03 -15.84 2.69
N THR C 200 19.66 -15.59 3.81
CA THR C 200 18.98 -15.12 5.00
C THR C 200 19.48 -13.72 5.32
N ARG C 201 18.66 -13.02 6.08
CA ARG C 201 19.03 -11.73 6.59
C ARG C 201 20.30 -11.75 7.39
N LEU C 202 21.11 -10.72 7.17
CA LEU C 202 22.40 -10.58 7.85
C LEU C 202 22.13 -10.23 9.30
N THR C 203 23.04 -10.65 10.18
CA THR C 203 22.87 -10.55 11.63
C THR C 203 23.92 -9.71 12.36
N SER C 204 24.87 -9.09 11.65
CA SER C 204 25.99 -8.43 12.34
C SER C 204 26.76 -7.40 11.48
N THR C 205 27.52 -6.54 12.13
CA THR C 205 28.36 -5.61 11.40
C THR C 205 29.37 -6.32 10.48
N GLU C 206 29.97 -7.40 10.97
CA GLU C 206 30.89 -8.22 10.19
C GLU C 206 30.25 -8.60 8.86
N GLU C 207 29.03 -9.13 8.91
CA GLU C 207 28.34 -9.57 7.68
C GLU C 207 27.98 -8.37 6.76
N PHE C 208 27.55 -7.24 7.32
CA PHE C 208 27.29 -6.08 6.47
C PHE C 208 28.61 -5.58 5.84
N GLY C 209 29.72 -5.64 6.59
CA GLY C 209 31.01 -5.20 6.10
C GLY C 209 31.56 -5.98 4.92
N LYS C 210 31.13 -7.23 4.76
CA LYS C 210 31.62 -8.09 3.67
C LYS C 210 30.66 -8.14 2.44
N ILE C 211 29.63 -7.29 2.44
CA ILE C 211 28.82 -7.13 1.27
C ILE C 211 29.72 -6.69 0.11
N LEU C 212 29.65 -7.47 -0.95
CA LEU C 212 30.42 -7.24 -2.14
C LEU C 212 29.75 -6.17 -3.03
N LEU C 213 30.35 -5.00 -3.13
CA LEU C 213 29.84 -3.95 -3.97
C LEU C 213 30.21 -4.08 -5.45
N LYS C 214 31.28 -4.81 -5.76
CA LYS C 214 31.93 -4.69 -7.08
C LYS C 214 33.29 -5.41 -7.07
N VAL C 215 33.59 -6.07 -8.19
CA VAL C 215 34.90 -6.65 -8.43
C VAL C 215 35.64 -5.83 -9.49
N ASN C 216 36.78 -5.24 -9.10
CA ASN C 216 37.56 -4.42 -10.02
C ASN C 216 38.08 -5.23 -11.21
N GLN C 217 38.42 -4.54 -12.30
CA GLN C 217 38.83 -5.25 -13.53
C GLN C 217 40.07 -6.14 -13.31
N ASP C 218 40.93 -5.72 -12.37
CA ASP C 218 42.07 -6.54 -11.93
C ASP C 218 41.72 -7.67 -10.95
N GLY C 219 40.44 -7.91 -10.64
CA GLY C 219 40.04 -8.98 -9.73
C GLY C 219 40.33 -8.76 -8.22
N SER C 220 40.53 -7.51 -7.80
CA SER C 220 40.36 -7.19 -6.38
C SER C 220 38.86 -6.86 -6.10
N ARG C 221 38.48 -7.10 -4.83
CA ARG C 221 37.13 -6.95 -4.33
C ARG C 221 36.98 -5.63 -3.55
N VAL C 222 35.88 -4.90 -3.84
CA VAL C 222 35.45 -3.76 -3.03
C VAL C 222 34.29 -4.19 -2.14
N LEU C 223 34.52 -4.17 -0.85
CA LEU C 223 33.52 -4.60 0.12
C LEU C 223 32.94 -3.37 0.81
N LEU C 224 31.70 -3.47 1.27
CA LEU C 224 31.02 -2.33 1.90
C LEU C 224 31.87 -1.64 2.94
N ARG C 225 32.62 -2.41 3.72
CA ARG C 225 33.44 -1.85 4.80
C ARG C 225 34.60 -1.07 4.24
N ASP C 226 34.93 -1.25 2.96
CA ASP C 226 35.93 -0.43 2.29
C ASP C 226 35.45 0.98 1.97
N VAL C 227 34.14 1.24 2.06
CA VAL C 227 33.62 2.55 1.78
C VAL C 227 32.73 3.05 2.91
N ALA C 228 32.78 2.42 4.08
CA ALA C 228 31.87 2.80 5.15
C ALA C 228 32.25 2.30 6.51
N LYS C 229 31.98 3.10 7.52
CA LYS C 229 32.07 2.61 8.87
C LYS C 229 30.74 1.96 9.22
N ILE C 230 30.78 0.98 10.11
CA ILE C 230 29.65 0.08 10.29
C ILE C 230 29.54 -0.22 11.76
N GLU C 231 28.46 0.27 12.37
CA GLU C 231 28.22 0.07 13.80
C GLU C 231 26.75 -0.09 14.12
N LEU C 232 26.43 -0.74 15.24
CA LEU C 232 25.06 -0.67 15.79
C LEU C 232 24.86 0.74 16.39
N GLY C 233 23.74 1.39 16.12
CA GLY C 233 23.46 2.72 16.65
C GLY C 233 21.97 2.93 16.81
N GLY C 234 21.56 4.19 16.87
CA GLY C 234 20.17 4.57 16.99
C GLY C 234 19.54 4.69 15.65
N GLU C 235 18.20 4.67 15.65
CA GLU C 235 17.43 4.98 14.44
C GLU C 235 17.56 6.43 14.09
N ASN C 236 17.64 7.32 15.09
CA ASN C 236 18.23 8.64 14.87
C ASN C 236 18.72 9.35 16.13
N TYR C 237 19.31 10.53 15.93
CA TYR C 237 20.17 11.14 16.89
C TYR C 237 19.70 12.59 17.18
N ASP C 238 18.43 12.88 16.97
CA ASP C 238 17.90 14.22 17.20
C ASP C 238 17.88 14.61 18.67
N ILE C 239 17.72 13.61 19.55
CA ILE C 239 17.53 13.80 20.98
C ILE C 239 18.69 13.24 21.75
N ILE C 240 19.19 13.99 22.74
CA ILE C 240 20.16 13.46 23.72
C ILE C 240 19.60 13.59 25.11
N ALA C 241 19.60 12.47 25.85
CA ALA C 241 18.96 12.34 27.16
C ALA C 241 20.03 12.09 28.18
N GLU C 242 20.04 12.88 29.24
CA GLU C 242 20.98 12.69 30.35
C GLU C 242 20.26 12.73 31.67
N PHE C 243 20.73 11.91 32.60
CA PHE C 243 20.21 11.86 33.98
C PHE C 243 21.31 12.21 34.97
N ASN C 244 21.30 13.43 35.50
CA ASN C 244 22.38 13.89 36.40
C ASN C 244 23.74 13.74 35.72
N GLY C 245 23.80 14.16 34.46
CA GLY C 245 25.02 14.04 33.65
C GLY C 245 25.23 12.77 32.84
N GLN C 246 24.71 11.63 33.30
CA GLN C 246 24.99 10.32 32.67
C GLN C 246 24.05 10.04 31.52
N PRO C 247 24.52 9.25 30.52
CA PRO C 247 23.59 8.91 29.44
C PRO C 247 22.41 8.10 29.98
N ALA C 248 21.27 8.32 29.35
CA ALA C 248 20.06 7.63 29.75
C ALA C 248 19.10 7.30 28.61
N SER C 249 18.27 6.30 28.86
CA SER C 249 17.03 6.13 28.12
C SER C 249 15.91 5.93 29.18
N GLY C 250 14.79 5.40 28.77
CA GLY C 250 13.68 5.21 29.68
C GLY C 250 12.38 4.94 28.96
N LEU C 251 11.33 4.94 29.75
CA LEU C 251 10.00 4.65 29.29
C LEU C 251 9.04 5.71 29.80
N GLY C 252 8.19 6.22 28.91
CA GLY C 252 7.05 7.04 29.30
C GLY C 252 5.88 6.09 29.35
N ILE C 253 5.22 6.00 30.51
CA ILE C 253 4.13 5.02 30.73
C ILE C 253 2.77 5.68 31.00
N LYS C 254 1.82 5.49 30.08
CA LYS C 254 0.43 5.99 30.20
C LYS C 254 -0.52 4.94 30.80
N LEU C 255 -1.56 5.40 31.50
CA LEU C 255 -2.53 4.51 32.12
C LEU C 255 -3.64 4.16 31.17
N ALA C 256 -4.07 2.90 31.21
CA ALA C 256 -5.22 2.43 30.42
C ALA C 256 -6.52 3.06 30.94
N THR C 257 -7.53 3.18 30.07
CA THR C 257 -8.74 3.87 30.50
C THR C 257 -9.42 2.94 31.52
N GLY C 258 -9.95 3.55 32.58
CA GLY C 258 -10.65 2.83 33.64
C GLY C 258 -9.83 1.82 34.44
N ALA C 259 -8.51 2.02 34.54
CA ALA C 259 -7.64 1.16 35.36
C ALA C 259 -7.09 2.02 36.51
N ASN C 260 -6.53 1.40 37.55
CA ASN C 260 -6.13 2.15 38.75
C ASN C 260 -4.65 2.60 38.81
N ALA C 261 -4.46 3.90 39.06
CA ALA C 261 -3.13 4.57 39.11
C ALA C 261 -2.20 4.06 40.21
N LEU C 262 -2.75 3.92 41.42
CA LEU C 262 -1.96 3.52 42.57
C LEU C 262 -1.56 2.04 42.44
N ASP C 263 -2.45 1.21 41.87
CA ASP C 263 -2.21 -0.25 41.68
C ASP C 263 -1.27 -0.56 40.54
N THR C 264 -1.48 0.15 39.44
CA THR C 264 -0.62 0.07 38.26
C THR C 264 0.84 0.51 38.56
N ALA C 265 0.98 1.62 39.28
CA ALA C 265 2.28 2.11 39.74
C ALA C 265 3.07 1.05 40.52
N ALA C 266 2.37 0.28 41.35
CA ALA C 266 3.00 -0.78 42.13
C ALA C 266 3.29 -1.98 41.25
N ALA C 267 2.32 -2.36 40.44
CA ALA C 267 2.50 -3.43 39.45
C ALA C 267 3.75 -3.19 38.55
N ILE C 268 3.98 -1.94 38.14
CA ILE C 268 5.19 -1.55 37.38
C ILE C 268 6.46 -1.74 38.22
N ARG C 269 6.46 -1.14 39.41
CA ARG C 269 7.63 -1.23 40.33
C ARG C 269 8.00 -2.67 40.68
N ALA C 270 6.98 -3.54 40.78
CA ALA C 270 7.18 -4.98 40.98
C ALA C 270 7.64 -5.71 39.73
N GLU C 271 7.17 -5.31 38.55
CA GLU C 271 7.74 -5.83 37.29
C GLU C 271 9.19 -5.41 37.12
N LEU C 272 9.50 -4.18 37.52
CA LEU C 272 10.88 -3.67 37.45
C LEU C 272 11.79 -4.35 38.47
N ALA C 273 11.30 -4.56 39.70
CA ALA C 273 12.04 -5.35 40.71
C ALA C 273 12.35 -6.79 40.21
N LYS C 274 11.37 -7.41 39.57
CA LYS C 274 11.56 -8.73 38.94
C LYS C 274 12.68 -8.72 37.87
N MET C 275 12.86 -7.60 37.17
CA MET C 275 13.91 -7.45 36.12
C MET C 275 15.35 -7.21 36.63
N GLU C 276 15.52 -6.57 37.80
CA GLU C 276 16.85 -6.10 38.29
C GLU C 276 17.94 -7.14 38.52
N PRO C 277 17.55 -8.37 38.94
CA PRO C 277 18.54 -9.46 38.90
C PRO C 277 19.13 -9.75 37.52
N PHE C 278 18.31 -9.69 36.47
CA PHE C 278 18.75 -10.05 35.11
C PHE C 278 19.54 -8.97 34.36
N PHE C 279 19.62 -7.74 34.90
CA PHE C 279 20.33 -6.62 34.21
C PHE C 279 21.80 -6.90 33.95
N PRO C 280 22.37 -6.29 32.88
CA PRO C 280 23.84 -6.27 32.80
C PRO C 280 24.43 -5.35 33.86
N SER C 281 25.69 -5.58 34.20
CA SER C 281 26.32 -4.88 35.32
C SER C 281 26.17 -3.37 35.17
N GLY C 282 25.73 -2.72 36.24
CA GLY C 282 25.68 -1.26 36.33
C GLY C 282 24.41 -0.59 35.82
N LEU C 283 23.48 -1.34 35.22
CA LEU C 283 22.25 -0.74 34.72
C LEU C 283 21.43 -0.47 35.95
N LYS C 284 20.87 0.73 36.08
CA LYS C 284 20.01 1.06 37.22
C LYS C 284 18.72 1.75 36.77
N ILE C 285 17.65 1.52 37.50
CA ILE C 285 16.39 2.21 37.29
C ILE C 285 16.26 3.41 38.23
N VAL C 286 15.78 4.52 37.67
CA VAL C 286 15.47 5.77 38.41
C VAL C 286 14.08 6.25 38.03
N TYR C 287 13.52 7.17 38.83
CA TYR C 287 12.13 7.62 38.71
C TYR C 287 12.05 9.14 38.82
N PRO C 288 12.22 9.85 37.68
CA PRO C 288 12.04 11.31 37.67
C PRO C 288 10.62 11.88 38.02
N TYR C 289 9.58 11.05 38.19
CA TYR C 289 8.21 11.59 38.31
C TYR C 289 7.21 10.56 38.86
N GLN C 309 4.33 21.15 45.79
CA GLN C 309 4.47 20.06 44.82
C GLN C 309 5.87 19.42 44.92
N GLY C 310 6.15 18.40 44.10
CA GLY C 310 7.41 17.64 44.12
C GLY C 310 8.46 17.91 43.03
N VAL C 311 8.06 18.45 41.87
CA VAL C 311 8.97 18.67 40.71
C VAL C 311 8.75 20.03 40.00
N PHE C 312 9.56 20.28 38.96
CA PHE C 312 9.45 21.51 38.14
C PHE C 312 10.42 21.42 36.97
N MET C 313 10.29 22.34 36.01
CA MET C 313 11.07 22.32 34.78
C MET C 313 11.99 23.55 34.58
N THR C 314 12.97 23.42 33.68
CA THR C 314 13.76 24.56 33.21
C THR C 314 13.81 24.44 31.74
N MET C 315 13.36 25.46 31.02
CA MET C 315 13.40 25.40 29.56
C MET C 315 14.69 26.05 29.05
N VAL C 316 15.22 25.56 27.94
CA VAL C 316 16.45 26.07 27.35
C VAL C 316 16.20 26.42 25.89
N GLN C 317 16.50 27.63 25.46
CA GLN C 317 16.17 28.06 24.10
C GLN C 317 17.32 28.90 23.51
N LEU C 318 18.22 28.25 22.82
CA LEU C 318 19.29 28.92 22.07
C LEU C 318 18.73 29.60 20.81
N PRO C 319 19.51 30.55 20.23
CA PRO C 319 19.00 31.20 19.02
C PRO C 319 19.05 30.30 17.75
N ALA C 320 18.42 30.78 16.68
CA ALA C 320 18.07 29.95 15.57
C ALA C 320 19.32 29.67 14.73
N GLY C 321 19.48 28.45 14.26
CA GLY C 321 20.72 28.02 13.62
C GLY C 321 21.70 27.33 14.56
N ALA C 322 21.44 27.41 15.87
CA ALA C 322 22.34 26.88 16.89
C ALA C 322 22.29 25.37 16.96
N THR C 323 23.45 24.80 17.26
CA THR C 323 23.67 23.37 17.19
C THR C 323 23.36 22.63 18.48
N GLN C 324 23.21 21.31 18.32
CA GLN C 324 23.00 20.41 19.43
C GLN C 324 24.10 20.56 20.50
N GLU C 325 25.35 20.74 20.07
CA GLU C 325 26.44 20.83 21.02
C GLU C 325 26.37 22.10 21.87
N ARG C 326 25.91 23.19 21.28
CA ARG C 326 25.75 24.44 22.02
C ARG C 326 24.63 24.31 23.01
N THR C 327 23.61 23.59 22.62
CA THR C 327 22.49 23.41 23.50
C THR C 327 22.84 22.49 24.66
N GLN C 328 23.76 21.56 24.42
CA GLN C 328 24.17 20.57 25.40
C GLN C 328 25.04 21.23 26.47
N LYS C 329 25.96 22.08 26.03
CA LYS C 329 26.80 22.93 26.88
C LYS C 329 25.96 23.74 27.88
N VAL C 330 24.86 24.33 27.41
CA VAL C 330 23.97 25.09 28.29
C VAL C 330 23.19 24.15 29.21
N LEU C 331 22.66 23.05 28.67
CA LEU C 331 21.99 22.04 29.52
C LEU C 331 22.86 21.52 30.64
N ASN C 332 24.14 21.29 30.35
CA ASN C 332 25.13 20.85 31.36
C ASN C 332 25.41 21.84 32.52
N GLU C 333 25.60 23.14 32.21
CA GLU C 333 25.53 24.22 33.23
C GLU C 333 24.25 24.15 34.09
N VAL C 334 23.08 23.98 33.47
CA VAL C 334 21.81 23.82 34.22
C VAL C 334 21.86 22.56 35.11
N THR C 335 22.29 21.44 34.58
CA THR C 335 22.48 20.27 35.45
C THR C 335 23.43 20.61 36.64
N HIS C 336 24.53 21.29 36.35
CA HIS C 336 25.58 21.56 37.32
C HIS C 336 25.15 22.52 38.41
N TYR C 337 24.45 23.56 38.02
CA TYR C 337 23.88 24.49 38.98
C TYR C 337 22.98 23.74 40.00
N TYR C 338 22.00 22.96 39.52
CA TYR C 338 21.08 22.24 40.41
C TYR C 338 21.78 21.19 41.27
N LEU C 339 22.79 20.51 40.74
CA LEU C 339 23.44 19.44 41.52
C LEU C 339 24.45 19.97 42.54
N THR C 340 24.89 21.22 42.39
CA THR C 340 25.75 21.87 43.37
C THR C 340 25.08 23.00 44.16
N LYS C 341 24.74 24.11 43.49
CA LYS C 341 24.05 25.25 44.16
C LYS C 341 22.73 24.91 44.85
N GLU C 342 22.07 23.81 44.44
CA GLU C 342 20.88 23.29 45.15
C GLU C 342 21.01 21.82 45.56
N LYS C 343 22.21 21.36 45.92
CA LYS C 343 22.42 19.97 46.39
C LYS C 343 21.64 19.55 47.63
N ASN C 344 21.15 20.50 48.43
CA ASN C 344 20.25 20.16 49.55
C ASN C 344 18.84 19.83 49.08
N ASN C 345 18.42 20.48 48.00
CA ASN C 345 17.05 20.46 47.53
C ASN C 345 16.73 19.52 46.35
N VAL C 346 17.73 19.21 45.51
CA VAL C 346 17.51 18.51 44.23
C VAL C 346 17.90 17.06 44.32
N GLU C 347 16.98 16.17 43.91
CA GLU C 347 17.23 14.73 43.75
C GLU C 347 17.85 14.44 42.39
N SER C 348 17.24 14.95 41.32
CA SER C 348 17.72 14.70 39.96
C SER C 348 17.40 15.79 38.96
N VAL C 349 18.18 15.79 37.88
CA VAL C 349 17.99 16.63 36.70
C VAL C 349 18.01 15.71 35.47
N PHE C 350 16.84 15.55 34.82
CA PHE C 350 16.73 14.75 33.60
C PHE C 350 16.69 15.73 32.39
N ALA C 351 17.73 15.72 31.57
CA ALA C 351 17.93 16.75 30.56
C ALA C 351 17.74 16.12 29.17
N VAL C 352 16.88 16.77 28.39
CA VAL C 352 16.49 16.29 27.08
C VAL C 352 16.85 17.39 26.11
N ASN C 353 17.71 17.05 25.15
CA ASN C 353 18.24 18.02 24.20
C ASN C 353 17.65 17.72 22.87
N GLY C 354 16.99 18.70 22.26
CA GLY C 354 16.38 18.52 20.93
C GLY C 354 14.86 18.50 20.94
N PHE C 355 14.30 18.59 22.15
CA PHE C 355 12.86 18.68 22.41
C PHE C 355 12.66 19.83 23.42
N GLY C 356 11.59 20.59 23.30
CA GLY C 356 11.33 21.69 24.25
C GLY C 356 10.04 22.44 24.07
N PHE C 357 9.94 23.59 24.73
CA PHE C 357 8.80 24.48 24.53
C PHE C 357 8.92 25.07 23.13
N ALA C 358 7.78 25.22 22.47
CA ALA C 358 7.67 25.75 21.09
C ALA C 358 8.19 24.85 19.92
N GLY C 359 8.75 23.66 20.18
CA GLY C 359 9.12 22.71 19.10
C GLY C 359 10.25 21.70 19.33
N ARG C 360 10.67 21.03 18.26
CA ARG C 360 11.90 20.23 18.23
C ARG C 360 12.97 21.03 17.51
N GLY C 361 14.21 20.54 17.56
CA GLY C 361 15.32 21.23 16.90
C GLY C 361 16.58 21.13 17.74
N GLN C 362 17.70 21.25 17.06
CA GLN C 362 19.02 21.17 17.67
C GLN C 362 19.29 22.26 18.69
N ASN C 363 18.48 23.31 18.65
CA ASN C 363 18.66 24.49 19.48
C ASN C 363 17.67 24.65 20.64
N THR C 364 16.93 23.61 21.04
CA THR C 364 16.06 23.65 22.25
C THR C 364 16.30 22.44 23.14
N GLY C 365 15.86 22.60 24.37
CA GLY C 365 15.95 21.57 25.34
C GLY C 365 15.15 21.90 26.56
N ILE C 366 15.11 20.93 27.46
CA ILE C 366 14.34 21.07 28.65
C ILE C 366 14.86 20.12 29.72
N ALA C 367 14.89 20.62 30.94
CA ALA C 367 15.39 19.90 32.09
C ALA C 367 14.23 19.72 33.04
N PHE C 368 13.91 18.47 33.32
CA PHE C 368 12.97 18.07 34.36
C PHE C 368 13.80 17.95 35.63
N VAL C 369 13.47 18.79 36.60
CA VAL C 369 14.12 18.77 37.88
C VAL C 369 13.18 18.12 38.87
N SER C 370 13.73 17.14 39.58
CA SER C 370 13.01 16.38 40.56
C SER C 370 13.59 16.67 41.95
N LEU C 371 12.73 17.08 42.89
CA LEU C 371 13.17 17.55 44.22
C LEU C 371 13.11 16.45 45.26
N LYS C 372 13.91 16.62 46.31
CA LYS C 372 13.79 15.80 47.50
C LYS C 372 12.45 16.15 48.18
N ASP C 373 11.92 15.17 48.93
CA ASP C 373 10.59 15.23 49.61
C ASP C 373 10.26 16.59 50.19
N TRP C 374 9.03 17.09 50.00
CA TRP C 374 8.58 18.32 50.71
C TRP C 374 9.03 18.25 52.19
N ALA C 375 8.79 17.10 52.82
CA ALA C 375 9.16 16.85 54.21
C ALA C 375 10.63 17.18 54.57
N ASP C 376 11.58 16.99 53.64
CA ASP C 376 13.03 17.23 53.89
C ASP C 376 13.58 18.62 53.48
N ARG C 377 12.72 19.53 53.05
CA ARG C 377 13.13 20.85 52.60
C ARG C 377 12.52 21.91 53.56
N PRO C 378 12.98 21.91 54.83
CA PRO C 378 12.36 22.89 55.76
C PRO C 378 12.67 24.34 55.37
N GLY C 379 11.68 25.22 55.46
CA GLY C 379 11.84 26.67 55.23
C GLY C 379 11.32 27.07 53.88
N GLU C 380 10.68 28.22 53.77
CA GLU C 380 10.10 28.66 52.47
C GLU C 380 11.12 28.92 51.36
N GLU C 381 12.39 29.08 51.76
CA GLU C 381 13.49 29.23 50.82
C GLU C 381 13.92 27.91 50.13
N ASN C 382 13.43 26.78 50.62
CA ASN C 382 13.70 25.47 50.02
C ASN C 382 12.48 24.88 49.33
N LYS C 383 11.44 25.70 49.18
CA LYS C 383 10.23 25.35 48.43
C LYS C 383 10.43 25.72 46.97
N VAL C 384 9.61 25.12 46.12
CA VAL C 384 9.69 25.27 44.68
C VAL C 384 9.71 26.75 44.23
N GLU C 385 8.91 27.56 44.91
CA GLU C 385 8.70 28.94 44.47
C GLU C 385 10.01 29.73 44.57
N ALA C 386 10.69 29.59 45.70
CA ALA C 386 11.98 30.27 45.94
C ALA C 386 13.11 29.69 45.11
N ILE C 387 13.17 28.36 45.00
CA ILE C 387 14.12 27.67 44.14
C ILE C 387 14.07 28.21 42.70
N THR C 388 12.90 28.30 42.12
CA THR C 388 12.79 28.67 40.71
C THR C 388 13.13 30.16 40.47
N MET C 389 12.92 30.99 41.47
CA MET C 389 13.30 32.40 41.38
C MET C 389 14.82 32.58 41.41
N ARG C 390 15.52 31.77 42.21
CA ARG C 390 16.99 31.84 42.26
C ARG C 390 17.52 31.30 40.98
N ALA C 391 17.06 30.10 40.64
CA ALA C 391 17.42 29.46 39.37
C ALA C 391 17.36 30.46 38.20
N THR C 392 16.20 31.09 38.02
CA THR C 392 15.99 32.06 36.93
C THR C 392 16.92 33.27 37.03
N ARG C 393 17.18 33.75 38.27
CA ARG C 393 18.13 34.87 38.50
C ARG C 393 19.55 34.47 38.05
N ALA C 394 20.04 33.32 38.48
CA ALA C 394 21.38 32.81 38.11
C ALA C 394 21.56 32.63 36.63
N PHE C 395 20.56 32.03 35.99
CA PHE C 395 20.61 31.72 34.55
C PHE C 395 20.38 32.93 33.63
N SER C 396 19.87 34.04 34.15
CA SER C 396 19.78 35.28 33.38
C SER C 396 21.15 35.88 33.03
N GLN C 397 22.23 35.37 33.62
CA GLN C 397 23.58 35.77 33.24
C GLN C 397 24.17 34.96 32.07
N ILE C 398 23.50 33.88 31.62
CA ILE C 398 24.02 33.06 30.50
C ILE C 398 23.89 33.82 29.18
N LYS C 399 25.02 33.98 28.50
CA LYS C 399 25.00 34.59 27.18
C LYS C 399 24.51 33.61 26.11
N ASP C 400 23.75 34.18 25.18
CA ASP C 400 23.29 33.48 23.98
C ASP C 400 22.42 32.27 24.33
N ALA C 401 21.48 32.50 25.24
CA ALA C 401 20.46 31.52 25.60
C ALA C 401 19.40 32.18 26.48
N MET C 402 18.13 31.87 26.22
CA MET C 402 17.02 32.22 27.10
C MET C 402 16.83 30.95 27.92
N VAL C 403 16.86 31.07 29.25
CA VAL C 403 16.83 29.90 30.13
C VAL C 403 15.97 30.21 31.34
N PHE C 404 14.75 29.65 31.36
CA PHE C 404 13.74 30.03 32.35
C PHE C 404 13.36 28.79 33.18
N ALA C 405 13.27 28.95 34.50
CA ALA C 405 12.75 27.91 35.41
C ALA C 405 11.34 28.25 35.90
N PHE C 406 10.50 27.23 36.11
CA PHE C 406 9.08 27.43 36.51
C PHE C 406 8.45 26.14 36.99
N ASN C 407 7.35 26.26 37.74
CA ASN C 407 6.50 25.08 38.05
C ASN C 407 5.32 25.01 37.07
N LEU C 408 4.97 23.81 36.59
CA LEU C 408 3.90 23.65 35.57
C LEU C 408 2.53 24.17 36.05
N PRO C 409 1.90 23.52 37.07
CA PRO C 409 0.60 24.08 37.54
C PRO C 409 0.60 25.49 38.22
N ALA C 410 1.70 26.27 38.14
CA ALA C 410 1.73 27.72 38.50
C ALA C 410 1.43 28.65 37.28
N ILE C 411 2.23 28.56 36.20
CA ILE C 411 1.93 29.24 34.90
C ILE C 411 1.07 28.28 34.07
N THR C 416 -2.30 30.68 35.23
CA THR C 416 -2.81 31.92 34.61
C THR C 416 -4.02 31.67 33.66
N ALA C 417 -5.19 31.46 34.27
CA ALA C 417 -6.48 31.47 33.57
C ALA C 417 -6.88 32.92 33.22
N THR C 418 -5.97 33.65 32.57
CA THR C 418 -6.15 35.03 32.09
C THR C 418 -5.69 35.22 30.60
N GLY C 419 -5.30 34.11 29.97
CA GLY C 419 -4.69 34.15 28.66
C GLY C 419 -5.67 33.85 27.54
N PHE C 420 -5.25 34.20 26.33
CA PHE C 420 -6.01 33.92 25.14
C PHE C 420 -5.17 33.17 24.08
N ASP C 421 -5.83 32.52 23.11
CA ASP C 421 -5.21 31.68 22.08
C ASP C 421 -5.79 32.02 20.71
N PHE C 422 -5.06 32.82 19.96
CA PHE C 422 -5.53 33.38 18.70
C PHE C 422 -4.85 32.64 17.53
N GLU C 423 -5.57 32.42 16.43
CA GLU C 423 -4.99 31.80 15.25
C GLU C 423 -5.22 32.81 14.16
N LEU C 424 -4.14 33.24 13.52
CA LEU C 424 -4.18 34.04 12.35
C LEU C 424 -4.11 33.12 11.13
N ILE C 425 -4.98 33.33 10.16
CA ILE C 425 -5.29 32.33 9.17
C ILE C 425 -5.14 32.87 7.76
N ASP C 426 -4.41 32.19 6.90
CA ASP C 426 -4.38 32.49 5.46
C ASP C 426 -5.65 31.95 4.76
N GLN C 427 -6.59 32.85 4.47
CA GLN C 427 -7.89 32.53 3.89
C GLN C 427 -7.93 32.55 2.34
N ALA C 428 -6.89 33.08 1.66
CA ALA C 428 -6.89 33.25 0.18
C ALA C 428 -5.58 32.90 -0.52
N GLY C 429 -4.89 31.89 -0.03
CA GLY C 429 -3.73 31.37 -0.77
C GLY C 429 -2.62 32.40 -0.86
N LEU C 430 -2.51 33.24 0.18
CA LEU C 430 -1.45 34.26 0.28
C LEU C 430 -0.02 33.73 0.34
N GLY C 431 0.17 32.60 0.99
CA GLY C 431 1.52 32.10 1.26
C GLY C 431 2.11 32.56 2.61
N HIS C 432 3.14 31.85 3.01
CA HIS C 432 3.84 32.04 4.29
C HIS C 432 4.47 33.44 4.46
N GLU C 433 5.16 33.93 3.44
CA GLU C 433 5.82 35.25 3.54
C GLU C 433 4.78 36.34 3.87
N LYS C 434 3.67 36.38 3.14
CA LYS C 434 2.63 37.40 3.41
C LYS C 434 1.89 37.20 4.70
N LEU C 435 1.72 35.96 5.14
CA LEU C 435 1.10 35.72 6.42
C LEU C 435 2.00 36.18 7.59
N THR C 436 3.30 36.07 7.42
CA THR C 436 4.25 36.55 8.42
C THR C 436 4.16 38.09 8.49
N GLN C 437 4.14 38.77 7.35
CA GLN C 437 3.96 40.25 7.30
C GLN C 437 2.69 40.70 8.01
N ALA C 438 1.59 40.02 7.73
CA ALA C 438 0.32 40.27 8.42
C ALA C 438 0.40 39.99 9.92
N ARG C 439 1.12 38.94 10.30
CA ARG C 439 1.31 38.63 11.69
C ARG C 439 2.00 39.76 12.44
N ASN C 440 3.16 40.16 11.92
CA ASN C 440 3.93 41.30 12.43
C ASN C 440 3.14 42.61 12.54
N GLN C 441 2.37 42.90 11.52
CA GLN C 441 1.47 44.02 11.53
C GLN C 441 0.44 43.95 12.67
N LEU C 442 -0.09 42.77 12.95
CA LEU C 442 -0.96 42.61 14.12
C LEU C 442 -0.19 42.77 15.43
N LEU C 443 0.99 42.19 15.51
CA LEU C 443 1.78 42.20 16.75
C LEU C 443 2.29 43.62 17.08
N ALA C 444 2.69 44.37 16.04
CA ALA C 444 3.10 45.76 16.17
C ALA C 444 1.97 46.65 16.70
N GLU C 445 0.74 46.43 16.22
CA GLU C 445 -0.46 47.12 16.77
C GLU C 445 -0.84 46.70 18.20
N ALA C 446 -0.69 45.44 18.56
CA ALA C 446 -1.03 45.03 19.93
C ALA C 446 -0.06 45.66 20.94
N ALA C 447 1.16 45.94 20.47
CA ALA C 447 2.22 46.55 21.30
C ALA C 447 1.88 48.02 21.64
N LYS C 448 1.17 48.68 20.73
CA LYS C 448 0.68 50.03 20.93
C LYS C 448 -0.54 50.16 21.86
N HIS C 449 -1.09 49.06 22.36
CA HIS C 449 -2.14 49.09 23.38
C HIS C 449 -1.72 48.25 24.57
N PRO C 450 -0.59 48.61 25.24
CA PRO C 450 -0.19 47.84 26.43
C PRO C 450 -1.09 48.12 27.66
N ASP C 451 -1.88 49.20 27.61
CA ASP C 451 -3.07 49.39 28.46
C ASP C 451 -4.02 48.18 28.52
N MET C 452 -4.31 47.57 27.37
CA MET C 452 -5.30 46.47 27.22
C MET C 452 -4.72 45.02 27.12
N LEU C 453 -3.50 44.88 26.54
CA LEU C 453 -2.79 43.58 26.26
C LEU C 453 -1.34 43.56 26.74
N THR C 454 -0.89 42.48 27.37
CA THR C 454 0.58 42.25 27.52
C THR C 454 1.02 40.89 26.91
N SER C 455 2.28 40.86 26.45
CA SER C 455 2.95 39.61 26.04
C SER C 455 2.26 38.92 24.82
N VAL C 456 1.83 39.74 23.85
CA VAL C 456 1.24 39.21 22.64
C VAL C 456 2.39 38.79 21.76
N ARG C 457 2.44 37.50 21.46
CA ARG C 457 3.62 36.89 20.87
C ARG C 457 3.24 35.62 20.05
N PRO C 458 3.99 35.31 18.98
CA PRO C 458 3.74 34.06 18.31
C PRO C 458 4.10 32.89 19.20
N ASN C 459 3.34 31.82 19.11
CA ASN C 459 3.63 30.56 19.81
C ASN C 459 4.61 29.77 19.01
N GLY C 460 4.78 30.09 17.73
CA GLY C 460 5.63 29.32 16.85
C GLY C 460 7.04 29.86 16.78
N LEU C 461 7.74 29.45 15.72
CA LEU C 461 9.12 29.78 15.49
C LEU C 461 9.28 30.71 14.31
N GLU C 462 10.45 31.36 14.28
CA GLU C 462 10.79 32.32 13.25
C GLU C 462 11.51 31.65 12.13
N ASP C 463 11.32 32.18 10.93
CA ASP C 463 12.08 31.81 9.77
C ASP C 463 13.56 31.85 10.08
N THR C 464 14.37 31.00 9.45
CA THR C 464 15.82 30.83 9.72
C THR C 464 16.62 30.61 8.42
N PRO C 465 17.98 30.75 8.47
CA PRO C 465 18.70 30.57 7.22
C PRO C 465 18.64 29.12 6.78
N GLN C 466 18.36 28.90 5.49
CA GLN C 466 18.47 27.58 4.93
C GLN C 466 19.26 27.57 3.62
N PHE C 467 19.81 26.39 3.26
CA PHE C 467 20.76 26.21 2.14
C PHE C 467 19.98 25.65 0.95
N LYS C 468 19.75 26.50 -0.03
CA LYS C 468 18.96 26.16 -1.17
C LYS C 468 19.85 25.70 -2.26
N ILE C 469 19.71 24.45 -2.70
CA ILE C 469 20.51 23.93 -3.80
C ILE C 469 19.65 23.63 -5.02
N ASP C 470 19.94 24.27 -6.16
CA ASP C 470 19.26 24.00 -7.43
C ASP C 470 20.09 23.06 -8.25
N ILE C 471 19.49 21.98 -8.70
CA ILE C 471 20.07 21.10 -9.70
C ILE C 471 19.87 21.74 -11.09
N ASP C 472 20.91 21.75 -11.92
CA ASP C 472 20.75 22.22 -13.30
C ASP C 472 20.32 21.04 -14.21
N GLN C 473 19.07 21.08 -14.66
CA GLN C 473 18.55 19.98 -15.46
C GLN C 473 19.31 19.82 -16.77
N GLU C 474 19.65 20.95 -17.40
CA GLU C 474 20.36 20.89 -18.68
C GLU C 474 21.75 20.25 -18.55
N LYS C 475 22.52 20.61 -17.53
CA LYS C 475 23.83 20.02 -17.36
C LYS C 475 23.73 18.54 -17.00
N ALA C 476 22.80 18.20 -16.11
CA ALA C 476 22.62 16.80 -15.73
C ALA C 476 22.36 15.98 -16.99
N GLN C 477 21.51 16.48 -17.87
CA GLN C 477 21.24 15.79 -19.12
C GLN C 477 22.40 15.73 -20.14
N ALA C 478 23.04 16.85 -20.38
CA ALA C 478 24.26 16.89 -21.19
C ALA C 478 25.28 15.83 -20.77
N LEU C 479 25.41 15.60 -19.47
CA LEU C 479 26.41 14.69 -18.95
C LEU C 479 25.95 13.26 -18.76
N GLY C 480 24.66 12.98 -18.95
CA GLY C 480 24.11 11.63 -18.73
C GLY C 480 24.03 11.27 -17.26
N VAL C 481 23.71 12.25 -16.40
CA VAL C 481 23.55 12.02 -14.98
C VAL C 481 22.04 12.06 -14.73
N SER C 482 21.45 10.98 -14.26
CA SER C 482 20.00 10.99 -14.03
C SER C 482 19.67 11.69 -12.74
N ILE C 483 18.52 12.34 -12.75
CA ILE C 483 18.03 13.08 -11.62
C ILE C 483 17.82 12.22 -10.38
N ASN C 484 17.41 10.95 -10.57
CA ASN C 484 17.14 10.08 -9.44
C ASN C 484 18.42 9.68 -8.71
N ASP C 485 19.48 9.43 -9.45
CA ASP C 485 20.79 9.23 -8.87
C ASP C 485 21.28 10.43 -8.11
N ILE C 486 21.03 11.62 -8.67
CA ILE C 486 21.39 12.89 -7.98
C ILE C 486 20.62 13.01 -6.67
N ASN C 487 19.31 12.83 -6.74
CA ASN C 487 18.46 13.00 -5.58
C ASN C 487 18.55 11.90 -4.51
N THR C 488 18.93 10.68 -4.88
CA THR C 488 19.21 9.66 -3.91
C THR C 488 20.57 9.91 -3.26
N THR C 489 21.54 10.35 -4.04
CA THR C 489 22.86 10.60 -3.52
C THR C 489 22.80 11.76 -2.55
N LEU C 490 22.18 12.87 -2.93
CA LEU C 490 22.05 13.96 -2.00
C LEU C 490 21.35 13.51 -0.69
N GLY C 491 20.18 12.88 -0.82
CA GLY C 491 19.31 12.58 0.35
C GLY C 491 19.88 11.48 1.24
N ALA C 492 20.28 10.39 0.61
CA ALA C 492 20.83 9.25 1.34
C ALA C 492 22.05 9.71 2.14
N ALA C 493 22.94 10.47 1.52
CA ALA C 493 24.12 10.94 2.23
C ALA C 493 23.81 11.99 3.30
N TRP C 494 22.97 12.96 3.00
CA TRP C 494 22.82 14.06 3.98
C TRP C 494 21.63 13.96 4.97
N GLY C 495 20.55 13.32 4.55
CA GLY C 495 19.38 13.08 5.40
C GLY C 495 19.31 11.70 6.04
N GLY C 496 19.84 10.70 5.37
CA GLY C 496 19.76 9.32 5.87
C GLY C 496 18.76 8.59 5.03
N SER C 497 18.87 7.27 4.96
CA SER C 497 17.84 6.44 4.31
C SER C 497 17.66 5.07 4.96
N TYR C 498 16.43 4.77 5.34
CA TYR C 498 16.03 3.44 5.82
C TYR C 498 15.96 2.49 4.63
N VAL C 499 16.89 1.50 4.54
CA VAL C 499 16.97 0.60 3.38
C VAL C 499 16.10 -0.63 3.52
N ASN C 500 16.38 -1.44 4.53
CA ASN C 500 15.58 -2.67 4.79
C ASN C 500 15.82 -3.14 6.21
N ASP C 501 15.28 -4.30 6.56
CA ASP C 501 15.52 -4.84 7.88
C ASP C 501 16.60 -5.91 7.95
N PHE C 502 17.14 -6.07 9.15
CA PHE C 502 18.05 -7.16 9.47
C PHE C 502 17.64 -7.84 10.79
N ILE C 503 18.37 -8.88 11.20
CA ILE C 503 18.03 -9.65 12.41
C ILE C 503 19.17 -9.53 13.42
N ASP C 504 18.94 -8.82 14.52
CA ASP C 504 19.93 -8.60 15.56
C ASP C 504 19.63 -9.48 16.75
N ARG C 505 20.45 -10.50 16.98
CA ARG C 505 20.21 -11.42 18.07
C ARG C 505 18.73 -11.98 18.04
N GLY C 506 18.20 -12.30 16.85
CA GLY C 506 16.88 -12.92 16.73
C GLY C 506 15.68 -11.98 16.68
N ARG C 507 15.96 -10.68 16.65
CA ARG C 507 14.91 -9.64 16.60
C ARG C 507 15.00 -8.71 15.35
N VAL C 508 13.88 -8.45 14.68
CA VAL C 508 13.93 -7.60 13.46
C VAL C 508 14.20 -6.16 13.87
N LYS C 509 15.03 -5.51 13.08
CA LYS C 509 15.50 -4.14 13.33
C LYS C 509 15.85 -3.46 12.03
N LYS C 510 15.95 -2.14 12.04
CA LYS C 510 16.24 -1.40 10.79
C LYS C 510 17.71 -1.32 10.33
N VAL C 511 17.91 -1.03 9.04
CA VAL C 511 19.23 -0.73 8.48
C VAL C 511 19.17 0.62 7.83
N TYR C 512 20.07 1.52 8.20
CA TYR C 512 20.07 2.90 7.68
C TYR C 512 21.38 3.18 7.02
N VAL C 513 21.35 3.80 5.84
CA VAL C 513 22.53 4.33 5.21
C VAL C 513 22.52 5.83 5.40
N MET C 514 23.68 6.40 5.71
CA MET C 514 23.88 7.84 5.75
C MET C 514 25.36 8.19 5.63
N SER C 515 25.71 9.43 5.31
CA SER C 515 27.14 9.79 5.28
C SER C 515 27.68 9.78 6.67
N GLU C 516 28.96 9.47 6.80
CA GLU C 516 29.65 9.71 8.06
C GLU C 516 29.59 11.22 8.31
N ALA C 517 29.48 11.62 9.57
CA ALA C 517 29.28 13.01 9.91
C ALA C 517 30.28 13.97 9.25
N LYS C 518 31.56 13.60 9.22
CA LYS C 518 32.54 14.54 8.69
C LYS C 518 32.38 14.89 7.21
N TYR C 519 31.51 14.21 6.45
CA TYR C 519 31.33 14.55 5.03
C TYR C 519 29.96 15.15 4.69
N ARG C 520 29.25 15.63 5.74
CA ARG C 520 27.90 16.21 5.59
C ARG C 520 27.63 17.29 6.61
N MET C 521 28.64 18.13 6.83
CA MET C 521 28.61 19.16 7.86
C MET C 521 28.48 20.54 7.29
N LEU C 522 29.19 20.84 6.20
CA LEU C 522 29.31 22.22 5.68
C LEU C 522 29.12 22.28 4.17
N PRO C 523 28.84 23.47 3.62
CA PRO C 523 28.62 23.61 2.18
C PRO C 523 29.74 23.07 1.30
N ASP C 524 30.99 23.27 1.65
CA ASP C 524 32.07 22.67 0.85
C ASP C 524 32.00 21.15 0.70
N ASP C 525 31.46 20.45 1.73
CA ASP C 525 31.27 18.99 1.71
C ASP C 525 30.39 18.51 0.53
N ILE C 526 29.42 19.32 0.09
CA ILE C 526 28.66 19.03 -1.14
C ILE C 526 29.55 18.69 -2.33
N GLY C 527 30.62 19.43 -2.54
CA GLY C 527 31.52 19.18 -3.69
C GLY C 527 32.20 17.82 -3.66
N ASP C 528 32.43 17.25 -2.47
CA ASP C 528 33.07 15.91 -2.28
C ASP C 528 32.24 14.66 -2.68
N TRP C 529 30.92 14.83 -2.84
CA TRP C 529 30.02 13.76 -3.30
C TRP C 529 29.90 13.73 -4.81
N TYR C 530 30.03 12.52 -5.37
CA TYR C 530 30.06 12.27 -6.81
C TYR C 530 28.92 11.33 -7.20
N VAL C 531 28.57 11.39 -8.47
CA VAL C 531 27.46 10.65 -9.02
C VAL C 531 27.92 10.08 -10.34
N ARG C 532 27.54 8.86 -10.65
CA ARG C 532 28.06 8.21 -11.83
C ARG C 532 27.13 8.48 -13.02
N ALA C 533 27.70 8.82 -14.14
CA ALA C 533 26.92 9.08 -15.30
C ALA C 533 26.67 7.81 -16.09
N ALA C 534 25.82 7.93 -17.10
CA ALA C 534 25.49 6.85 -18.01
C ALA C 534 26.77 6.25 -18.63
N ASP C 535 27.67 7.12 -19.12
CA ASP C 535 28.96 6.68 -19.71
C ASP C 535 29.96 6.07 -18.71
N GLY C 536 29.66 6.11 -17.42
CA GLY C 536 30.51 5.54 -16.40
C GLY C 536 31.44 6.53 -15.72
N GLN C 537 31.50 7.78 -16.18
CA GLN C 537 32.30 8.78 -15.49
C GLN C 537 31.68 9.26 -14.15
N MET C 538 32.54 9.61 -13.21
CA MET C 538 32.06 10.19 -11.96
C MET C 538 31.99 11.68 -12.12
N VAL C 539 30.86 12.27 -11.76
CA VAL C 539 30.63 13.70 -11.90
C VAL C 539 30.41 14.33 -10.50
N PRO C 540 31.20 15.38 -10.14
CA PRO C 540 30.98 16.00 -8.80
C PRO C 540 29.72 16.85 -8.77
N PHE C 541 29.16 17.02 -7.57
CA PHE C 541 27.91 17.82 -7.39
C PHE C 541 28.06 19.24 -7.88
N SER C 542 29.24 19.80 -7.71
CA SER C 542 29.61 21.10 -8.28
C SER C 542 29.37 21.27 -9.77
N ALA C 543 29.45 20.19 -10.55
CA ALA C 543 29.30 20.35 -12.00
C ALA C 543 27.88 20.73 -12.44
N PHE C 544 26.88 20.31 -11.67
CA PHE C 544 25.48 20.42 -12.07
C PHE C 544 24.59 21.06 -11.02
N SER C 545 25.15 21.81 -10.09
CA SER C 545 24.34 22.52 -9.13
C SER C 545 24.92 23.87 -8.77
N SER C 546 24.13 24.65 -8.06
CA SER C 546 24.55 25.92 -7.57
C SER C 546 23.76 26.06 -6.30
N SER C 547 24.25 26.85 -5.35
CA SER C 547 23.55 27.06 -4.10
C SER C 547 23.57 28.51 -3.63
N ARG C 548 22.66 28.84 -2.75
CA ARG C 548 22.67 30.12 -2.07
C ARG C 548 21.95 30.02 -0.74
N TRP C 549 22.17 30.98 0.16
CA TRP C 549 21.33 31.11 1.37
C TRP C 549 20.03 31.89 1.11
N GLU C 550 18.95 31.41 1.76
CA GLU C 550 17.65 32.04 1.79
C GLU C 550 17.05 31.76 3.16
N TYR C 551 15.91 32.40 3.44
CA TYR C 551 15.18 32.16 4.66
C TYR C 551 13.96 31.27 4.38
N GLY C 552 13.61 30.45 5.36
CA GLY C 552 12.43 29.62 5.28
C GLY C 552 12.01 29.17 6.66
N SER C 553 10.83 28.57 6.75
CA SER C 553 10.27 28.11 8.00
C SER C 553 10.82 26.73 8.46
N PRO C 554 11.24 26.67 9.71
CA PRO C 554 11.52 25.35 10.30
C PRO C 554 10.29 24.77 11.04
N ARG C 555 9.15 25.44 10.96
CA ARG C 555 7.92 24.95 11.61
C ARG C 555 6.70 25.68 11.06
N LEU C 556 6.01 25.07 10.10
CA LEU C 556 4.81 25.65 9.47
C LEU C 556 3.59 25.14 10.22
N GLU C 557 2.64 26.04 10.49
CA GLU C 557 1.39 25.71 11.25
C GLU C 557 0.15 25.79 10.36
N ARG C 558 -0.86 24.97 10.64
CA ARG C 558 -2.15 25.04 9.92
C ARG C 558 -3.30 24.86 10.93
N TYR C 559 -4.43 25.43 10.61
CA TYR C 559 -5.56 25.42 11.55
C TYR C 559 -6.72 25.19 10.64
N ASN C 560 -7.53 24.16 10.94
CA ASN C 560 -8.65 23.73 10.10
C ASN C 560 -8.32 23.64 8.60
N GLY C 561 -7.13 23.13 8.30
CA GLY C 561 -6.70 22.89 6.93
C GLY C 561 -6.11 24.05 6.16
N LEU C 562 -6.00 25.20 6.80
CA LEU C 562 -5.42 26.35 6.14
C LEU C 562 -4.18 26.83 6.89
N PRO C 563 -3.24 27.45 6.18
CA PRO C 563 -2.02 27.87 6.86
C PRO C 563 -2.35 28.87 7.96
N SER C 564 -1.67 28.76 9.08
CA SER C 564 -2.01 29.48 10.27
C SER C 564 -0.75 29.95 11.03
N MET C 565 -0.95 30.89 11.97
CA MET C 565 0.07 31.30 12.94
C MET C 565 -0.59 31.55 14.27
N GLU C 566 -0.17 30.78 15.26
CA GLU C 566 -0.75 30.90 16.59
C GLU C 566 -0.14 32.08 17.39
N ILE C 567 -1.03 32.91 17.90
CA ILE C 567 -0.65 34.08 18.69
C ILE C 567 -1.22 33.97 20.08
N LEU C 568 -0.35 34.06 21.09
CA LEU C 568 -0.77 34.04 22.49
C LEU C 568 -0.61 35.42 23.11
N GLY C 569 -1.19 35.56 24.29
CA GLY C 569 -1.26 36.82 24.98
C GLY C 569 -2.08 36.67 26.25
N GLN C 570 -2.18 37.78 26.99
CA GLN C 570 -3.11 37.89 28.10
C GLN C 570 -3.55 39.31 28.24
N ALA C 571 -4.66 39.50 28.95
CA ALA C 571 -5.22 40.81 29.21
C ALA C 571 -4.34 41.53 30.24
N ALA C 572 -4.17 42.84 30.08
CA ALA C 572 -3.29 43.62 30.98
C ALA C 572 -3.81 43.67 32.42
N PRO C 573 -3.00 44.22 33.36
CA PRO C 573 -3.48 44.30 34.74
C PRO C 573 -4.83 45.03 34.89
N GLY C 574 -5.76 44.37 35.59
CA GLY C 574 -7.14 44.86 35.78
C GLY C 574 -7.85 45.14 34.49
N LYS C 575 -8.08 44.08 33.71
CA LYS C 575 -8.78 44.09 32.42
C LYS C 575 -9.24 42.66 32.14
N SER C 576 -10.43 42.48 31.57
CA SER C 576 -11.00 41.11 31.37
C SER C 576 -10.44 40.40 30.14
N THR C 577 -10.43 39.06 30.15
CA THR C 577 -10.12 38.31 28.92
C THR C 577 -10.99 38.80 27.75
N GLY C 578 -12.31 38.88 27.99
CA GLY C 578 -13.29 39.36 27.02
C GLY C 578 -13.01 40.68 26.31
N GLU C 579 -12.49 41.68 27.04
CA GLU C 579 -12.13 43.01 26.47
C GLU C 579 -10.86 42.93 25.59
N ALA C 580 -9.86 42.19 26.11
CA ALA C 580 -8.62 41.81 25.37
C ALA C 580 -8.94 41.09 24.06
N MET C 581 -9.77 40.06 24.14
CA MET C 581 -10.27 39.38 22.95
C MET C 581 -10.98 40.35 22.01
N GLU C 582 -11.83 41.22 22.55
CA GLU C 582 -12.54 42.21 21.71
C GLU C 582 -11.57 43.07 20.89
N LEU C 583 -10.50 43.52 21.54
CA LEU C 583 -9.55 44.43 20.87
C LEU C 583 -8.77 43.67 19.81
N MET C 584 -8.31 42.46 20.14
CA MET C 584 -7.56 41.63 19.17
C MET C 584 -8.38 41.50 17.88
N GLU C 585 -9.67 41.26 18.04
CA GLU C 585 -10.60 41.21 16.92
C GLU C 585 -10.75 42.49 16.10
N GLN C 586 -10.64 43.64 16.74
CA GLN C 586 -10.64 44.93 16.03
C GLN C 586 -9.37 45.14 15.21
N LEU C 587 -8.24 44.79 15.81
CA LEU C 587 -6.95 44.87 15.14
C LEU C 587 -6.94 43.86 14.00
N ALA C 588 -7.31 42.62 14.31
CA ALA C 588 -7.48 41.56 13.29
C ALA C 588 -8.17 42.03 12.00
N SER C 589 -9.24 42.81 12.16
CA SER C 589 -10.08 43.24 11.04
C SER C 589 -9.48 44.32 10.17
N LYS C 590 -8.28 44.78 10.52
CA LYS C 590 -7.61 45.82 9.74
C LYS C 590 -6.37 45.32 8.98
N LEU C 591 -6.18 43.99 8.94
CA LEU C 591 -5.01 43.34 8.32
C LEU C 591 -5.20 43.18 6.83
N PRO C 592 -4.15 42.87 6.08
CA PRO C 592 -4.40 42.86 4.60
C PRO C 592 -5.56 41.97 4.14
N THR C 593 -5.95 42.10 2.87
CA THR C 593 -7.04 41.28 2.33
C THR C 593 -6.62 39.81 2.33
N GLY C 594 -7.58 38.92 2.59
CA GLY C 594 -7.31 37.51 2.63
C GLY C 594 -6.89 36.90 3.96
N VAL C 595 -6.70 37.71 5.02
CA VAL C 595 -6.23 37.24 6.33
C VAL C 595 -7.38 37.23 7.36
N GLY C 596 -7.63 36.05 7.92
CA GLY C 596 -8.74 35.84 8.80
C GLY C 596 -8.17 35.47 10.14
N TYR C 597 -9.06 35.20 11.08
CA TYR C 597 -8.61 34.70 12.35
C TYR C 597 -9.63 33.79 12.97
N ASP C 598 -9.26 33.11 14.03
CA ASP C 598 -10.25 32.32 14.76
C ASP C 598 -9.72 32.10 16.17
N TRP C 599 -10.57 31.70 17.12
CA TRP C 599 -10.15 31.48 18.51
C TRP C 599 -10.12 30.01 18.80
N THR C 600 -9.08 29.52 19.47
CA THR C 600 -8.92 28.10 19.71
C THR C 600 -8.68 27.84 21.20
N GLY C 601 -8.45 26.56 21.55
CA GLY C 601 -8.07 26.12 22.90
C GLY C 601 -8.91 26.70 24.03
N MET C 602 -8.23 27.30 25.01
CA MET C 602 -8.89 27.94 26.17
C MET C 602 -9.83 29.10 25.77
N SER C 603 -9.66 29.71 24.59
CA SER C 603 -10.56 30.77 24.13
C SER C 603 -11.70 30.36 23.22
N TYR C 604 -11.83 29.08 22.87
CA TYR C 604 -12.97 28.60 22.10
C TYR C 604 -14.17 28.48 23.03
N HIS D 6 -21.33 2.86 -50.91
CA HIS D 6 -21.38 1.83 -49.81
C HIS D 6 -21.23 2.39 -48.34
N HIS D 7 -20.49 3.49 -48.15
CA HIS D 7 -20.49 4.25 -46.86
C HIS D 7 -21.73 5.16 -46.71
N HIS D 8 -22.76 4.70 -46.00
CA HIS D 8 -24.07 5.41 -45.91
C HIS D 8 -24.13 6.51 -44.82
N HIS D 9 -24.97 7.54 -45.01
CA HIS D 9 -25.10 8.69 -44.05
C HIS D 9 -26.38 8.69 -43.12
N HIS D 10 -26.40 9.61 -42.15
CA HIS D 10 -27.47 9.75 -41.11
C HIS D 10 -28.91 9.96 -41.59
N GLY D 11 -29.79 9.00 -41.27
CA GLY D 11 -31.24 9.19 -41.41
C GLY D 11 -31.80 10.12 -40.33
N SER D 12 -33.09 9.95 -40.03
CA SER D 12 -33.80 10.74 -38.99
C SER D 12 -35.21 10.21 -38.65
N ASP D 13 -35.55 10.15 -37.35
CA ASP D 13 -36.87 9.70 -36.83
C ASP D 13 -37.32 8.29 -37.29
N LEU D 14 -37.59 8.09 -38.59
CA LEU D 14 -37.85 6.72 -39.16
C LEU D 14 -36.57 5.90 -39.43
N GLY D 15 -35.49 6.56 -39.82
CA GLY D 15 -34.17 5.94 -39.89
C GLY D 15 -33.62 5.54 -38.52
N LYS D 16 -33.89 6.35 -37.49
CA LYS D 16 -33.51 6.05 -36.10
C LYS D 16 -34.39 4.92 -35.60
N LYS D 17 -35.69 5.06 -35.73
CA LYS D 17 -36.62 4.01 -35.26
C LYS D 17 -36.25 2.62 -35.81
N LEU D 18 -35.88 2.56 -37.09
CA LEU D 18 -35.59 1.27 -37.78
C LEU D 18 -34.32 0.64 -37.20
N LEU D 19 -33.26 1.42 -37.17
CA LEU D 19 -31.97 1.05 -36.55
C LEU D 19 -32.15 0.49 -35.16
N GLU D 20 -32.93 1.19 -34.34
CA GLU D 20 -33.14 0.77 -32.96
C GLU D 20 -33.92 -0.57 -32.93
N ALA D 21 -34.77 -0.80 -33.92
CA ALA D 21 -35.65 -1.97 -33.91
C ALA D 21 -35.01 -3.16 -34.58
N ALA D 22 -34.23 -2.91 -35.63
CA ALA D 22 -33.31 -3.92 -36.22
C ALA D 22 -32.35 -4.54 -35.19
N ARG D 23 -32.00 -3.77 -34.17
CA ARG D 23 -31.16 -4.22 -33.09
C ARG D 23 -31.91 -5.07 -32.06
N ALA D 24 -33.09 -4.63 -31.63
CA ALA D 24 -33.80 -5.32 -30.54
C ALA D 24 -34.47 -6.63 -30.96
N GLY D 25 -34.64 -6.83 -32.27
CA GLY D 25 -35.28 -8.04 -32.80
C GLY D 25 -36.79 -7.99 -32.86
N ARG D 26 -37.39 -6.80 -32.73
CA ARG D 26 -38.84 -6.67 -32.93
C ARG D 26 -39.10 -6.76 -34.43
N ASP D 27 -39.49 -7.97 -34.87
CA ASP D 27 -39.76 -8.26 -36.29
C ASP D 27 -41.02 -7.48 -36.79
N ASP D 28 -42.02 -7.33 -35.91
CA ASP D 28 -43.27 -6.57 -36.21
C ASP D 28 -42.92 -5.20 -36.75
N GLU D 29 -42.25 -4.44 -35.88
CA GLU D 29 -41.99 -3.02 -36.08
C GLU D 29 -41.07 -2.74 -37.29
N VAL D 30 -40.16 -3.66 -37.61
CA VAL D 30 -39.35 -3.49 -38.82
C VAL D 30 -40.25 -3.49 -40.06
N ARG D 31 -41.25 -4.37 -40.09
CA ARG D 31 -42.17 -4.47 -41.24
C ARG D 31 -43.06 -3.25 -41.42
N ILE D 32 -43.47 -2.66 -40.29
CA ILE D 32 -44.25 -1.43 -40.31
C ILE D 32 -43.43 -0.31 -40.98
N LEU D 33 -42.21 -0.12 -40.48
CA LEU D 33 -41.41 1.06 -40.86
C LEU D 33 -40.95 1.01 -42.31
N MET D 34 -40.72 -0.20 -42.81
CA MET D 34 -40.34 -0.44 -44.20
C MET D 34 -41.43 -0.05 -45.20
N ALA D 35 -42.67 -0.51 -44.93
CA ALA D 35 -43.90 -0.11 -45.64
C ALA D 35 -44.16 1.41 -45.66
N ASN D 36 -43.87 2.06 -44.51
CA ASN D 36 -44.09 3.50 -44.33
C ASN D 36 -42.93 4.44 -44.78
N GLY D 37 -42.00 3.92 -45.60
CA GLY D 37 -40.98 4.74 -46.26
C GLY D 37 -39.55 4.77 -45.69
N ALA D 38 -39.35 4.22 -44.46
CA ALA D 38 -38.05 4.24 -43.73
C ALA D 38 -36.85 3.90 -44.63
N ASP D 39 -35.76 4.68 -44.51
CA ASP D 39 -34.54 4.44 -45.31
C ASP D 39 -33.94 3.09 -44.84
N VAL D 40 -33.87 2.15 -45.78
CA VAL D 40 -33.35 0.81 -45.52
C VAL D 40 -31.84 0.86 -45.23
N ASN D 41 -31.15 1.84 -45.80
CA ASN D 41 -29.72 2.08 -45.53
C ASN D 41 -29.43 3.27 -44.59
N ALA D 42 -30.32 3.52 -43.62
CA ALA D 42 -30.05 4.49 -42.58
C ALA D 42 -28.80 4.06 -41.80
N ALA D 43 -27.78 4.91 -41.77
CA ALA D 43 -26.55 4.59 -41.02
C ALA D 43 -26.62 5.27 -39.66
N ASP D 44 -25.81 4.80 -38.69
CA ASP D 44 -25.65 5.50 -37.38
C ASP D 44 -24.29 6.18 -37.31
N VAL D 45 -23.96 6.69 -36.15
CA VAL D 45 -22.73 7.44 -36.05
C VAL D 45 -21.47 6.62 -36.37
N VAL D 46 -21.53 5.31 -36.18
CA VAL D 46 -20.43 4.45 -36.56
C VAL D 46 -20.59 3.85 -37.94
N GLY D 47 -21.73 4.08 -38.60
CA GLY D 47 -21.89 3.68 -40.02
C GLY D 47 -22.57 2.32 -40.15
N TRP D 48 -23.26 1.93 -39.09
CA TRP D 48 -23.92 0.66 -39.03
C TRP D 48 -25.27 0.95 -39.56
N THR D 49 -25.63 0.23 -40.62
CA THR D 49 -26.98 0.14 -41.13
C THR D 49 -27.78 -0.87 -40.29
N PRO D 50 -29.08 -1.01 -40.55
CA PRO D 50 -29.80 -2.06 -39.84
C PRO D 50 -29.30 -3.47 -40.13
N LEU D 51 -28.81 -3.70 -41.34
CA LEU D 51 -28.28 -5.01 -41.73
C LEU D 51 -27.05 -5.42 -40.93
N HIS D 52 -26.13 -4.47 -40.70
CA HIS D 52 -25.06 -4.60 -39.68
C HIS D 52 -25.62 -5.01 -38.29
N LEU D 53 -26.58 -4.25 -37.80
CA LEU D 53 -27.10 -4.46 -36.46
C LEU D 53 -27.75 -5.80 -36.34
N ALA D 54 -28.52 -6.17 -37.36
CA ALA D 54 -29.24 -7.41 -37.35
C ALA D 54 -28.28 -8.60 -37.49
N ALA D 55 -27.25 -8.44 -38.32
CA ALA D 55 -26.19 -9.47 -38.45
C ALA D 55 -25.40 -9.65 -37.13
N TYR D 56 -25.22 -8.57 -36.39
CA TYR D 56 -24.39 -8.61 -35.17
C TYR D 56 -25.14 -9.27 -34.04
N TRP D 57 -26.42 -8.91 -33.87
CA TRP D 57 -27.21 -9.50 -32.80
C TRP D 57 -28.09 -10.70 -33.29
N GLY D 58 -27.70 -11.33 -34.42
CA GLY D 58 -28.37 -12.51 -34.97
C GLY D 58 -29.90 -12.57 -35.08
N HIS D 59 -30.52 -11.58 -35.72
CA HIS D 59 -31.96 -11.63 -36.00
C HIS D 59 -32.11 -11.89 -37.52
N LEU D 60 -32.13 -13.18 -37.86
CA LEU D 60 -32.22 -13.70 -39.23
C LEU D 60 -33.43 -13.16 -40.01
N GLU D 61 -34.60 -13.17 -39.37
CA GLU D 61 -35.85 -12.74 -40.03
C GLU D 61 -35.66 -11.33 -40.59
N ILE D 62 -35.16 -10.44 -39.75
CA ILE D 62 -34.95 -9.03 -40.12
C ILE D 62 -33.94 -8.89 -41.25
N VAL D 63 -32.91 -9.72 -41.22
CA VAL D 63 -31.87 -9.67 -42.23
C VAL D 63 -32.45 -9.98 -43.60
N GLU D 64 -33.34 -10.97 -43.67
CA GLU D 64 -34.03 -11.33 -44.93
C GLU D 64 -34.98 -10.20 -45.34
N VAL D 65 -35.70 -9.64 -44.36
CA VAL D 65 -36.62 -8.53 -44.65
C VAL D 65 -35.91 -7.31 -45.23
N LEU D 66 -34.80 -6.91 -44.63
CA LEU D 66 -34.08 -5.74 -45.13
C LEU D 66 -33.58 -6.01 -46.54
N LEU D 67 -33.06 -7.21 -46.75
CA LEU D 67 -32.65 -7.64 -48.08
C LEU D 67 -33.79 -7.63 -49.15
N LYS D 68 -34.96 -8.19 -48.81
CA LYS D 68 -36.23 -7.99 -49.59
C LYS D 68 -36.51 -6.53 -50.04
N ASN D 69 -36.13 -5.56 -49.20
CA ASN D 69 -36.31 -4.13 -49.48
C ASN D 69 -35.03 -3.40 -49.94
N GLY D 70 -34.14 -4.12 -50.61
CA GLY D 70 -33.01 -3.50 -51.32
C GLY D 70 -31.85 -3.00 -50.47
N ALA D 71 -31.71 -3.54 -49.25
CA ALA D 71 -30.65 -3.11 -48.33
C ALA D 71 -29.31 -3.45 -48.93
N ASP D 72 -28.34 -2.60 -48.66
CA ASP D 72 -26.98 -2.79 -49.21
C ASP D 72 -26.31 -3.92 -48.46
N VAL D 73 -26.31 -5.12 -49.06
CA VAL D 73 -25.66 -6.31 -48.46
C VAL D 73 -24.19 -6.02 -48.13
N ASN D 74 -23.60 -5.01 -48.77
CA ASN D 74 -22.19 -4.68 -48.61
C ASN D 74 -21.92 -3.31 -48.01
N ALA D 75 -22.87 -2.83 -47.19
CA ALA D 75 -22.68 -1.59 -46.41
C ALA D 75 -21.34 -1.60 -45.65
N TYR D 76 -20.59 -0.51 -45.75
CA TYR D 76 -19.37 -0.35 -44.95
C TYR D 76 -19.70 0.53 -43.73
N ASP D 77 -19.14 0.16 -42.56
CA ASP D 77 -19.12 1.06 -41.38
C ASP D 77 -17.90 1.94 -41.47
N THR D 78 -17.66 2.82 -40.51
CA THR D 78 -16.60 3.78 -40.72
C THR D 78 -15.21 3.14 -40.77
N LEU D 79 -15.11 1.83 -40.45
CA LEU D 79 -13.82 1.12 -40.45
C LEU D 79 -13.65 0.08 -41.55
N GLY D 80 -14.64 -0.01 -42.45
CA GLY D 80 -14.55 -0.87 -43.65
C GLY D 80 -15.25 -2.23 -43.53
N SER D 81 -16.13 -2.36 -42.54
CA SER D 81 -16.56 -3.66 -42.06
C SER D 81 -18.01 -3.77 -42.42
N THR D 82 -18.37 -4.93 -42.95
CA THR D 82 -19.58 -5.17 -43.71
C THR D 82 -20.42 -6.01 -42.81
N PRO D 83 -21.68 -6.26 -43.16
CA PRO D 83 -22.48 -7.15 -42.29
C PRO D 83 -22.02 -8.63 -42.27
N LEU D 84 -21.44 -9.08 -43.38
CA LEU D 84 -20.91 -10.45 -43.45
C LEU D 84 -19.78 -10.63 -42.45
N HIS D 85 -18.86 -9.66 -42.38
CA HIS D 85 -17.83 -9.64 -41.34
C HIS D 85 -18.49 -9.91 -39.99
N LEU D 86 -19.55 -9.18 -39.65
CA LEU D 86 -20.09 -9.27 -38.31
C LEU D 86 -20.68 -10.66 -38.03
N ALA D 87 -21.45 -11.18 -38.98
CA ALA D 87 -22.08 -12.50 -38.86
C ALA D 87 -21.08 -13.66 -38.87
N ALA D 88 -19.98 -13.51 -39.58
CA ALA D 88 -18.98 -14.54 -39.71
C ALA D 88 -18.25 -14.63 -38.39
N HIS D 89 -17.93 -13.46 -37.86
CA HIS D 89 -17.17 -13.32 -36.63
C HIS D 89 -17.95 -13.82 -35.42
N PHE D 90 -19.24 -13.51 -35.34
CA PHE D 90 -20.02 -13.90 -34.15
C PHE D 90 -20.75 -15.26 -34.30
N GLY D 91 -20.40 -16.00 -35.37
CA GLY D 91 -20.86 -17.37 -35.54
C GLY D 91 -22.36 -17.47 -35.78
N HIS D 92 -22.88 -16.63 -36.67
CA HIS D 92 -24.33 -16.58 -36.99
C HIS D 92 -24.46 -17.17 -38.39
N LEU D 93 -24.51 -18.50 -38.43
CA LEU D 93 -24.37 -19.29 -39.67
C LEU D 93 -25.41 -18.95 -40.73
N GLU D 94 -26.68 -18.98 -40.35
CA GLU D 94 -27.77 -18.83 -41.34
C GLU D 94 -27.69 -17.47 -42.02
N ILE D 95 -27.29 -16.45 -41.25
CA ILE D 95 -27.16 -15.09 -41.74
C ILE D 95 -26.03 -14.99 -42.77
N VAL D 96 -24.94 -15.72 -42.50
CA VAL D 96 -23.82 -15.82 -43.44
C VAL D 96 -24.32 -16.39 -44.79
N GLU D 97 -25.13 -17.46 -44.70
CA GLU D 97 -25.74 -18.08 -45.90
C GLU D 97 -26.59 -17.08 -46.62
N VAL D 98 -27.48 -16.45 -45.88
CA VAL D 98 -28.39 -15.48 -46.46
C VAL D 98 -27.65 -14.33 -47.15
N LEU D 99 -26.71 -13.73 -46.45
CA LEU D 99 -25.99 -12.61 -47.03
C LEU D 99 -25.22 -12.98 -48.33
N LEU D 100 -24.50 -14.10 -48.32
CA LEU D 100 -23.74 -14.53 -49.51
C LEU D 100 -24.71 -14.92 -50.65
N LYS D 101 -25.85 -15.50 -50.30
CA LYS D 101 -26.94 -15.77 -51.27
C LYS D 101 -27.49 -14.49 -51.92
N ASN D 102 -27.52 -13.37 -51.17
CA ASN D 102 -27.99 -12.07 -51.67
C ASN D 102 -26.89 -11.14 -52.19
N GLY D 103 -25.69 -11.67 -52.44
CA GLY D 103 -24.63 -10.91 -53.13
C GLY D 103 -23.46 -10.38 -52.28
N ALA D 104 -23.40 -10.75 -51.00
CA ALA D 104 -22.33 -10.29 -50.11
C ALA D 104 -20.96 -10.60 -50.69
N ASP D 105 -20.07 -9.60 -50.61
CA ASP D 105 -18.71 -9.69 -51.09
C ASP D 105 -17.95 -10.59 -50.10
N VAL D 106 -17.69 -11.81 -50.54
CA VAL D 106 -17.04 -12.81 -49.70
C VAL D 106 -15.58 -12.46 -49.39
N ASN D 107 -14.98 -11.59 -50.21
CA ASN D 107 -13.59 -11.14 -50.01
C ASN D 107 -13.45 -9.70 -49.51
N ALA D 108 -14.52 -9.13 -48.95
CA ALA D 108 -14.44 -7.76 -48.42
C ALA D 108 -13.35 -7.64 -47.32
N LYS D 109 -12.57 -6.57 -47.41
CA LYS D 109 -11.45 -6.30 -46.53
C LYS D 109 -11.84 -5.04 -45.77
N ASP D 110 -11.78 -5.10 -44.44
CA ASP D 110 -11.94 -3.88 -43.63
C ASP D 110 -10.65 -3.03 -43.73
N ASP D 111 -10.55 -1.94 -43.00
CA ASP D 111 -9.36 -1.06 -43.11
C ASP D 111 -8.09 -1.77 -42.70
N ASN D 112 -8.24 -2.85 -41.95
CA ASN D 112 -7.12 -3.62 -41.46
C ASN D 112 -6.73 -4.77 -42.41
N GLY D 113 -7.42 -4.90 -43.56
CA GLY D 113 -7.16 -6.02 -44.48
C GLY D 113 -7.77 -7.33 -44.01
N ILE D 114 -8.73 -7.24 -43.08
CA ILE D 114 -9.29 -8.40 -42.42
C ILE D 114 -10.57 -8.81 -43.13
N THR D 115 -10.72 -10.10 -43.40
CA THR D 115 -11.77 -10.65 -44.26
C THR D 115 -12.69 -11.40 -43.35
N PRO D 116 -13.89 -11.74 -43.85
CA PRO D 116 -14.80 -12.56 -43.03
C PRO D 116 -14.24 -13.94 -42.72
N LEU D 117 -13.48 -14.51 -43.65
CA LEU D 117 -12.70 -15.74 -43.39
C LEU D 117 -11.74 -15.59 -42.16
N HIS D 118 -10.85 -14.58 -42.18
CA HIS D 118 -9.97 -14.28 -41.02
C HIS D 118 -10.74 -14.32 -39.72
N LEU D 119 -11.91 -13.70 -39.71
CA LEU D 119 -12.68 -13.61 -38.51
C LEU D 119 -13.32 -14.94 -38.11
N ALA D 120 -13.94 -15.63 -39.05
CA ALA D 120 -14.56 -16.92 -38.74
C ALA D 120 -13.47 -17.86 -38.23
N ALA D 121 -12.34 -17.84 -38.95
CA ALA D 121 -11.13 -18.58 -38.56
C ALA D 121 -10.70 -18.35 -37.11
N ASN D 122 -10.49 -17.09 -36.74
CA ASN D 122 -10.01 -16.71 -35.39
C ASN D 122 -10.95 -17.23 -34.27
N ARG D 123 -12.27 -17.11 -34.42
CA ARG D 123 -13.26 -17.51 -33.37
C ARG D 123 -13.69 -19.02 -33.48
N GLY D 124 -13.10 -19.77 -34.43
CA GLY D 124 -13.29 -21.22 -34.54
C GLY D 124 -14.60 -21.69 -35.15
N HIS D 125 -15.26 -20.82 -35.90
CA HIS D 125 -16.59 -21.07 -36.45
C HIS D 125 -16.48 -21.87 -37.75
N LEU D 126 -16.39 -23.18 -37.58
CA LEU D 126 -15.90 -24.10 -38.62
C LEU D 126 -16.91 -24.28 -39.76
N GLU D 127 -18.18 -24.40 -39.40
CA GLU D 127 -19.26 -24.52 -40.39
C GLU D 127 -19.20 -23.30 -41.30
N ILE D 128 -19.19 -22.10 -40.69
CA ILE D 128 -19.09 -20.80 -41.41
C ILE D 128 -17.84 -20.68 -42.31
N VAL D 129 -16.70 -21.17 -41.83
CA VAL D 129 -15.48 -21.16 -42.65
C VAL D 129 -15.73 -21.93 -43.95
N GLU D 130 -16.36 -23.11 -43.85
CA GLU D 130 -16.62 -23.96 -45.05
C GLU D 130 -17.55 -23.27 -46.04
N VAL D 131 -18.61 -22.64 -45.52
CA VAL D 131 -19.53 -21.86 -46.36
C VAL D 131 -18.82 -20.68 -47.04
N LEU D 132 -17.96 -19.97 -46.34
CA LEU D 132 -17.22 -18.87 -46.98
C LEU D 132 -16.33 -19.39 -48.12
N LEU D 133 -15.67 -20.53 -47.89
CA LEU D 133 -14.82 -21.15 -48.93
C LEU D 133 -15.67 -21.49 -50.14
N LYS D 134 -16.79 -22.18 -49.88
CA LYS D 134 -17.80 -22.54 -50.89
C LYS D 134 -18.18 -21.40 -51.85
N TYR D 135 -18.42 -20.20 -51.31
CA TYR D 135 -18.86 -19.02 -52.09
C TYR D 135 -17.74 -18.11 -52.67
N GLY D 136 -16.48 -18.59 -52.74
CA GLY D 136 -15.36 -17.90 -53.41
C GLY D 136 -14.19 -17.44 -52.55
N ALA D 137 -14.30 -17.58 -51.22
CA ALA D 137 -13.38 -16.92 -50.26
C ALA D 137 -11.91 -17.22 -50.53
N ASP D 138 -11.13 -16.19 -50.92
CA ASP D 138 -9.68 -16.32 -51.14
C ASP D 138 -8.94 -16.77 -49.86
N VAL D 139 -8.50 -18.04 -49.85
CA VAL D 139 -7.94 -18.69 -48.66
C VAL D 139 -6.54 -18.17 -48.31
N ASN D 140 -5.87 -17.58 -49.30
CA ASN D 140 -4.59 -16.91 -49.17
C ASN D 140 -4.65 -15.39 -49.00
N ALA D 141 -5.83 -14.88 -48.67
CA ALA D 141 -6.00 -13.46 -48.38
C ALA D 141 -5.18 -13.13 -47.14
N GLN D 142 -4.40 -12.07 -47.24
CA GLN D 142 -3.56 -11.63 -46.15
C GLN D 142 -4.08 -10.32 -45.58
N ASP D 143 -4.10 -10.23 -44.25
CA ASP D 143 -4.41 -8.96 -43.61
C ASP D 143 -3.14 -8.08 -43.63
N LYS D 144 -3.25 -6.96 -42.96
CA LYS D 144 -2.18 -6.00 -42.97
C LYS D 144 -0.91 -6.51 -42.29
N PHE D 145 -1.00 -7.52 -41.41
CA PHE D 145 0.23 -8.06 -40.77
C PHE D 145 0.74 -9.30 -41.52
N GLY D 146 0.25 -9.50 -42.75
CA GLY D 146 0.65 -10.63 -43.58
C GLY D 146 0.02 -11.96 -43.23
N LYS D 147 -1.00 -11.97 -42.36
CA LYS D 147 -1.55 -13.26 -41.89
C LYS D 147 -2.70 -13.77 -42.78
N THR D 148 -2.62 -15.04 -43.13
CA THR D 148 -3.74 -15.79 -43.75
C THR D 148 -4.56 -16.50 -42.67
N ALA D 149 -5.66 -17.12 -43.05
CA ALA D 149 -6.49 -17.87 -42.11
C ALA D 149 -5.88 -19.20 -41.69
N PHE D 150 -4.97 -19.74 -42.50
CA PHE D 150 -4.08 -20.83 -42.06
C PHE D 150 -3.14 -20.36 -40.91
N ASP D 151 -2.48 -19.20 -41.06
CA ASP D 151 -1.58 -18.67 -40.04
C ASP D 151 -2.34 -18.54 -38.73
N ILE D 152 -3.57 -18.06 -38.82
CA ILE D 152 -4.46 -17.97 -37.69
C ILE D 152 -4.65 -19.34 -37.00
N SER D 153 -4.92 -20.38 -37.78
CA SER D 153 -5.14 -21.74 -37.27
C SER D 153 -3.93 -22.33 -36.55
N ILE D 154 -2.72 -22.03 -37.04
CA ILE D 154 -1.48 -22.36 -36.33
C ILE D 154 -1.36 -21.62 -35.01
N ASN D 155 -1.51 -20.31 -35.04
CA ASN D 155 -1.38 -19.53 -33.82
C ASN D 155 -2.39 -19.95 -32.75
N ASN D 156 -3.62 -20.20 -33.14
CA ASN D 156 -4.62 -20.72 -32.18
C ASN D 156 -4.37 -22.16 -31.83
N GLY D 157 -3.89 -22.96 -32.79
CA GLY D 157 -3.62 -24.38 -32.55
C GLY D 157 -4.94 -25.14 -32.50
N ASN D 158 -5.69 -24.96 -33.56
CA ASN D 158 -7.00 -25.54 -33.75
C ASN D 158 -6.73 -26.36 -34.98
N GLU D 159 -6.54 -27.68 -34.80
CA GLU D 159 -6.17 -28.58 -35.92
C GLU D 159 -7.36 -28.96 -36.80
N ASP D 160 -8.56 -28.94 -36.23
CA ASP D 160 -9.80 -29.11 -37.03
C ASP D 160 -9.81 -28.11 -38.22
N LEU D 161 -9.56 -26.84 -37.91
CA LEU D 161 -9.51 -25.77 -38.92
C LEU D 161 -8.41 -25.98 -39.97
N ALA D 162 -7.17 -26.18 -39.52
CA ALA D 162 -6.03 -26.38 -40.42
C ALA D 162 -6.33 -27.42 -41.51
N GLU D 163 -6.98 -28.52 -41.13
CA GLU D 163 -7.32 -29.59 -42.09
C GLU D 163 -8.43 -29.18 -43.06
N ILE D 164 -9.40 -28.40 -42.59
CA ILE D 164 -10.40 -27.78 -43.47
C ILE D 164 -9.72 -26.91 -44.54
N LEU D 165 -8.81 -26.03 -44.10
CA LEU D 165 -8.05 -25.19 -45.03
C LEU D 165 -7.15 -26.07 -45.92
N GLN D 166 -6.68 -27.21 -45.37
CA GLN D 166 -6.05 -28.31 -46.13
C GLN D 166 -4.69 -27.93 -46.72
N GLY E 11 33.07 38.67 21.53
CA GLY E 11 33.60 40.05 21.74
C GLY E 11 32.51 41.10 21.81
N SER E 12 31.89 41.37 20.65
CA SER E 12 30.69 42.21 20.56
C SER E 12 29.40 41.35 20.74
N ASP E 13 28.77 41.55 21.90
CA ASP E 13 27.39 41.11 22.17
C ASP E 13 26.36 42.02 21.47
N LEU E 14 26.75 43.28 21.24
CA LEU E 14 25.96 44.23 20.44
C LEU E 14 25.87 43.90 18.95
N GLY E 15 26.84 43.16 18.42
CA GLY E 15 26.78 42.66 17.04
C GLY E 15 25.54 41.81 16.81
N LYS E 16 25.40 40.81 17.67
CA LYS E 16 24.31 39.85 17.56
C LYS E 16 22.96 40.54 17.72
N LYS E 17 22.86 41.53 18.61
CA LYS E 17 21.60 42.27 18.78
C LYS E 17 21.33 43.11 17.57
N LEU E 18 22.38 43.64 16.92
CA LEU E 18 22.19 44.50 15.74
C LEU E 18 21.73 43.63 14.57
N LEU E 19 22.31 42.44 14.44
CA LEU E 19 21.89 41.50 13.42
C LEU E 19 20.39 41.19 13.54
N GLU E 20 19.95 40.89 14.77
CA GLU E 20 18.55 40.49 15.04
C GLU E 20 17.59 41.63 14.83
N ALA E 21 18.01 42.81 15.27
CA ALA E 21 17.22 44.00 15.09
C ALA E 21 17.06 44.37 13.63
N ALA E 22 18.13 44.20 12.83
CA ALA E 22 18.15 44.51 11.38
C ALA E 22 17.33 43.51 10.58
N ARG E 23 17.51 42.24 10.90
CA ARG E 23 16.67 41.15 10.40
C ARG E 23 15.18 41.44 10.63
N ALA E 24 14.84 41.84 11.85
CA ALA E 24 13.46 42.06 12.24
C ALA E 24 12.97 43.52 12.03
N GLY E 25 13.54 44.26 11.09
CA GLY E 25 13.05 45.63 10.77
C GLY E 25 12.84 46.69 11.86
N ARG E 26 13.57 46.61 12.97
CA ARG E 26 13.41 47.54 14.11
C ARG E 26 14.30 48.77 14.01
N ASP E 27 13.83 49.79 13.27
CA ASP E 27 14.59 51.01 12.98
C ASP E 27 15.12 51.70 14.23
N ASP E 28 14.31 51.71 15.29
CA ASP E 28 14.68 52.37 16.55
C ASP E 28 15.85 51.66 17.19
N GLU E 29 15.67 50.37 17.48
CA GLU E 29 16.71 49.57 18.15
C GLU E 29 18.05 49.56 17.34
N VAL E 30 18.02 49.84 16.03
CA VAL E 30 19.25 50.01 15.21
C VAL E 30 19.99 51.35 15.45
N ARG E 31 19.28 52.49 15.56
CA ARG E 31 19.94 53.79 15.87
C ARG E 31 20.64 53.72 17.23
N ILE E 32 19.85 53.39 18.26
CA ILE E 32 20.36 53.17 19.62
C ILE E 32 21.61 52.27 19.64
N LEU E 33 21.62 51.19 18.85
CA LEU E 33 22.71 50.20 18.90
C LEU E 33 23.97 50.66 18.15
N MET E 34 23.79 51.45 17.12
CA MET E 34 24.92 51.94 16.34
C MET E 34 25.63 52.99 17.17
N ALA E 35 24.83 53.96 17.66
CA ALA E 35 25.22 54.99 18.65
C ALA E 35 25.83 54.47 19.98
N ASN E 36 25.61 53.21 20.38
CA ASN E 36 26.37 52.56 21.49
C ASN E 36 27.54 51.66 21.00
N GLY E 37 28.08 51.91 19.79
CA GLY E 37 29.36 51.31 19.30
C GLY E 37 29.32 49.95 18.59
N ALA E 38 28.12 49.42 18.34
CA ALA E 38 27.94 48.11 17.73
C ALA E 38 28.57 48.02 16.34
N ASP E 39 29.17 46.85 16.10
CA ASP E 39 29.95 46.56 14.91
C ASP E 39 29.02 46.53 13.67
N VAL E 40 29.02 47.64 12.96
CA VAL E 40 28.16 47.76 11.81
C VAL E 40 28.33 46.63 10.78
N ASN E 41 29.54 46.04 10.69
CA ASN E 41 29.84 44.93 9.76
C ASN E 41 29.90 43.54 10.41
N ALA E 42 29.34 43.40 11.62
CA ALA E 42 29.19 42.09 12.27
C ALA E 42 28.45 41.08 11.40
N ALA E 43 28.88 39.82 11.45
CA ALA E 43 28.40 38.77 10.58
C ALA E 43 27.85 37.61 11.42
N ASP E 44 26.82 36.97 10.89
CA ASP E 44 26.25 35.81 11.51
C ASP E 44 26.91 34.59 10.87
N VAL E 45 26.44 33.41 11.24
CA VAL E 45 27.16 32.20 10.85
C VAL E 45 27.13 31.93 9.36
N VAL E 46 26.15 32.46 8.64
CA VAL E 46 26.10 32.28 7.18
C VAL E 46 26.77 33.41 6.45
N GLY E 47 27.46 34.28 7.19
CA GLY E 47 28.22 35.38 6.58
C GLY E 47 27.37 36.59 6.21
N TRP E 48 26.24 36.74 6.87
CA TRP E 48 25.30 37.79 6.56
C TRP E 48 25.49 38.90 7.60
N THR E 49 25.75 40.10 7.12
CA THR E 49 25.82 41.35 7.88
C THR E 49 24.45 41.95 8.04
N PRO E 50 24.31 42.99 8.87
CA PRO E 50 23.02 43.68 8.96
C PRO E 50 22.54 44.27 7.66
N LEU E 51 23.50 44.71 6.84
CA LEU E 51 23.18 45.25 5.54
C LEU E 51 22.58 44.15 4.65
N HIS E 52 23.12 42.93 4.71
CA HIS E 52 22.49 41.77 4.05
C HIS E 52 21.04 41.59 4.49
N LEU E 53 20.83 41.47 5.79
CA LEU E 53 19.51 41.14 6.32
C LEU E 53 18.49 42.21 5.98
N ALA E 54 18.80 43.46 6.26
CA ALA E 54 17.90 44.55 5.91
C ALA E 54 17.62 44.60 4.39
N ALA E 55 18.64 44.27 3.59
CA ALA E 55 18.46 44.21 2.15
C ALA E 55 17.48 43.12 1.75
N TYR E 56 17.55 41.97 2.44
CA TYR E 56 16.73 40.78 2.14
C TYR E 56 15.29 40.99 2.51
N TRP E 57 15.05 41.52 3.71
CA TRP E 57 13.72 41.71 4.26
C TRP E 57 13.13 43.06 3.84
N GLY E 58 13.79 43.77 2.93
CA GLY E 58 13.26 45.01 2.32
C GLY E 58 13.11 46.25 3.22
N HIS E 59 13.96 46.43 4.24
CA HIS E 59 13.86 47.57 5.18
C HIS E 59 14.71 48.77 4.70
N LEU E 60 14.10 49.73 4.00
CA LEU E 60 14.86 50.79 3.31
C LEU E 60 15.64 51.68 4.26
N GLU E 61 15.02 52.02 5.39
CA GLU E 61 15.59 52.99 6.30
C GLU E 61 16.82 52.43 7.03
N ILE E 62 16.71 51.19 7.48
CA ILE E 62 17.85 50.49 8.06
C ILE E 62 19.00 50.43 7.05
N VAL E 63 18.71 50.15 5.79
CA VAL E 63 19.75 50.11 4.76
C VAL E 63 20.52 51.44 4.68
N GLU E 64 19.77 52.53 4.71
CA GLU E 64 20.31 53.89 4.62
C GLU E 64 21.13 54.22 5.86
N VAL E 65 20.51 54.06 7.02
CA VAL E 65 21.20 54.26 8.29
C VAL E 65 22.51 53.44 8.30
N LEU E 66 22.43 52.15 7.99
CA LEU E 66 23.65 51.29 8.00
C LEU E 66 24.78 51.86 7.10
N LEU E 67 24.44 52.34 5.91
CA LEU E 67 25.44 52.87 4.96
C LEU E 67 26.16 54.13 5.48
N LYS E 68 25.38 55.10 5.91
CA LYS E 68 25.88 56.29 6.59
C LYS E 68 26.87 55.97 7.70
N ASN E 69 26.61 54.91 8.48
CA ASN E 69 27.51 54.50 9.60
C ASN E 69 28.64 53.53 9.23
N GLY E 70 29.06 53.49 7.96
CA GLY E 70 30.29 52.78 7.54
C GLY E 70 30.13 51.40 6.93
N ALA E 71 28.91 50.85 6.98
CA ALA E 71 28.67 49.49 6.51
C ALA E 71 29.28 49.24 5.15
N ASP E 72 29.98 48.11 5.02
CA ASP E 72 30.68 47.72 3.81
C ASP E 72 29.64 47.30 2.80
N VAL E 73 29.43 48.15 1.81
CA VAL E 73 28.39 47.93 0.82
C VAL E 73 28.57 46.67 -0.02
N ASN E 74 29.79 46.11 -0.06
CA ASN E 74 30.06 44.90 -0.83
C ASN E 74 30.47 43.67 -0.01
N ALA E 75 30.05 43.62 1.25
CA ALA E 75 30.28 42.42 2.09
C ALA E 75 29.72 41.21 1.34
N TYR E 76 30.44 40.11 1.32
CA TYR E 76 29.92 38.92 0.72
C TYR E 76 29.68 37.84 1.79
N ASP E 77 28.62 37.03 1.62
CA ASP E 77 28.30 35.92 2.54
C ASP E 77 29.18 34.74 2.23
N THR E 78 28.99 33.59 2.90
CA THR E 78 29.92 32.44 2.71
C THR E 78 29.84 31.77 1.34
N LEU E 79 28.90 32.19 0.51
CA LEU E 79 28.76 31.68 -0.85
C LEU E 79 28.88 32.80 -1.89
N GLY E 80 29.42 33.94 -1.48
CA GLY E 80 29.75 35.02 -2.41
C GLY E 80 28.61 35.96 -2.77
N SER E 81 27.60 36.04 -1.93
CA SER E 81 26.46 36.86 -2.24
C SER E 81 26.50 38.17 -1.45
N THR E 82 26.14 39.22 -2.14
CA THR E 82 26.26 40.60 -1.64
C THR E 82 24.88 41.12 -1.30
N PRO E 83 24.79 42.28 -0.61
CA PRO E 83 23.44 42.72 -0.31
C PRO E 83 22.66 43.07 -1.55
N LEU E 84 23.37 43.51 -2.60
CA LEU E 84 22.73 43.87 -3.83
C LEU E 84 22.05 42.65 -4.46
N HIS E 85 22.77 41.52 -4.51
CA HIS E 85 22.20 40.23 -4.95
C HIS E 85 20.85 40.01 -4.32
N LEU E 86 20.77 40.13 -3.01
CA LEU E 86 19.54 39.93 -2.27
C LEU E 86 18.41 40.91 -2.64
N ALA E 87 18.70 42.20 -2.68
CA ALA E 87 17.67 43.19 -2.96
C ALA E 87 17.17 43.08 -4.39
N ALA E 88 18.07 42.71 -5.31
CA ALA E 88 17.68 42.51 -6.69
C ALA E 88 16.82 41.27 -6.81
N HIS E 89 17.18 40.21 -6.10
CA HIS E 89 16.44 38.97 -6.19
C HIS E 89 15.05 39.08 -5.65
N PHE E 90 14.89 39.73 -4.51
CA PHE E 90 13.60 39.84 -3.84
C PHE E 90 12.78 41.11 -4.18
N GLY E 91 13.14 41.83 -5.24
CA GLY E 91 12.27 42.86 -5.77
C GLY E 91 12.20 44.20 -5.06
N HIS E 92 13.11 44.45 -4.12
CA HIS E 92 13.18 45.71 -3.39
C HIS E 92 13.99 46.74 -4.21
N LEU E 93 13.27 47.59 -4.94
CA LEU E 93 13.85 48.51 -5.94
C LEU E 93 14.64 49.68 -5.35
N GLU E 94 14.04 50.37 -4.40
CA GLU E 94 14.69 51.51 -3.78
C GLU E 94 15.98 51.12 -3.07
N ILE E 95 16.00 49.94 -2.46
CA ILE E 95 17.24 49.43 -1.84
C ILE E 95 18.25 49.14 -2.93
N VAL E 96 17.80 48.71 -4.10
CA VAL E 96 18.72 48.46 -5.20
C VAL E 96 19.38 49.78 -5.56
N GLU E 97 18.57 50.84 -5.78
CA GLU E 97 19.08 52.19 -6.11
C GLU E 97 20.03 52.70 -5.04
N VAL E 98 19.59 52.65 -3.78
CA VAL E 98 20.42 53.12 -2.67
C VAL E 98 21.78 52.41 -2.61
N LEU E 99 21.80 51.10 -2.85
CA LEU E 99 23.05 50.32 -2.74
C LEU E 99 24.04 50.67 -3.85
N LEU E 100 23.53 50.84 -5.08
CA LEU E 100 24.40 51.10 -6.24
C LEU E 100 25.02 52.51 -6.15
N LYS E 101 24.15 53.43 -5.74
CA LYS E 101 24.46 54.82 -5.37
C LYS E 101 25.54 54.92 -4.30
N ASN E 102 25.62 53.95 -3.36
CA ASN E 102 26.72 53.91 -2.36
C ASN E 102 27.91 53.03 -2.72
N GLY E 103 28.11 52.73 -4.00
CA GLY E 103 29.27 51.93 -4.44
C GLY E 103 29.06 50.44 -4.66
N ALA E 104 27.85 49.90 -4.50
CA ALA E 104 27.65 48.44 -4.75
C ALA E 104 28.15 47.98 -6.12
N ASP E 105 28.90 46.87 -6.11
CA ASP E 105 29.57 46.34 -7.30
C ASP E 105 28.45 45.72 -8.10
N VAL E 106 28.13 46.36 -9.20
CA VAL E 106 26.93 46.02 -9.95
C VAL E 106 27.11 44.68 -10.66
N ASN E 107 28.36 44.32 -10.96
CA ASN E 107 28.71 43.04 -11.56
C ASN E 107 29.31 41.99 -10.59
N ALA E 108 29.04 42.15 -9.30
CA ALA E 108 29.42 41.17 -8.30
C ALA E 108 28.88 39.78 -8.65
N LYS E 109 29.75 38.78 -8.60
CA LYS E 109 29.38 37.41 -8.88
C LYS E 109 29.50 36.61 -7.61
N ASP E 110 28.49 35.80 -7.30
CA ASP E 110 28.60 34.83 -6.19
C ASP E 110 29.40 33.61 -6.64
N ASP E 111 29.59 32.65 -5.75
CA ASP E 111 30.38 31.44 -6.05
C ASP E 111 30.00 30.76 -7.31
N ASN E 112 28.74 30.90 -7.72
CA ASN E 112 28.20 30.21 -8.88
C ASN E 112 28.31 31.04 -10.15
N GLY E 113 28.87 32.25 -10.02
CA GLY E 113 28.91 33.20 -11.10
C GLY E 113 27.59 33.92 -11.31
N ILE E 114 26.71 33.92 -10.31
CA ILE E 114 25.41 34.55 -10.52
C ILE E 114 25.56 36.01 -10.08
N THR E 115 25.13 36.94 -10.95
CA THR E 115 25.17 38.38 -10.73
C THR E 115 23.80 38.86 -10.37
N PRO E 116 23.67 40.10 -9.88
CA PRO E 116 22.33 40.54 -9.57
C PRO E 116 21.39 40.65 -10.78
N LEU E 117 21.93 40.98 -11.95
CA LEU E 117 21.10 41.01 -13.16
C LEU E 117 20.40 39.67 -13.43
N HIS E 118 21.15 38.57 -13.34
CA HIS E 118 20.56 37.23 -13.47
C HIS E 118 19.41 37.01 -12.52
N LEU E 119 19.59 37.41 -11.27
CA LEU E 119 18.61 37.16 -10.23
C LEU E 119 17.38 38.01 -10.49
N ALA E 120 17.61 39.25 -10.88
CA ALA E 120 16.51 40.15 -11.19
C ALA E 120 15.75 39.64 -12.41
N ALA E 121 16.50 39.23 -13.43
CA ALA E 121 15.93 38.63 -14.64
C ALA E 121 15.09 37.40 -14.31
N ASN E 122 15.70 36.48 -13.58
CA ASN E 122 15.07 35.20 -13.25
C ASN E 122 13.70 35.38 -12.57
N ARG E 123 13.53 36.41 -11.74
CA ARG E 123 12.25 36.61 -11.01
C ARG E 123 11.36 37.71 -11.59
N GLY E 124 11.65 38.14 -12.81
CA GLY E 124 10.76 39.03 -13.52
C GLY E 124 10.79 40.50 -13.15
N HIS E 125 11.73 40.93 -12.31
CA HIS E 125 11.77 42.32 -11.77
C HIS E 125 12.29 43.35 -12.76
N LEU E 126 11.43 43.84 -13.65
CA LEU E 126 11.90 44.60 -14.83
C LEU E 126 12.51 45.96 -14.49
N GLU E 127 11.85 46.72 -13.59
CA GLU E 127 12.32 48.04 -13.13
C GLU E 127 13.74 47.97 -12.57
N ILE E 128 13.96 46.97 -11.71
CA ILE E 128 15.28 46.62 -11.20
C ILE E 128 16.31 46.35 -12.32
N VAL E 129 15.95 45.52 -13.30
CA VAL E 129 16.85 45.24 -14.41
C VAL E 129 17.31 46.53 -15.13
N GLU E 130 16.39 47.47 -15.33
CA GLU E 130 16.73 48.73 -16.03
C GLU E 130 17.75 49.51 -15.24
N VAL E 131 17.50 49.58 -13.94
CA VAL E 131 18.41 50.23 -13.02
C VAL E 131 19.79 49.57 -13.02
N LEU E 132 19.87 48.25 -13.08
CA LEU E 132 21.18 47.58 -13.04
C LEU E 132 21.96 47.89 -14.31
N LEU E 133 21.25 47.83 -15.43
CA LEU E 133 21.84 48.19 -16.73
C LEU E 133 22.30 49.65 -16.75
N LYS E 134 21.41 50.54 -16.30
CA LYS E 134 21.72 51.96 -16.02
C LYS E 134 23.09 52.15 -15.35
N TYR E 135 23.33 51.50 -14.20
CA TYR E 135 24.64 51.59 -13.47
C TYR E 135 25.73 50.69 -14.05
N GLY E 136 25.53 50.13 -15.25
CA GLY E 136 26.60 49.45 -15.99
C GLY E 136 26.72 47.94 -15.84
N ALA E 137 25.67 47.31 -15.33
CA ALA E 137 25.55 45.85 -15.45
C ALA E 137 25.86 45.31 -16.88
N ASP E 138 26.82 44.39 -16.92
CA ASP E 138 27.20 43.63 -18.13
C ASP E 138 26.18 42.51 -18.54
N VAL E 139 25.49 42.80 -19.65
CA VAL E 139 24.47 41.92 -20.27
C VAL E 139 25.00 40.55 -20.70
N ASN E 140 26.28 40.48 -21.05
CA ASN E 140 26.90 39.26 -21.49
C ASN E 140 27.55 38.46 -20.37
N ALA E 141 27.43 38.91 -19.13
CA ALA E 141 27.90 38.09 -17.98
C ALA E 141 27.22 36.71 -17.98
N GLN E 142 28.06 35.67 -18.04
CA GLN E 142 27.67 34.28 -17.97
C GLN E 142 27.83 33.79 -16.53
N ASP E 143 26.84 33.03 -16.02
CA ASP E 143 27.04 32.21 -14.79
C ASP E 143 27.90 30.99 -15.13
N LYS E 144 28.15 30.12 -14.16
CA LYS E 144 28.98 28.94 -14.39
C LYS E 144 28.45 27.96 -15.43
N PHE E 145 27.17 28.05 -15.81
CA PHE E 145 26.62 27.20 -16.88
C PHE E 145 26.59 27.83 -18.30
N GLY E 146 27.07 29.05 -18.45
CA GLY E 146 27.04 29.78 -19.73
C GLY E 146 25.84 30.68 -19.92
N LYS E 147 25.04 30.86 -18.88
CA LYS E 147 23.75 31.50 -19.05
C LYS E 147 23.85 32.99 -18.76
N THR E 148 23.28 33.76 -19.67
CA THR E 148 23.20 35.20 -19.56
C THR E 148 21.78 35.54 -19.12
N ALA E 149 21.58 36.77 -18.66
CA ALA E 149 20.24 37.29 -18.41
C ALA E 149 19.29 37.15 -19.63
N PHE E 150 19.85 37.16 -20.84
CA PHE E 150 19.06 36.92 -22.05
C PHE E 150 18.58 35.46 -22.07
N ASP E 151 19.49 34.50 -22.04
CA ASP E 151 19.14 33.09 -21.97
C ASP E 151 18.06 32.80 -20.91
N ILE E 152 18.14 33.52 -19.77
CA ILE E 152 17.18 33.40 -18.69
C ILE E 152 15.78 33.87 -19.10
N SER E 153 15.70 34.91 -19.89
CA SER E 153 14.39 35.40 -20.41
C SER E 153 13.71 34.44 -21.46
N ILE E 154 14.53 33.88 -22.35
CA ILE E 154 14.05 32.93 -23.35
C ILE E 154 13.53 31.70 -22.61
N ASN E 155 14.29 31.21 -21.63
CA ASN E 155 13.87 30.02 -20.90
C ASN E 155 12.55 30.18 -20.14
N ASN E 156 12.34 31.32 -19.49
CA ASN E 156 11.09 31.59 -18.74
C ASN E 156 9.96 32.16 -19.62
N GLY E 157 10.25 32.40 -20.91
CA GLY E 157 9.30 32.97 -21.87
C GLY E 157 8.70 34.29 -21.42
N ASN E 158 9.53 35.14 -20.80
CA ASN E 158 9.18 36.51 -20.40
C ASN E 158 9.62 37.41 -21.53
N GLU E 159 8.67 37.71 -22.43
CA GLU E 159 8.92 38.53 -23.62
C GLU E 159 9.16 40.01 -23.33
N ASP E 160 8.53 40.55 -22.29
CA ASP E 160 8.75 41.96 -21.88
C ASP E 160 10.26 42.17 -21.58
N LEU E 161 10.81 41.28 -20.75
CA LEU E 161 12.23 41.25 -20.39
C LEU E 161 13.12 41.02 -21.59
N ALA E 162 12.70 40.10 -22.47
CA ALA E 162 13.43 39.82 -23.73
C ALA E 162 13.70 41.08 -24.58
N GLU E 163 12.70 41.96 -24.72
CA GLU E 163 12.86 43.22 -25.46
C GLU E 163 13.84 44.17 -24.82
N ILE E 164 13.74 44.32 -23.50
CA ILE E 164 14.66 45.20 -22.77
C ILE E 164 16.15 44.76 -22.95
N LEU E 165 16.41 43.48 -23.21
CA LEU E 165 17.78 42.98 -23.42
C LEU E 165 18.16 42.76 -24.92
N GLN E 166 17.90 43.80 -25.74
CA GLN E 166 18.27 43.84 -27.18
C GLN E 166 19.80 43.68 -27.40
N HIS F 5 30.64 -45.96 0.04
CA HIS F 5 30.68 -44.60 0.70
C HIS F 5 29.30 -43.84 0.61
N HIS F 6 28.65 -43.79 -0.56
CA HIS F 6 27.24 -43.33 -0.68
C HIS F 6 26.26 -44.45 -0.23
N HIS F 7 26.10 -44.61 1.09
CA HIS F 7 25.36 -45.76 1.67
C HIS F 7 23.85 -45.69 1.47
N HIS F 8 23.23 -46.87 1.52
CA HIS F 8 21.92 -47.07 0.91
C HIS F 8 20.69 -46.87 1.82
N HIS F 9 19.75 -46.03 1.35
CA HIS F 9 18.46 -45.75 2.04
C HIS F 9 17.60 -47.02 2.09
N HIS F 10 17.93 -47.92 3.02
CA HIS F 10 17.15 -49.15 3.25
C HIS F 10 15.83 -48.83 3.97
N GLY F 11 15.86 -47.82 4.85
CA GLY F 11 14.73 -47.52 5.73
C GLY F 11 14.43 -48.66 6.70
N SER F 12 15.45 -49.49 6.98
CA SER F 12 15.30 -50.73 7.77
C SER F 12 14.77 -50.36 9.15
N ASP F 13 13.85 -51.16 9.69
CA ASP F 13 13.15 -50.84 10.94
C ASP F 13 14.11 -50.58 12.12
N LEU F 14 15.18 -51.39 12.25
CA LEU F 14 16.27 -51.14 13.22
C LEU F 14 17.20 -50.01 12.73
N GLY F 15 17.55 -50.03 11.44
CA GLY F 15 18.23 -48.90 10.78
C GLY F 15 17.60 -47.51 10.98
N LYS F 16 16.27 -47.46 11.16
CA LYS F 16 15.49 -46.25 11.48
C LYS F 16 15.72 -45.78 12.91
N LYS F 17 15.42 -46.66 13.87
CA LYS F 17 15.43 -46.31 15.28
C LYS F 17 16.81 -45.86 15.73
N LEU F 18 17.84 -46.49 15.14
CA LEU F 18 19.26 -46.14 15.30
C LEU F 18 19.55 -44.76 14.73
N LEU F 19 19.09 -44.48 13.51
CA LEU F 19 19.19 -43.11 12.95
C LEU F 19 18.44 -42.07 13.85
N GLU F 20 17.23 -42.36 14.33
CA GLU F 20 16.52 -41.44 15.24
C GLU F 20 17.22 -41.28 16.59
N ALA F 21 17.94 -42.32 16.99
CA ALA F 21 18.66 -42.38 18.27
C ALA F 21 20.06 -41.77 18.23
N ALA F 22 20.76 -41.93 17.10
CA ALA F 22 22.05 -41.25 16.85
C ALA F 22 21.93 -39.71 16.91
N ARG F 23 20.76 -39.22 16.43
CA ARG F 23 20.34 -37.81 16.42
C ARG F 23 19.91 -37.26 17.78
N ALA F 24 19.02 -37.97 18.47
CA ALA F 24 18.48 -37.50 19.74
C ALA F 24 19.40 -37.72 20.95
N GLY F 25 20.50 -38.46 20.78
CA GLY F 25 21.51 -38.65 21.84
C GLY F 25 21.15 -39.59 23.00
N ARG F 26 20.26 -40.54 22.73
CA ARG F 26 19.92 -41.58 23.70
C ARG F 26 21.03 -42.65 23.61
N ASP F 27 22.08 -42.47 24.43
CA ASP F 27 23.34 -43.23 24.31
C ASP F 27 23.10 -44.75 24.42
N ASP F 28 22.16 -45.12 25.29
CA ASP F 28 21.91 -46.52 25.65
C ASP F 28 21.17 -47.25 24.56
N GLU F 29 20.03 -46.69 24.16
CA GLU F 29 19.23 -47.26 23.08
C GLU F 29 20.11 -47.65 21.87
N VAL F 30 21.12 -46.83 21.55
CA VAL F 30 22.07 -47.08 20.43
C VAL F 30 22.83 -48.39 20.61
N ARG F 31 23.38 -48.57 21.82
CA ARG F 31 24.22 -49.73 22.16
C ARG F 31 23.38 -51.01 22.20
N ILE F 32 22.14 -50.88 22.68
CA ILE F 32 21.13 -51.95 22.63
C ILE F 32 20.84 -52.37 21.17
N LEU F 33 20.70 -51.38 20.29
CA LEU F 33 20.41 -51.59 18.86
C LEU F 33 21.62 -52.11 18.07
N MET F 34 22.80 -51.59 18.40
CA MET F 34 24.10 -52.10 17.93
C MET F 34 24.38 -53.57 18.28
N ALA F 35 24.18 -53.91 19.55
CA ALA F 35 24.24 -55.31 20.01
C ALA F 35 23.14 -56.21 19.35
N ASN F 36 21.93 -55.64 19.16
CA ASN F 36 20.84 -56.31 18.41
C ASN F 36 20.96 -56.34 16.84
N GLY F 37 22.16 -56.14 16.29
CA GLY F 37 22.43 -56.34 14.85
C GLY F 37 22.03 -55.23 13.88
N ALA F 38 21.81 -53.99 14.35
CA ALA F 38 21.39 -52.86 13.49
C ALA F 38 22.42 -52.44 12.44
N ASP F 39 21.95 -52.16 11.23
CA ASP F 39 22.78 -51.68 10.13
C ASP F 39 23.42 -50.33 10.55
N VAL F 40 24.74 -50.35 10.77
CA VAL F 40 25.49 -49.19 11.32
C VAL F 40 25.68 -48.04 10.30
N ASN F 41 25.64 -48.40 8.99
CA ASN F 41 25.71 -47.45 7.87
C ASN F 41 24.37 -47.25 7.11
N ALA F 42 23.27 -47.27 7.89
CA ALA F 42 21.90 -47.08 7.39
C ALA F 42 21.70 -45.59 7.03
N ALA F 43 21.16 -45.34 5.83
CA ALA F 43 20.95 -43.98 5.36
C ALA F 43 19.49 -43.55 5.49
N ASP F 44 19.28 -42.25 5.69
CA ASP F 44 17.96 -41.60 5.54
C ASP F 44 17.87 -41.06 4.12
N VAL F 45 16.72 -40.47 3.83
CA VAL F 45 16.42 -39.96 2.52
C VAL F 45 17.47 -39.03 1.95
N VAL F 46 18.23 -38.33 2.79
CA VAL F 46 19.38 -37.51 2.29
C VAL F 46 20.81 -38.15 2.36
N GLY F 47 20.93 -39.45 2.65
CA GLY F 47 22.25 -40.13 2.65
C GLY F 47 23.07 -39.93 3.93
N TRP F 48 22.37 -39.49 4.99
CA TRP F 48 22.95 -39.16 6.26
C TRP F 48 22.91 -40.47 7.04
N THR F 49 24.08 -40.90 7.52
CA THR F 49 24.30 -42.13 8.27
C THR F 49 24.12 -41.78 9.73
N PRO F 50 24.10 -42.77 10.61
CA PRO F 50 24.09 -42.46 12.07
C PRO F 50 25.26 -41.56 12.53
N LEU F 51 26.42 -41.78 11.90
CA LEU F 51 27.61 -40.99 12.15
C LEU F 51 27.46 -39.50 11.69
N HIS F 52 26.87 -39.29 10.52
CA HIS F 52 26.46 -37.93 10.12
C HIS F 52 25.60 -37.31 11.23
N LEU F 53 24.54 -38.00 11.61
CA LEU F 53 23.64 -37.45 12.59
C LEU F 53 24.29 -37.15 13.95
N ALA F 54 25.22 -38.00 14.37
CA ALA F 54 25.87 -37.84 15.68
C ALA F 54 26.87 -36.67 15.67
N ALA F 55 27.67 -36.64 14.60
CA ALA F 55 28.59 -35.53 14.32
C ALA F 55 27.94 -34.16 14.16
N TYR F 56 26.66 -34.11 13.77
CA TYR F 56 25.94 -32.84 13.56
C TYR F 56 25.37 -32.31 14.88
N TRP F 57 24.63 -33.16 15.59
CA TRP F 57 23.98 -32.76 16.84
C TRP F 57 24.94 -32.90 18.03
N GLY F 58 26.21 -33.22 17.73
CA GLY F 58 27.32 -33.05 18.68
C GLY F 58 27.40 -34.05 19.82
N HIS F 59 27.02 -35.32 19.56
CA HIS F 59 27.02 -36.38 20.57
C HIS F 59 28.29 -37.24 20.46
N LEU F 60 29.31 -36.88 21.26
CA LEU F 60 30.65 -37.54 21.19
C LEU F 60 30.58 -39.03 21.48
N GLU F 61 29.81 -39.39 22.51
CA GLU F 61 29.79 -40.79 23.02
C GLU F 61 29.29 -41.76 21.95
N ILE F 62 28.31 -41.29 21.15
CA ILE F 62 27.73 -42.09 20.05
C ILE F 62 28.63 -42.14 18.80
N VAL F 63 29.35 -41.06 18.51
CA VAL F 63 30.40 -41.07 17.47
C VAL F 63 31.45 -42.18 17.73
N GLU F 64 31.80 -42.42 19.00
CA GLU F 64 32.80 -43.44 19.35
C GLU F 64 32.23 -44.84 19.24
N VAL F 65 31.09 -45.03 19.90
CA VAL F 65 30.32 -46.28 19.85
C VAL F 65 30.08 -46.73 18.39
N LEU F 66 29.79 -45.79 17.48
CA LEU F 66 29.52 -46.14 16.07
C LEU F 66 30.77 -46.54 15.31
N LEU F 67 31.84 -45.77 15.45
CA LEU F 67 33.17 -46.15 14.90
C LEU F 67 33.74 -47.46 15.48
N LYS F 68 33.55 -47.69 16.78
CA LYS F 68 33.91 -49.00 17.35
C LYS F 68 33.08 -50.14 16.76
N ASN F 69 31.83 -49.90 16.35
CA ASN F 69 31.04 -50.94 15.66
C ASN F 69 31.14 -50.97 14.13
N GLY F 70 32.24 -50.42 13.59
CA GLY F 70 32.53 -50.53 12.15
C GLY F 70 31.87 -49.53 11.21
N ALA F 71 31.39 -48.40 11.74
CA ALA F 71 30.74 -47.35 10.93
C ALA F 71 31.72 -46.84 9.90
N ASP F 72 31.18 -46.34 8.79
CA ASP F 72 32.01 -45.73 7.76
C ASP F 72 32.29 -44.31 8.23
N VAL F 73 33.55 -44.04 8.50
CA VAL F 73 34.00 -42.73 8.92
C VAL F 73 33.95 -41.74 7.75
N ASN F 74 34.09 -42.24 6.52
CA ASN F 74 34.02 -41.41 5.30
C ASN F 74 32.72 -41.56 4.50
N ALA F 75 31.62 -41.85 5.19
CA ALA F 75 30.29 -41.89 4.56
C ALA F 75 29.98 -40.54 3.83
N TYR F 76 29.62 -40.62 2.55
CA TYR F 76 29.10 -39.47 1.79
C TYR F 76 27.57 -39.44 1.88
N ASP F 77 27.01 -38.22 1.97
CA ASP F 77 25.56 -37.98 1.79
C ASP F 77 25.29 -37.62 0.33
N THR F 78 24.01 -37.38 -0.03
CA THR F 78 23.62 -37.15 -1.45
C THR F 78 24.37 -35.99 -2.11
N LEU F 79 24.89 -35.06 -1.31
CA LEU F 79 25.71 -33.96 -1.82
C LEU F 79 27.23 -34.09 -1.57
N GLY F 80 27.71 -35.27 -1.19
CA GLY F 80 29.16 -35.51 -1.06
C GLY F 80 29.83 -35.00 0.21
N SER F 81 29.04 -34.87 1.28
CA SER F 81 29.51 -34.32 2.54
C SER F 81 29.68 -35.45 3.56
N THR F 82 30.69 -35.31 4.41
CA THR F 82 31.09 -36.36 5.33
C THR F 82 30.76 -35.93 6.74
N PRO F 83 30.84 -36.85 7.70
CA PRO F 83 30.65 -36.44 9.09
C PRO F 83 31.72 -35.48 9.59
N LEU F 84 32.88 -35.48 8.94
CA LEU F 84 33.99 -34.59 9.33
C LEU F 84 33.66 -33.14 8.93
N HIS F 85 33.30 -32.96 7.66
CA HIS F 85 32.57 -31.76 7.20
C HIS F 85 31.52 -31.24 8.27
N LEU F 86 30.62 -32.12 8.73
CA LEU F 86 29.62 -31.73 9.71
C LEU F 86 30.22 -31.32 11.04
N ALA F 87 31.13 -32.13 11.58
CA ALA F 87 31.72 -31.82 12.88
C ALA F 87 32.61 -30.57 12.80
N ALA F 88 33.40 -30.46 11.72
CA ALA F 88 34.23 -29.27 11.45
C ALA F 88 33.45 -27.96 11.37
N HIS F 89 32.27 -28.01 10.73
CA HIS F 89 31.45 -26.81 10.51
C HIS F 89 30.74 -26.38 11.78
N PHE F 90 30.03 -27.32 12.40
CA PHE F 90 29.25 -27.00 13.58
C PHE F 90 30.11 -26.93 14.86
N GLY F 91 31.44 -27.10 14.71
CA GLY F 91 32.43 -26.72 15.72
C GLY F 91 32.75 -27.75 16.81
N HIS F 92 32.25 -28.97 16.68
CA HIS F 92 32.42 -29.99 17.71
C HIS F 92 33.81 -30.65 17.63
N LEU F 93 34.78 -29.99 18.26
CA LEU F 93 36.22 -30.36 18.21
C LEU F 93 36.54 -31.78 18.70
N GLU F 94 35.92 -32.20 19.79
CA GLU F 94 36.23 -33.52 20.34
C GLU F 94 35.95 -34.58 19.29
N ILE F 95 34.86 -34.40 18.56
CA ILE F 95 34.45 -35.28 17.45
C ILE F 95 35.35 -35.15 16.19
N VAL F 96 35.88 -33.96 15.91
CA VAL F 96 36.85 -33.80 14.81
C VAL F 96 38.07 -34.72 15.04
N GLU F 97 38.53 -34.78 16.30
CA GLU F 97 39.69 -35.60 16.69
C GLU F 97 39.36 -37.08 16.58
N VAL F 98 38.20 -37.49 17.08
CA VAL F 98 37.81 -38.90 17.00
C VAL F 98 37.70 -39.41 15.54
N LEU F 99 37.22 -38.59 14.61
CA LEU F 99 37.01 -39.04 13.22
C LEU F 99 38.32 -39.10 12.43
N LEU F 100 39.20 -38.14 12.67
CA LEU F 100 40.53 -38.11 12.02
C LEU F 100 41.47 -39.24 12.56
N LYS F 101 41.36 -39.52 13.88
CA LYS F 101 41.95 -40.72 14.53
C LYS F 101 41.60 -42.00 13.82
N ASN F 102 40.29 -42.18 13.57
CA ASN F 102 39.71 -43.39 12.94
C ASN F 102 39.74 -43.39 11.41
N GLY F 103 40.33 -42.34 10.83
CA GLY F 103 40.71 -42.29 9.41
C GLY F 103 39.93 -41.40 8.46
N ALA F 104 39.15 -40.46 8.98
CA ALA F 104 38.41 -39.51 8.12
C ALA F 104 39.33 -38.76 7.14
N ASP F 105 39.07 -38.87 5.84
CA ASP F 105 39.75 -38.09 4.82
C ASP F 105 39.73 -36.62 5.20
N VAL F 106 40.87 -36.14 5.68
CA VAL F 106 41.06 -34.73 6.10
C VAL F 106 40.90 -33.74 4.92
N ASN F 107 41.06 -34.22 3.68
CA ASN F 107 40.88 -33.41 2.46
C ASN F 107 39.65 -33.84 1.63
N ALA F 108 38.59 -34.36 2.28
CA ALA F 108 37.35 -34.72 1.57
C ALA F 108 36.78 -33.46 0.89
N LYS F 109 36.43 -33.60 -0.38
CA LYS F 109 35.77 -32.56 -1.14
C LYS F 109 34.32 -33.02 -1.28
N ASP F 110 33.34 -32.17 -0.93
CA ASP F 110 31.91 -32.39 -1.26
C ASP F 110 31.66 -32.02 -2.71
N ASP F 111 30.42 -32.21 -3.21
CA ASP F 111 30.13 -31.93 -4.64
C ASP F 111 30.60 -30.54 -5.07
N ASN F 112 30.76 -29.60 -4.12
CA ASN F 112 31.21 -28.24 -4.46
C ASN F 112 32.72 -27.95 -4.24
N GLY F 113 33.49 -28.98 -3.92
CA GLY F 113 34.91 -28.81 -3.63
C GLY F 113 35.14 -28.14 -2.30
N ILE F 114 34.12 -28.17 -1.44
CA ILE F 114 34.24 -27.61 -0.10
C ILE F 114 34.85 -28.72 0.76
N THR F 115 35.79 -28.31 1.60
CA THR F 115 36.59 -29.18 2.45
C THR F 115 36.24 -28.81 3.88
N PRO F 116 36.42 -29.75 4.82
CA PRO F 116 36.28 -29.42 6.26
C PRO F 116 37.12 -28.22 6.71
N LEU F 117 38.29 -28.03 6.10
CA LEU F 117 39.09 -26.83 6.38
C LEU F 117 38.30 -25.53 5.99
N HIS F 118 37.66 -25.51 4.82
CA HIS F 118 36.90 -24.33 4.36
C HIS F 118 35.79 -24.05 5.35
N LEU F 119 35.05 -25.12 5.70
CA LEU F 119 33.91 -24.97 6.61
C LEU F 119 34.32 -24.43 7.98
N ALA F 120 35.44 -24.94 8.50
CA ALA F 120 35.92 -24.54 9.81
C ALA F 120 36.48 -23.13 9.76
N ALA F 121 37.16 -22.81 8.67
CA ALA F 121 37.72 -21.47 8.52
C ALA F 121 36.65 -20.38 8.44
N ASN F 122 35.52 -20.70 7.82
CA ASN F 122 34.45 -19.75 7.61
C ASN F 122 33.79 -19.45 8.96
N ARG F 123 33.52 -20.50 9.73
CA ARG F 123 32.93 -20.30 11.06
C ARG F 123 33.89 -19.72 12.11
N GLY F 124 35.19 -19.69 11.83
CA GLY F 124 36.16 -19.20 12.81
C GLY F 124 36.31 -20.14 14.00
N HIS F 125 36.51 -21.43 13.72
CA HIS F 125 36.82 -22.45 14.72
C HIS F 125 38.32 -22.70 14.65
N LEU F 126 39.05 -21.97 15.50
CA LEU F 126 40.51 -21.87 15.39
C LEU F 126 41.20 -23.17 15.76
N GLU F 127 40.78 -23.78 16.88
CA GLU F 127 41.39 -25.03 17.36
C GLU F 127 41.24 -26.14 16.32
N ILE F 128 40.06 -26.21 15.70
CA ILE F 128 39.74 -27.22 14.70
C ILE F 128 40.62 -27.07 13.46
N VAL F 129 40.86 -25.82 13.05
CA VAL F 129 41.82 -25.48 11.97
C VAL F 129 43.25 -25.99 12.26
N GLU F 130 43.72 -25.87 13.51
CA GLU F 130 45.02 -26.46 13.92
C GLU F 130 44.99 -28.00 13.83
N VAL F 131 43.99 -28.63 14.44
CA VAL F 131 43.85 -30.10 14.36
C VAL F 131 43.86 -30.58 12.93
N LEU F 132 43.04 -29.94 12.09
CA LEU F 132 42.94 -30.30 10.69
C LEU F 132 44.27 -30.17 9.96
N LEU F 133 45.00 -29.08 10.23
CA LEU F 133 46.34 -28.87 9.65
C LEU F 133 47.30 -29.90 10.18
N LYS F 134 47.25 -30.13 11.50
CA LYS F 134 48.02 -31.19 12.16
C LYS F 134 47.79 -32.55 11.48
N TYR F 135 46.56 -32.84 11.04
CA TYR F 135 46.24 -34.15 10.41
C TYR F 135 46.46 -34.21 8.92
N GLY F 136 47.02 -33.14 8.36
CA GLY F 136 47.47 -33.09 6.96
C GLY F 136 46.66 -32.23 6.01
N ALA F 137 45.78 -31.37 6.52
CA ALA F 137 44.91 -30.58 5.66
C ALA F 137 45.67 -29.71 4.62
N ASP F 138 45.57 -30.06 3.33
CA ASP F 138 46.02 -29.20 2.21
C ASP F 138 45.50 -27.76 2.42
N VAL F 139 46.40 -26.87 2.86
CA VAL F 139 46.12 -25.42 3.06
C VAL F 139 45.62 -24.75 1.76
N ASN F 140 46.21 -25.11 0.62
CA ASN F 140 45.93 -24.46 -0.67
C ASN F 140 44.77 -25.08 -1.48
N ALA F 141 43.93 -25.93 -0.89
CA ALA F 141 42.79 -26.51 -1.64
C ALA F 141 41.75 -25.42 -1.99
N GLN F 142 41.46 -25.32 -3.29
CA GLN F 142 40.41 -24.48 -3.83
C GLN F 142 39.07 -25.21 -3.85
N ASP F 143 37.98 -24.51 -3.50
CA ASP F 143 36.62 -24.98 -3.81
C ASP F 143 36.34 -24.76 -5.30
N LYS F 144 35.13 -25.11 -5.78
CA LYS F 144 34.74 -24.86 -7.18
C LYS F 144 34.88 -23.39 -7.64
N PHE F 145 34.81 -22.42 -6.72
CA PHE F 145 34.98 -21.00 -7.07
C PHE F 145 36.43 -20.49 -7.03
N GLY F 146 37.38 -21.38 -6.78
CA GLY F 146 38.81 -21.00 -6.69
C GLY F 146 39.30 -20.49 -5.34
N LYS F 147 38.44 -20.49 -4.33
CA LYS F 147 38.73 -19.91 -3.02
C LYS F 147 39.41 -20.92 -2.09
N THR F 148 40.52 -20.47 -1.46
CA THR F 148 41.26 -21.23 -0.44
C THR F 148 40.75 -20.82 0.93
N ALA F 149 41.27 -21.43 1.99
CA ALA F 149 40.86 -21.03 3.34
C ALA F 149 41.50 -19.70 3.75
N PHE F 150 42.63 -19.37 3.13
CA PHE F 150 43.25 -18.05 3.31
C PHE F 150 42.30 -16.95 2.76
N ASP F 151 41.82 -17.12 1.54
CA ASP F 151 40.80 -16.23 0.93
C ASP F 151 39.58 -15.98 1.83
N ILE F 152 39.18 -17.00 2.56
CA ILE F 152 38.09 -16.92 3.54
C ILE F 152 38.50 -16.07 4.75
N SER F 153 39.67 -16.33 5.28
CA SER F 153 40.17 -15.53 6.41
C SER F 153 40.23 -14.03 6.06
N ILE F 154 40.72 -13.71 4.87
CA ILE F 154 40.77 -12.34 4.39
C ILE F 154 39.35 -11.74 4.25
N ASN F 155 38.46 -12.47 3.56
CA ASN F 155 37.11 -11.95 3.26
C ASN F 155 36.27 -11.71 4.54
N ASN F 156 36.46 -12.56 5.55
CA ASN F 156 35.78 -12.46 6.84
C ASN F 156 36.38 -11.49 7.87
N GLY F 157 37.51 -10.88 7.55
CA GLY F 157 38.24 -10.05 8.51
C GLY F 157 38.90 -10.76 9.69
N ASN F 158 38.96 -12.10 9.69
CA ASN F 158 39.53 -12.84 10.83
C ASN F 158 41.07 -12.82 10.77
N GLU F 159 41.71 -12.04 11.64
CA GLU F 159 43.19 -11.89 11.63
C GLU F 159 43.92 -13.08 12.28
N ASP F 160 43.51 -13.45 13.49
CA ASP F 160 44.07 -14.63 14.19
C ASP F 160 44.16 -15.87 13.29
N LEU F 161 43.16 -16.07 12.43
CA LEU F 161 43.13 -17.18 11.47
C LEU F 161 44.12 -17.03 10.30
N ALA F 162 44.16 -15.84 9.68
CA ALA F 162 45.08 -15.56 8.54
C ALA F 162 46.54 -15.81 8.87
N GLU F 163 46.87 -15.64 10.15
CA GLU F 163 48.19 -15.94 10.72
C GLU F 163 48.48 -17.46 10.69
N ILE F 164 47.59 -18.23 11.31
CA ILE F 164 47.68 -19.70 11.40
C ILE F 164 47.83 -20.36 10.01
N LEU F 165 47.26 -19.74 8.98
CA LEU F 165 47.38 -20.24 7.61
C LEU F 165 48.56 -19.66 6.77
N GLN F 166 49.59 -19.08 7.42
CA GLN F 166 50.75 -18.41 6.74
C GLN F 166 50.34 -17.22 5.84
#